data_3L21
#
_entry.id   3L21
#
_cell.length_a   188.830
_cell.length_b   188.830
_cell.length_c   130.430
_cell.angle_alpha   90.00
_cell.angle_beta   90.00
_cell.angle_gamma   90.00
#
_symmetry.space_group_name_H-M   'P 41 21 2'
#
loop_
_entity.id
_entity.type
_entity.pdbx_description
1 polymer 'Dihydrodipicolinate synthase'
2 non-polymer 'SULFATE ION'
3 non-polymer GLYCEROL
4 non-polymer 'ACETATE ION'
5 non-polymer BETA-MERCAPTOETHANOL
6 non-polymer 'PYRUVIC ACID'
7 non-polymer 'CHLORIDE ION'
8 water water
#
_entity_poly.entity_id   1
_entity_poly.type   'polypeptide(L)'
_entity_poly.pdbx_seq_one_letter_code
;GAMAVTTVGFDVAARLGTLLTAMVTPFSGDGSLDTATAARLANHLVDQGCDGLVVSGTTGESPTTTDGEKIELLRAVLEA
VGDRARVIAGAGTYDTAHSIRLAKACAAEGAHGLLVVTPYYSKPPQRGLQAHFTAVADATELPMLLYDIPGRSAVPIEPD
TIRALASHPNIVGV(KPI)DAKADLHSGAQIMADTGLAYYSGDDALNLPWLRMGATGFISVIAHLAAGQLRELLSAFGSG
DIATARKINIAVAPL(CME)NAMSRLGGVTLSKAGLRLQGIDVGDPRLPQVAATPEQIDALAADMRAASVLR
;
_entity_poly.pdbx_strand_id   A,B,C,D,E,F
#
loop_
_chem_comp.id
_chem_comp.type
_chem_comp.name
_chem_comp.formula
ACT non-polymer 'ACETATE ION' 'C2 H3 O2 -1'
BME non-polymer BETA-MERCAPTOETHANOL 'C2 H6 O S'
CL non-polymer 'CHLORIDE ION' 'Cl -1'
GOL non-polymer GLYCEROL 'C3 H8 O3'
PYR non-polymer 'PYRUVIC ACID' 'C3 H4 O3'
SO4 non-polymer 'SULFATE ION' 'O4 S -2'
#
# COMPACT_ATOMS: atom_id res chain seq x y z
N VAL A 8 -16.40 0.21 -35.02
CA VAL A 8 -17.12 -0.97 -35.62
C VAL A 8 -17.00 -2.21 -34.68
N GLY A 9 -18.08 -2.95 -34.45
CA GLY A 9 -18.00 -4.11 -33.51
C GLY A 9 -18.33 -3.79 -32.05
N PHE A 10 -18.69 -4.81 -31.27
CA PHE A 10 -19.12 -4.61 -29.89
C PHE A 10 -17.89 -4.50 -28.99
N ASP A 11 -17.71 -3.31 -28.42
CA ASP A 11 -16.54 -2.94 -27.58
C ASP A 11 -16.76 -3.35 -26.13
N VAL A 12 -16.31 -4.56 -25.80
CA VAL A 12 -16.51 -5.15 -24.47
C VAL A 12 -15.89 -4.30 -23.35
N ALA A 13 -14.69 -3.73 -23.56
CA ALA A 13 -14.05 -2.86 -22.54
C ALA A 13 -14.93 -1.68 -22.10
N ALA A 14 -15.55 -1.00 -23.08
CA ALA A 14 -16.46 0.14 -22.86
C ALA A 14 -17.86 -0.26 -22.37
N ARG A 15 -18.40 -1.34 -22.94
CA ARG A 15 -19.77 -1.79 -22.62
C ARG A 15 -19.88 -2.59 -21.31
N LEU A 16 -18.84 -3.35 -20.98
CA LEU A 16 -18.78 -4.10 -19.70
C LEU A 16 -17.80 -3.55 -18.62
N GLY A 17 -16.68 -2.98 -19.04
CA GLY A 17 -15.78 -2.31 -18.05
C GLY A 17 -14.39 -2.89 -18.19
N THR A 18 -13.44 -2.37 -17.43
CA THR A 18 -12.05 -2.88 -17.45
C THR A 18 -11.58 -3.21 -16.02
N LEU A 19 -11.99 -2.38 -15.05
CA LEU A 19 -11.83 -2.66 -13.64
C LEU A 19 -13.20 -2.78 -12.96
N LEU A 20 -13.57 -4.00 -12.58
CA LEU A 20 -14.82 -4.22 -11.84
C LEU A 20 -14.49 -4.88 -10.52
N THR A 21 -15.24 -4.52 -9.49
CA THR A 21 -15.18 -5.25 -8.26
C THR A 21 -16.37 -6.24 -8.26
N ALA A 22 -16.13 -7.46 -7.80
CA ALA A 22 -17.21 -8.39 -7.46
C ALA A 22 -17.64 -7.96 -6.07
N MET A 23 -18.49 -6.94 -6.02
CA MET A 23 -18.86 -6.23 -4.80
C MET A 23 -19.54 -7.13 -3.78
N VAL A 24 -19.12 -6.99 -2.54
CA VAL A 24 -19.77 -7.62 -1.42
C VAL A 24 -21.19 -7.09 -1.24
N THR A 25 -22.02 -7.91 -0.64
CA THR A 25 -23.38 -7.47 -0.32
C THR A 25 -23.45 -7.02 1.13
N PRO A 26 -23.64 -5.71 1.37
CA PRO A 26 -23.67 -5.29 2.79
C PRO A 26 -24.92 -5.78 3.54
N PHE A 27 -24.74 -6.25 4.78
CA PHE A 27 -25.85 -6.59 5.64
C PHE A 27 -25.83 -5.68 6.87
N SER A 28 -27.02 -5.41 7.40
CA SER A 28 -27.17 -4.67 8.65
C SER A 28 -26.83 -5.53 9.85
N GLY A 29 -26.86 -4.89 11.03
CA GLY A 29 -26.58 -5.56 12.30
C GLY A 29 -27.39 -6.83 12.50
N ASP A 30 -28.65 -6.81 12.07
CA ASP A 30 -29.53 -7.99 12.18
C ASP A 30 -29.38 -9.04 11.05
N GLY A 31 -28.53 -8.74 10.07
CA GLY A 31 -28.32 -9.67 8.97
C GLY A 31 -29.10 -9.33 7.70
N SER A 32 -30.02 -8.38 7.78
CA SER A 32 -30.82 -8.00 6.62
C SER A 32 -30.00 -7.16 5.61
N LEU A 33 -30.45 -7.11 4.36
CA LEU A 33 -29.76 -6.37 3.33
C LEU A 33 -29.73 -4.89 3.61
N ASP A 34 -28.57 -4.27 3.42
CA ASP A 34 -28.38 -2.86 3.73
C ASP A 34 -28.08 -2.11 2.42
N THR A 35 -29.14 -1.69 1.75
CA THR A 35 -29.02 -1.02 0.47
C THR A 35 -28.39 0.38 0.59
N ALA A 36 -28.54 1.05 1.72
CA ALA A 36 -27.94 2.40 1.89
C ALA A 36 -26.41 2.23 1.80
N THR A 37 -25.89 1.27 2.56
CA THR A 37 -24.47 0.96 2.51
C THR A 37 -24.08 0.37 1.14
N ALA A 38 -24.94 -0.48 0.56
CA ALA A 38 -24.55 -1.00 -0.80
C ALA A 38 -24.31 0.19 -1.73
N ALA A 39 -25.19 1.19 -1.68
CA ALA A 39 -25.04 2.41 -2.49
C ALA A 39 -23.77 3.18 -2.15
N ARG A 40 -23.51 3.39 -0.86
CA ARG A 40 -22.30 4.08 -0.45
C ARG A 40 -21.01 3.38 -0.92
N LEU A 41 -20.97 2.05 -0.77
CA LEU A 41 -19.84 1.25 -1.23
C LEU A 41 -19.64 1.32 -2.74
N ALA A 42 -20.71 1.10 -3.50
CA ALA A 42 -20.67 1.24 -4.95
C ALA A 42 -20.08 2.64 -5.37
N ASN A 43 -20.53 3.73 -4.75
CA ASN A 43 -19.98 5.07 -5.08
C ASN A 43 -18.47 5.15 -4.76
N HIS A 44 -18.09 4.49 -3.68
CA HIS A 44 -16.71 4.52 -3.20
C HIS A 44 -15.81 3.75 -4.17
N LEU A 45 -16.24 2.58 -4.57
CA LEU A 45 -15.46 1.75 -5.51
C LEU A 45 -15.34 2.40 -6.89
N VAL A 46 -16.41 2.94 -7.43
CA VAL A 46 -16.36 3.70 -8.71
C VAL A 46 -15.50 4.96 -8.55
N ASP A 47 -15.71 5.74 -7.47
CA ASP A 47 -14.84 6.93 -7.23
C ASP A 47 -13.34 6.62 -7.15
N GLN A 48 -12.99 5.44 -6.61
CA GLN A 48 -11.61 4.98 -6.52
C GLN A 48 -11.05 4.46 -7.86
N GLY A 49 -11.90 4.26 -8.86
CA GLY A 49 -11.36 3.90 -10.16
C GLY A 49 -11.98 2.72 -10.89
N CYS A 50 -12.89 1.99 -10.24
CA CYS A 50 -13.67 0.96 -10.96
C CYS A 50 -14.61 1.58 -11.97
N ASP A 51 -14.67 1.02 -13.19
CA ASP A 51 -15.61 1.51 -14.20
C ASP A 51 -16.79 0.57 -14.41
N GLY A 52 -16.83 -0.50 -13.62
CA GLY A 52 -17.95 -1.43 -13.59
C GLY A 52 -17.98 -2.13 -12.25
N LEU A 53 -19.09 -2.77 -11.93
CA LEU A 53 -19.21 -3.58 -10.74
C LEU A 53 -19.98 -4.86 -11.07
N VAL A 54 -19.61 -5.97 -10.43
CA VAL A 54 -20.47 -7.14 -10.48
C VAL A 54 -21.26 -7.22 -9.15
N VAL A 55 -22.59 -7.25 -9.24
CA VAL A 55 -23.40 -7.44 -8.03
C VAL A 55 -23.83 -8.89 -7.87
N SER A 56 -23.83 -9.37 -6.63
CA SER A 56 -24.19 -10.78 -6.34
C SER A 56 -23.37 -11.84 -7.13
N GLY A 57 -22.08 -11.62 -7.32
CA GLY A 57 -21.18 -12.69 -7.72
C GLY A 57 -20.91 -13.54 -6.47
N THR A 58 -19.87 -14.37 -6.52
CA THR A 58 -19.50 -15.21 -5.36
C THR A 58 -19.18 -14.37 -4.12
N THR A 59 -18.40 -13.32 -4.30
CA THR A 59 -17.98 -12.44 -3.20
C THR A 59 -19.11 -11.59 -2.68
N GLY A 60 -20.15 -11.45 -3.50
CA GLY A 60 -21.38 -10.81 -3.05
C GLY A 60 -22.30 -11.75 -2.29
N GLU A 61 -21.80 -12.94 -1.97
CA GLU A 61 -22.57 -13.94 -1.17
C GLU A 61 -23.90 -14.34 -1.83
N SER A 62 -23.84 -14.59 -3.14
CA SER A 62 -25.01 -15.04 -3.87
C SER A 62 -25.67 -16.31 -3.26
N PRO A 63 -24.86 -17.23 -2.67
CA PRO A 63 -25.54 -18.41 -2.12
C PRO A 63 -26.46 -18.13 -0.95
N THR A 64 -26.21 -17.07 -0.19
CA THR A 64 -27.00 -16.81 1.01
C THR A 64 -28.03 -15.68 0.93
N THR A 65 -28.26 -15.11 -0.25
CA THR A 65 -29.28 -14.07 -0.41
C THR A 65 -30.42 -14.59 -1.28
N THR A 66 -31.59 -14.01 -1.16
CA THR A 66 -32.73 -14.40 -1.96
C THR A 66 -32.68 -13.65 -3.30
N ASP A 67 -33.46 -14.12 -4.29
CA ASP A 67 -33.70 -13.41 -5.51
C ASP A 67 -34.20 -12.02 -5.24
N GLY A 68 -35.10 -11.90 -4.27
CA GLY A 68 -35.66 -10.62 -3.88
C GLY A 68 -34.56 -9.65 -3.42
N GLU A 69 -33.64 -10.15 -2.61
CA GLU A 69 -32.53 -9.34 -2.13
C GLU A 69 -31.58 -9.00 -3.26
N LYS A 70 -31.31 -9.99 -4.12
CA LYS A 70 -30.46 -9.75 -5.28
C LYS A 70 -31.02 -8.60 -6.12
N ILE A 71 -32.33 -8.58 -6.35
CA ILE A 71 -32.93 -7.55 -7.21
C ILE A 71 -32.96 -6.19 -6.50
N GLU A 72 -33.28 -6.21 -5.22
CA GLU A 72 -33.16 -5.01 -4.41
C GLU A 72 -31.75 -4.40 -4.44
N LEU A 73 -30.73 -5.25 -4.33
CA LEU A 73 -29.36 -4.79 -4.36
C LEU A 73 -29.04 -4.17 -5.69
N LEU A 74 -29.36 -4.90 -6.77
CA LEU A 74 -29.13 -4.43 -8.11
C LEU A 74 -29.80 -3.07 -8.35
N ARG A 75 -31.09 -2.95 -8.04
CA ARG A 75 -31.78 -1.63 -8.08
C ARG A 75 -30.98 -0.51 -7.38
N ALA A 76 -30.57 -0.76 -6.14
CA ALA A 76 -29.86 0.27 -5.35
C ALA A 76 -28.51 0.63 -5.98
N VAL A 77 -27.85 -0.35 -6.60
CA VAL A 77 -26.52 -0.06 -7.20
C VAL A 77 -26.62 0.69 -8.54
N LEU A 78 -27.64 0.33 -9.34
CA LEU A 78 -27.90 0.99 -10.61
C LEU A 78 -28.23 2.44 -10.34
N GLU A 79 -29.04 2.68 -9.31
CA GLU A 79 -29.38 4.01 -8.83
C GLU A 79 -28.14 4.82 -8.40
N ALA A 80 -27.24 4.20 -7.65
CA ALA A 80 -26.07 4.93 -7.12
C ALA A 80 -25.05 5.31 -8.23
N VAL A 81 -24.78 4.40 -9.16
CA VAL A 81 -23.66 4.52 -10.11
C VAL A 81 -23.96 4.15 -11.56
N GLY A 82 -25.17 3.67 -11.84
CA GLY A 82 -25.43 3.09 -13.18
C GLY A 82 -25.23 4.03 -14.37
N ASP A 83 -25.33 5.33 -14.13
N ASP A 83 -25.32 5.34 -14.13
CA ASP A 83 -25.11 6.37 -15.13
CA ASP A 83 -25.13 6.36 -15.19
C ASP A 83 -23.66 6.44 -15.55
C ASP A 83 -23.66 6.66 -15.41
N ARG A 84 -22.77 6.05 -14.63
CA ARG A 84 -21.35 6.28 -14.83
C ARG A 84 -20.47 5.05 -14.72
N ALA A 85 -21.03 3.91 -14.30
CA ALA A 85 -20.31 2.66 -14.33
C ALA A 85 -21.20 1.58 -14.87
N ARG A 86 -20.61 0.50 -15.37
CA ARG A 86 -21.43 -0.60 -15.88
C ARG A 86 -21.76 -1.52 -14.68
N VAL A 87 -23.00 -1.97 -14.62
CA VAL A 87 -23.47 -2.78 -13.52
C VAL A 87 -23.87 -4.16 -14.10
N ILE A 88 -23.05 -5.15 -13.76
CA ILE A 88 -23.21 -6.51 -14.23
C ILE A 88 -23.84 -7.29 -13.10
N ALA A 89 -24.90 -8.03 -13.44
CA ALA A 89 -25.64 -8.80 -12.45
C ALA A 89 -25.22 -10.28 -12.45
N GLY A 90 -24.94 -10.83 -11.27
CA GLY A 90 -24.65 -12.26 -11.17
C GLY A 90 -25.97 -12.99 -11.26
N ALA A 91 -26.09 -13.92 -12.19
CA ALA A 91 -27.36 -14.64 -12.31
C ALA A 91 -27.29 -16.20 -12.36
N GLY A 92 -26.13 -16.77 -12.53
CA GLY A 92 -26.07 -18.22 -12.62
C GLY A 92 -26.09 -19.00 -11.32
N THR A 93 -26.77 -20.14 -11.34
CA THR A 93 -26.71 -21.12 -10.26
C THR A 93 -26.60 -22.49 -10.91
N TYR A 94 -26.69 -23.55 -10.11
CA TYR A 94 -26.74 -24.92 -10.64
C TYR A 94 -28.12 -25.36 -11.15
N ASP A 95 -29.03 -24.40 -11.33
CA ASP A 95 -30.40 -24.73 -11.73
C ASP A 95 -30.71 -23.84 -12.90
N THR A 96 -30.80 -24.45 -14.08
CA THR A 96 -31.02 -23.70 -15.31
C THR A 96 -32.32 -22.89 -15.29
N ALA A 97 -33.42 -23.53 -14.90
CA ALA A 97 -34.73 -22.85 -14.84
C ALA A 97 -34.63 -21.61 -13.97
N HIS A 98 -33.99 -21.75 -12.80
CA HIS A 98 -33.79 -20.65 -11.87
C HIS A 98 -32.88 -19.55 -12.43
N SER A 99 -31.74 -19.94 -12.99
CA SER A 99 -30.83 -18.96 -13.65
C SER A 99 -31.53 -18.14 -14.73
N ILE A 100 -32.42 -18.82 -15.46
CA ILE A 100 -33.19 -18.17 -16.49
C ILE A 100 -34.07 -17.08 -15.89
N ARG A 101 -34.81 -17.45 -14.84
CA ARG A 101 -35.71 -16.54 -14.15
C ARG A 101 -34.98 -15.34 -13.58
N LEU A 102 -33.84 -15.62 -12.94
CA LEU A 102 -33.08 -14.62 -12.28
C LEU A 102 -32.48 -13.69 -13.33
N ALA A 103 -32.03 -14.24 -14.46
CA ALA A 103 -31.44 -13.42 -15.51
C ALA A 103 -32.48 -12.48 -16.12
N LYS A 104 -33.71 -12.97 -16.30
CA LYS A 104 -34.80 -12.08 -16.75
C LYS A 104 -35.14 -10.98 -15.75
N ALA A 105 -35.18 -11.32 -14.47
CA ALA A 105 -35.42 -10.32 -13.43
C ALA A 105 -34.35 -9.22 -13.40
N CYS A 106 -33.07 -9.59 -13.53
CA CYS A 106 -31.97 -8.60 -13.52
C CYS A 106 -32.02 -7.69 -14.75
N ALA A 107 -32.23 -8.30 -15.90
CA ALA A 107 -32.43 -7.57 -17.15
C ALA A 107 -33.60 -6.57 -17.02
N ALA A 108 -34.74 -7.03 -16.50
CA ALA A 108 -35.91 -6.16 -16.38
C ALA A 108 -35.64 -5.05 -15.34
N GLU A 109 -34.77 -5.32 -14.38
CA GLU A 109 -34.37 -4.32 -13.42
C GLU A 109 -33.40 -3.25 -13.99
N GLY A 110 -32.78 -3.53 -15.12
CA GLY A 110 -31.90 -2.56 -15.85
C GLY A 110 -30.40 -2.89 -15.84
N ALA A 111 -30.04 -4.14 -15.53
CA ALA A 111 -28.61 -4.57 -15.47
C ALA A 111 -27.94 -4.36 -16.82
N HIS A 112 -26.60 -4.22 -16.82
CA HIS A 112 -25.87 -3.90 -18.07
C HIS A 112 -25.26 -5.15 -18.69
N GLY A 113 -25.24 -6.23 -17.92
CA GLY A 113 -24.67 -7.48 -18.44
C GLY A 113 -24.95 -8.53 -17.42
N LEU A 114 -24.65 -9.77 -17.77
CA LEU A 114 -24.78 -10.87 -16.81
C LEU A 114 -23.48 -11.61 -16.64
N LEU A 115 -23.27 -12.09 -15.42
CA LEU A 115 -22.14 -12.98 -15.10
C LEU A 115 -22.71 -14.37 -14.70
N VAL A 116 -22.42 -15.42 -15.51
CA VAL A 116 -23.06 -16.71 -15.30
C VAL A 116 -22.02 -17.82 -14.94
N VAL A 117 -22.03 -18.29 -13.69
CA VAL A 117 -21.02 -19.29 -13.20
C VAL A 117 -21.35 -20.67 -13.75
N THR A 118 -20.31 -21.48 -13.95
CA THR A 118 -20.49 -22.91 -14.23
C THR A 118 -21.32 -23.49 -13.06
N PRO A 119 -22.43 -24.16 -13.37
CA PRO A 119 -23.18 -24.93 -12.36
C PRO A 119 -22.25 -25.76 -11.47
N TYR A 120 -22.32 -25.51 -10.18
CA TYR A 120 -21.50 -26.14 -9.18
C TYR A 120 -22.17 -27.43 -8.63
N TYR A 121 -21.39 -28.24 -7.94
CA TYR A 121 -21.88 -29.35 -7.08
C TYR A 121 -22.38 -30.61 -7.80
N SER A 122 -23.25 -30.44 -8.80
CA SER A 122 -23.86 -31.59 -9.47
C SER A 122 -23.03 -32.16 -10.62
N LYS A 123 -21.97 -31.46 -11.00
CA LYS A 123 -21.05 -31.93 -12.04
C LYS A 123 -21.74 -32.36 -13.36
N PRO A 124 -22.48 -31.43 -14.00
CA PRO A 124 -23.09 -31.78 -15.29
C PRO A 124 -22.01 -32.09 -16.32
N PRO A 125 -22.32 -32.90 -17.36
CA PRO A 125 -21.40 -33.10 -18.46
C PRO A 125 -21.31 -31.83 -19.28
N GLN A 126 -20.30 -31.74 -20.15
CA GLN A 126 -20.06 -30.56 -20.96
C GLN A 126 -21.29 -30.19 -21.80
N ARG A 127 -21.98 -31.17 -22.39
CA ARG A 127 -23.16 -30.90 -23.21
C ARG A 127 -24.33 -30.36 -22.37
N GLY A 128 -24.34 -30.71 -21.08
CA GLY A 128 -25.24 -30.09 -20.08
C GLY A 128 -24.91 -28.64 -19.81
N LEU A 129 -23.64 -28.36 -19.61
CA LEU A 129 -23.13 -26.99 -19.51
C LEU A 129 -23.44 -26.17 -20.75
N GLN A 130 -23.22 -26.72 -21.94
CA GLN A 130 -23.52 -26.02 -23.18
C GLN A 130 -25.01 -25.68 -23.28
N ALA A 131 -25.85 -26.67 -22.99
CA ALA A 131 -27.29 -26.47 -22.97
C ALA A 131 -27.70 -25.44 -21.93
N HIS A 132 -27.04 -25.44 -20.78
CA HIS A 132 -27.37 -24.48 -19.68
C HIS A 132 -27.06 -23.03 -20.06
N PHE A 133 -25.82 -22.81 -20.47
CA PHE A 133 -25.34 -21.49 -20.81
C PHE A 133 -26.09 -20.88 -21.98
N THR A 134 -26.36 -21.71 -23.00
CA THR A 134 -27.18 -21.36 -24.15
C THR A 134 -28.58 -20.89 -23.77
N ALA A 135 -29.26 -21.69 -22.93
CA ALA A 135 -30.60 -21.35 -22.40
C ALA A 135 -30.60 -20.02 -21.64
N VAL A 136 -29.53 -19.75 -20.89
CA VAL A 136 -29.50 -18.53 -20.06
C VAL A 136 -29.22 -17.34 -21.00
N ALA A 137 -28.33 -17.56 -21.97
CA ALA A 137 -28.05 -16.58 -23.07
C ALA A 137 -29.27 -16.25 -24.00
N ASP A 138 -30.18 -17.19 -24.14
CA ASP A 138 -31.35 -17.02 -24.96
C ASP A 138 -32.43 -16.25 -24.18
N ALA A 139 -32.28 -16.12 -22.86
CA ALA A 139 -33.33 -15.55 -22.00
C ALA A 139 -33.50 -14.02 -22.08
N THR A 140 -32.41 -13.29 -22.31
CA THR A 140 -32.41 -11.82 -22.33
C THR A 140 -31.51 -11.28 -23.43
N GLU A 141 -31.58 -9.96 -23.67
CA GLU A 141 -30.69 -9.28 -24.57
C GLU A 141 -29.36 -8.86 -23.90
N LEU A 142 -29.12 -9.22 -22.64
CA LEU A 142 -27.92 -8.75 -21.96
C LEU A 142 -26.65 -9.42 -22.51
N PRO A 143 -25.55 -8.65 -22.66
CA PRO A 143 -24.25 -9.28 -22.92
C PRO A 143 -23.91 -10.17 -21.76
N MET A 144 -23.37 -11.33 -22.06
CA MET A 144 -23.16 -12.30 -21.04
C MET A 144 -21.72 -12.77 -20.99
N LEU A 145 -21.25 -12.97 -19.76
CA LEU A 145 -19.93 -13.51 -19.43
C LEU A 145 -20.04 -14.90 -18.74
N LEU A 146 -19.33 -15.90 -19.27
CA LEU A 146 -19.20 -17.19 -18.60
C LEU A 146 -18.24 -16.98 -17.47
N TYR A 147 -18.46 -17.71 -16.39
CA TYR A 147 -17.59 -17.65 -15.24
C TYR A 147 -17.03 -19.05 -14.93
N ASP A 148 -15.79 -19.25 -15.36
CA ASP A 148 -15.14 -20.55 -15.28
C ASP A 148 -14.27 -20.66 -14.01
N ILE A 149 -14.66 -21.52 -13.08
CA ILE A 149 -13.98 -21.57 -11.80
C ILE A 149 -14.10 -23.00 -11.27
N PRO A 150 -13.40 -23.93 -11.93
CA PRO A 150 -13.47 -25.31 -11.47
C PRO A 150 -13.08 -25.55 -10.00
N GLY A 151 -12.33 -24.66 -9.39
CA GLY A 151 -11.94 -24.75 -7.97
C GLY A 151 -13.14 -24.68 -7.04
N ARG A 152 -14.24 -24.11 -7.51
CA ARG A 152 -15.46 -24.02 -6.71
C ARG A 152 -16.55 -24.92 -7.29
N SER A 153 -16.66 -24.94 -8.63
CA SER A 153 -17.76 -25.67 -9.32
C SER A 153 -17.52 -27.16 -9.55
N ALA A 154 -16.26 -27.57 -9.42
CA ALA A 154 -15.87 -28.97 -9.59
C ALA A 154 -15.82 -29.47 -11.04
N VAL A 155 -16.26 -28.65 -11.98
CA VAL A 155 -16.03 -28.99 -13.38
C VAL A 155 -15.55 -27.73 -14.09
N PRO A 156 -14.66 -27.91 -15.09
CA PRO A 156 -14.24 -26.79 -15.94
C PRO A 156 -15.26 -26.53 -17.03
N ILE A 157 -15.25 -25.33 -17.63
CA ILE A 157 -15.84 -25.20 -18.94
C ILE A 157 -14.72 -25.55 -19.90
N GLU A 158 -14.80 -26.74 -20.48
CA GLU A 158 -13.77 -27.17 -21.48
C GLU A 158 -13.58 -26.23 -22.68
N PRO A 159 -12.33 -26.08 -23.18
CA PRO A 159 -12.06 -25.21 -24.33
C PRO A 159 -13.05 -25.40 -25.50
N ASP A 160 -13.39 -26.63 -25.84
CA ASP A 160 -14.34 -26.82 -26.94
C ASP A 160 -15.75 -26.33 -26.59
N THR A 161 -16.07 -26.36 -25.30
CA THR A 161 -17.38 -25.87 -24.89
C THR A 161 -17.36 -24.37 -25.04
N ILE A 162 -16.29 -23.73 -24.58
CA ILE A 162 -16.15 -22.29 -24.72
C ILE A 162 -16.24 -21.89 -26.20
N ARG A 163 -15.47 -22.54 -27.07
CA ARG A 163 -15.57 -22.28 -28.49
C ARG A 163 -16.99 -22.42 -29.03
N ALA A 164 -17.67 -23.51 -28.71
CA ALA A 164 -19.05 -23.70 -29.20
C ALA A 164 -19.93 -22.55 -28.70
N LEU A 165 -19.76 -22.18 -27.42
CA LEU A 165 -20.57 -21.12 -26.84
C LEU A 165 -20.26 -19.72 -27.42
N ALA A 166 -19.04 -19.51 -27.89
CA ALA A 166 -18.69 -18.23 -28.53
C ALA A 166 -19.59 -17.87 -29.70
N SER A 167 -20.19 -18.84 -30.36
N SER A 167 -20.20 -18.86 -30.33
CA SER A 167 -21.04 -18.46 -31.48
CA SER A 167 -21.09 -18.60 -31.46
C SER A 167 -22.42 -17.92 -31.07
C SER A 167 -22.45 -18.00 -31.07
N HIS A 168 -22.72 -17.89 -29.77
CA HIS A 168 -23.99 -17.32 -29.31
C HIS A 168 -23.86 -15.80 -29.38
N PRO A 169 -24.83 -15.13 -30.03
CA PRO A 169 -24.67 -13.67 -30.22
C PRO A 169 -24.51 -12.85 -28.88
N ASN A 170 -25.04 -13.36 -27.78
CA ASN A 170 -24.95 -12.65 -26.48
C ASN A 170 -23.76 -12.98 -25.59
N ILE A 171 -23.10 -14.11 -25.86
CA ILE A 171 -21.98 -14.49 -25.00
C ILE A 171 -20.70 -13.84 -25.52
N VAL A 172 -20.16 -12.92 -24.73
CA VAL A 172 -19.10 -12.00 -25.18
C VAL A 172 -17.75 -12.16 -24.49
N GLY A 173 -17.70 -12.94 -23.41
CA GLY A 173 -16.46 -13.11 -22.69
C GLY A 173 -16.52 -14.19 -21.63
N VAL A 174 -15.45 -14.27 -20.83
CA VAL A 174 -15.22 -15.26 -19.76
C VAL A 174 -14.55 -14.54 -18.61
N KPI A 175 -15.08 -14.70 -17.39
CA KPI A 175 -14.35 -14.42 -16.17
CB KPI A 175 -15.33 -13.98 -15.03
CG KPI A 175 -14.61 -13.69 -13.71
CD KPI A 175 -15.62 -13.51 -12.55
CE KPI A 175 -14.92 -13.20 -11.25
NZ KPI A 175 -15.89 -13.33 -10.16
CX1 KPI A 175 -15.71 -13.12 -8.93
C1 KPI A 175 -14.39 -12.59 -8.43
CX2 KPI A 175 -16.82 -13.37 -8.00
O1 KPI A 175 -16.59 -13.27 -6.78
O2 KPI A 175 -17.96 -13.67 -8.41
C KPI A 175 -13.64 -15.71 -15.85
O KPI A 175 -14.28 -16.77 -15.62
N ASP A 176 -12.31 -15.66 -15.86
CA ASP A 176 -11.52 -16.88 -15.83
C ASP A 176 -10.86 -17.08 -14.48
N ALA A 177 -11.21 -18.17 -13.83
CA ALA A 177 -10.49 -18.52 -12.62
C ALA A 177 -9.91 -19.92 -12.73
N LYS A 178 -9.50 -20.29 -13.94
CA LYS A 178 -8.99 -21.64 -14.22
C LYS A 178 -7.47 -21.59 -14.51
N ALA A 179 -6.97 -20.37 -14.69
CA ALA A 179 -5.54 -20.09 -14.86
C ALA A 179 -4.96 -20.79 -16.10
N ASP A 180 -5.83 -21.16 -17.04
CA ASP A 180 -5.42 -21.70 -18.33
C ASP A 180 -4.92 -20.60 -19.28
N LEU A 181 -3.78 -20.01 -18.99
CA LEU A 181 -3.38 -18.78 -19.71
C LEU A 181 -3.13 -19.01 -21.20
N HIS A 182 -2.52 -20.16 -21.49
CA HIS A 182 -2.12 -20.56 -22.82
C HIS A 182 -3.32 -20.85 -23.73
N SER A 183 -4.27 -21.62 -23.23
CA SER A 183 -5.51 -21.83 -23.94
C SER A 183 -6.36 -20.58 -24.10
N GLY A 184 -6.43 -19.76 -23.04
CA GLY A 184 -7.19 -18.52 -23.09
C GLY A 184 -6.70 -17.60 -24.18
N ALA A 185 -5.38 -17.39 -24.24
CA ALA A 185 -4.81 -16.60 -25.33
C ALA A 185 -5.26 -17.12 -26.71
N GLN A 186 -5.17 -18.44 -26.94
CA GLN A 186 -5.67 -19.02 -28.22
C GLN A 186 -7.17 -18.85 -28.43
N ILE A 187 -7.94 -19.02 -27.36
CA ILE A 187 -9.41 -18.83 -27.46
C ILE A 187 -9.74 -17.37 -27.83
N MET A 188 -9.11 -16.41 -27.16
CA MET A 188 -9.27 -14.98 -27.48
C MET A 188 -8.90 -14.74 -28.96
N ALA A 189 -7.74 -15.25 -29.36
CA ALA A 189 -7.27 -15.14 -30.74
C ALA A 189 -8.29 -15.69 -31.73
N ASP A 190 -8.89 -16.83 -31.43
CA ASP A 190 -9.76 -17.50 -32.41
C ASP A 190 -11.22 -17.00 -32.41
N THR A 191 -11.72 -16.58 -31.26
CA THR A 191 -13.15 -16.31 -31.09
C THR A 191 -13.43 -14.84 -30.89
N GLY A 192 -12.44 -14.09 -30.43
CA GLY A 192 -12.70 -12.69 -30.07
C GLY A 192 -13.40 -12.49 -28.72
N LEU A 193 -13.58 -13.56 -27.93
CA LEU A 193 -14.12 -13.42 -26.58
C LEU A 193 -13.22 -12.57 -25.71
N ALA A 194 -13.81 -11.76 -24.85
CA ALA A 194 -13.07 -10.97 -23.89
C ALA A 194 -12.85 -11.83 -22.66
N TYR A 195 -11.60 -11.88 -22.17
CA TYR A 195 -11.33 -12.53 -20.90
C TYR A 195 -11.09 -11.48 -19.81
N TYR A 196 -11.64 -11.75 -18.63
CA TYR A 196 -11.37 -10.96 -17.44
C TYR A 196 -10.69 -11.91 -16.44
N SER A 197 -9.68 -11.41 -15.71
CA SER A 197 -9.12 -12.18 -14.63
C SER A 197 -10.13 -12.29 -13.48
N GLY A 198 -10.43 -13.51 -13.06
CA GLY A 198 -11.30 -13.72 -11.92
C GLY A 198 -10.53 -14.28 -10.73
N ASP A 199 -9.23 -14.06 -10.75
CA ASP A 199 -8.33 -14.41 -9.67
C ASP A 199 -7.28 -13.30 -9.62
N ASP A 200 -7.17 -12.60 -8.48
CA ASP A 200 -6.29 -11.46 -8.38
C ASP A 200 -4.84 -11.84 -8.51
N ALA A 201 -4.50 -13.07 -8.17
CA ALA A 201 -3.10 -13.45 -8.22
C ALA A 201 -2.68 -13.63 -9.69
N LEU A 202 -3.66 -13.70 -10.59
CA LEU A 202 -3.33 -13.74 -12.04
C LEU A 202 -3.74 -12.51 -12.87
N ASN A 203 -4.03 -11.38 -12.21
CA ASN A 203 -4.37 -10.15 -12.93
C ASN A 203 -3.35 -9.83 -14.01
N LEU A 204 -2.11 -9.66 -13.56
CA LEU A 204 -1.03 -9.35 -14.49
C LEU A 204 -0.73 -10.43 -15.58
N PRO A 205 -0.62 -11.72 -15.21
CA PRO A 205 -0.48 -12.76 -16.27
C PRO A 205 -1.61 -12.76 -17.32
N TRP A 206 -2.85 -12.54 -16.89
CA TRP A 206 -3.97 -12.44 -17.84
C TRP A 206 -3.82 -11.27 -18.80
N LEU A 207 -3.38 -10.13 -18.28
CA LEU A 207 -3.16 -8.97 -19.14
C LEU A 207 -2.14 -9.28 -20.23
N ARG A 208 -1.07 -10.00 -19.86
CA ARG A 208 -0.07 -10.40 -20.83
C ARG A 208 -0.65 -11.23 -21.96
N MET A 209 -1.69 -11.99 -21.65
CA MET A 209 -2.34 -12.93 -22.56
C MET A 209 -3.42 -12.25 -23.39
N GLY A 210 -3.75 -10.99 -23.10
CA GLY A 210 -4.80 -10.32 -23.88
C GLY A 210 -6.06 -9.95 -23.11
N ALA A 211 -6.09 -10.21 -21.81
CA ALA A 211 -7.29 -10.00 -21.01
C ALA A 211 -7.70 -8.54 -21.11
N THR A 212 -9.02 -8.31 -21.06
CA THR A 212 -9.60 -7.00 -21.17
C THR A 212 -9.51 -6.27 -19.83
N GLY A 213 -9.55 -7.01 -18.72
CA GLY A 213 -9.48 -6.42 -17.42
C GLY A 213 -9.70 -7.42 -16.31
N PHE A 214 -10.14 -6.90 -15.15
CA PHE A 214 -10.24 -7.68 -13.91
C PHE A 214 -11.66 -7.63 -13.42
N ILE A 215 -12.16 -8.78 -12.94
CA ILE A 215 -13.31 -8.80 -12.05
C ILE A 215 -12.71 -9.28 -10.73
N SER A 216 -12.49 -8.30 -9.85
CA SER A 216 -11.55 -8.38 -8.73
C SER A 216 -12.17 -8.36 -7.36
N VAL A 217 -11.50 -9.02 -6.42
CA VAL A 217 -11.92 -8.97 -5.02
C VAL A 217 -11.14 -7.93 -4.27
N ILE A 218 -9.82 -7.91 -4.50
CA ILE A 218 -8.93 -7.04 -3.76
C ILE A 218 -9.10 -5.55 -4.17
N ALA A 219 -9.81 -5.31 -5.26
CA ALA A 219 -10.19 -3.95 -5.67
C ALA A 219 -11.14 -3.38 -4.62
N HIS A 220 -11.73 -4.22 -3.77
CA HIS A 220 -12.43 -3.66 -2.59
C HIS A 220 -11.52 -2.73 -1.84
N LEU A 221 -10.24 -3.11 -1.76
CA LEU A 221 -9.32 -2.41 -0.88
C LEU A 221 -8.32 -1.56 -1.62
N ALA A 222 -8.05 -1.91 -2.88
CA ALA A 222 -6.93 -1.38 -3.61
C ALA A 222 -7.29 -1.03 -5.08
N ALA A 223 -8.53 -0.59 -5.29
CA ALA A 223 -9.01 -0.22 -6.61
C ALA A 223 -8.14 0.84 -7.28
N GLY A 224 -7.73 1.86 -6.53
CA GLY A 224 -6.87 2.88 -7.11
C GLY A 224 -5.56 2.34 -7.67
N GLN A 225 -4.89 1.43 -6.92
CA GLN A 225 -3.65 0.80 -7.41
C GLN A 225 -3.92 -0.13 -8.61
N LEU A 226 -5.01 -0.88 -8.60
CA LEU A 226 -5.35 -1.72 -9.76
C LEU A 226 -5.71 -0.88 -11.01
N ARG A 227 -6.46 0.21 -10.82
CA ARG A 227 -6.62 1.19 -11.90
C ARG A 227 -5.25 1.63 -12.47
N GLU A 228 -4.30 2.02 -11.63
CA GLU A 228 -2.99 2.46 -12.08
C GLU A 228 -2.25 1.35 -12.79
N LEU A 229 -2.42 0.14 -12.28
CA LEU A 229 -1.84 -1.04 -12.90
C LEU A 229 -2.40 -1.23 -14.32
N LEU A 230 -3.72 -1.18 -14.47
CA LEU A 230 -4.32 -1.38 -15.81
C LEU A 230 -3.90 -0.26 -16.80
N SER A 231 -3.80 0.93 -16.24
CA SER A 231 -3.48 2.09 -17.01
C SER A 231 -1.99 2.09 -17.47
N ALA A 232 -1.09 1.61 -16.63
CA ALA A 232 0.29 1.52 -17.07
C ALA A 232 0.42 0.37 -18.03
N PHE A 233 -0.22 -0.77 -17.73
CA PHE A 233 -0.12 -1.91 -18.64
C PHE A 233 -0.61 -1.58 -20.05
N GLY A 234 -1.78 -0.96 -20.12
CA GLY A 234 -2.40 -0.58 -21.38
C GLY A 234 -1.57 0.42 -22.20
N SER A 235 -0.79 1.29 -21.54
CA SER A 235 0.07 2.22 -22.30
C SER A 235 1.37 1.56 -22.79
N GLY A 236 1.72 0.41 -22.19
CA GLY A 236 2.97 -0.28 -22.54
C GLY A 236 4.03 -0.22 -21.46
N ASP A 237 3.73 0.50 -20.37
CA ASP A 237 4.60 0.55 -19.18
C ASP A 237 4.35 -0.68 -18.31
N ILE A 238 4.74 -1.84 -18.85
CA ILE A 238 4.65 -3.14 -18.17
CA ILE A 238 4.59 -3.09 -18.12
C ILE A 238 5.45 -3.09 -16.86
N ALA A 239 6.59 -2.40 -16.89
CA ALA A 239 7.46 -2.33 -15.73
C ALA A 239 6.70 -1.74 -14.51
N THR A 240 5.98 -0.64 -14.71
CA THR A 240 5.13 -0.07 -13.64
C THR A 240 3.99 -1.03 -13.20
N ALA A 241 3.41 -1.73 -14.18
CA ALA A 241 2.32 -2.66 -13.91
C ALA A 241 2.82 -3.79 -12.98
N ARG A 242 4.00 -4.31 -13.31
CA ARG A 242 4.68 -5.34 -12.54
C ARG A 242 5.03 -4.88 -11.11
N LYS A 243 5.59 -3.67 -11.01
CA LYS A 243 5.83 -2.98 -9.71
C LYS A 243 4.58 -2.86 -8.80
N ILE A 244 3.47 -2.37 -9.35
CA ILE A 244 2.20 -2.34 -8.63
C ILE A 244 1.72 -3.73 -8.18
N ASN A 245 1.84 -4.69 -9.09
CA ASN A 245 1.41 -6.03 -8.83
C ASN A 245 2.18 -6.65 -7.64
N ILE A 246 3.49 -6.38 -7.60
CA ILE A 246 4.32 -6.86 -6.57
C ILE A 246 3.91 -6.20 -5.27
N ALA A 247 3.65 -4.89 -5.33
CA ALA A 247 3.29 -4.09 -4.13
C ALA A 247 1.96 -4.55 -3.46
N VAL A 248 1.00 -4.97 -4.26
CA VAL A 248 -0.28 -5.42 -3.68
C VAL A 248 -0.32 -6.90 -3.33
N ALA A 249 0.80 -7.61 -3.48
CA ALA A 249 0.88 -9.06 -3.17
C ALA A 249 0.40 -9.48 -1.76
N PRO A 250 0.69 -8.67 -0.70
CA PRO A 250 0.18 -9.05 0.63
C PRO A 250 -1.33 -9.20 0.67
N LEU A 251 -2.06 -8.44 -0.16
CA LEU A 251 -3.51 -8.61 -0.25
C LEU A 251 -3.89 -9.97 -0.85
N CME A 252 -3.13 -10.42 -1.85
CA CME A 252 -3.36 -11.79 -2.35
CB CME A 252 -2.65 -12.07 -3.69
SG CME A 252 -3.37 -11.21 -5.07
SD CME A 252 -2.16 -9.68 -5.57
CE CME A 252 -1.17 -10.08 -6.98
CZ CME A 252 0.21 -10.37 -6.45
OH CME A 252 0.18 -11.71 -5.95
C CME A 252 -2.97 -12.83 -1.32
O CME A 252 -3.61 -13.86 -1.21
N ASN A 253 -1.92 -12.57 -0.55
CA ASN A 253 -1.62 -13.42 0.63
C ASN A 253 -2.79 -13.47 1.63
N ALA A 254 -3.38 -12.33 1.96
CA ALA A 254 -4.47 -12.34 2.94
C ALA A 254 -5.67 -13.09 2.35
N MET A 255 -5.88 -12.90 1.04
CA MET A 255 -6.92 -13.63 0.30
C MET A 255 -6.88 -15.15 0.46
N SER A 256 -5.68 -15.73 0.38
N SER A 256 -5.70 -15.74 0.35
CA SER A 256 -5.48 -17.18 0.51
CA SER A 256 -5.61 -17.17 0.50
C SER A 256 -5.68 -17.69 1.94
C SER A 256 -5.92 -17.59 1.93
N ARG A 257 -5.49 -16.80 2.91
CA ARG A 257 -5.81 -17.06 4.32
C ARG A 257 -7.31 -17.03 4.65
N LEU A 258 -8.01 -16.01 4.19
CA LEU A 258 -9.38 -15.72 4.58
C LEU A 258 -10.47 -16.03 3.54
N GLY A 259 -10.11 -16.07 2.27
CA GLY A 259 -11.10 -16.12 1.16
C GLY A 259 -11.72 -14.75 0.98
N GLY A 260 -12.27 -14.52 -0.20
CA GLY A 260 -12.72 -13.18 -0.60
C GLY A 260 -13.78 -12.51 0.25
N VAL A 261 -14.73 -13.29 0.77
CA VAL A 261 -15.86 -12.69 1.48
C VAL A 261 -15.37 -12.21 2.85
N THR A 262 -14.65 -13.07 3.58
CA THR A 262 -14.17 -12.69 4.87
C THR A 262 -13.24 -11.50 4.71
N LEU A 263 -12.37 -11.56 3.70
CA LEU A 263 -11.38 -10.50 3.54
C LEU A 263 -12.00 -9.16 3.21
N SER A 264 -12.94 -9.18 2.26
CA SER A 264 -13.45 -7.93 1.74
C SER A 264 -14.22 -7.21 2.83
N LYS A 265 -15.03 -7.92 3.61
CA LYS A 265 -15.85 -7.28 4.67
C LYS A 265 -15.01 -6.81 5.85
N ALA A 266 -13.98 -7.58 6.19
CA ALA A 266 -13.09 -7.13 7.27
C ALA A 266 -12.18 -6.00 6.86
N GLY A 267 -11.64 -6.01 5.64
CA GLY A 267 -10.74 -4.92 5.16
C GLY A 267 -11.46 -3.59 4.95
N LEU A 268 -12.68 -3.70 4.48
CA LEU A 268 -13.51 -2.51 4.27
C LEU A 268 -13.77 -1.85 5.64
N ARG A 269 -14.09 -2.66 6.65
CA ARG A 269 -14.29 -2.17 8.03
C ARG A 269 -13.02 -1.50 8.55
N LEU A 270 -11.87 -2.13 8.30
CA LEU A 270 -10.58 -1.53 8.68
C LEU A 270 -10.33 -0.18 7.96
N GLN A 271 -10.85 -0.07 6.76
CA GLN A 271 -10.71 1.13 5.94
C GLN A 271 -11.79 2.16 6.28
N GLY A 272 -12.68 1.85 7.24
CA GLY A 272 -13.69 2.80 7.67
C GLY A 272 -15.02 2.68 6.96
N ILE A 273 -15.24 1.58 6.25
CA ILE A 273 -16.50 1.40 5.54
C ILE A 273 -17.10 0.09 6.05
N ASP A 274 -17.92 0.18 7.09
CA ASP A 274 -18.42 -1.00 7.76
C ASP A 274 -19.55 -1.55 6.90
N VAL A 275 -19.40 -2.78 6.41
CA VAL A 275 -20.40 -3.40 5.56
C VAL A 275 -21.02 -4.62 6.24
N GLY A 276 -20.90 -4.67 7.57
CA GLY A 276 -21.49 -5.76 8.31
C GLY A 276 -20.68 -7.04 8.13
N ASP A 277 -21.24 -8.15 8.61
CA ASP A 277 -20.56 -9.44 8.53
C ASP A 277 -21.18 -10.41 7.49
N PRO A 278 -20.48 -11.51 7.16
CA PRO A 278 -21.04 -12.47 6.19
C PRO A 278 -22.18 -13.31 6.81
N ARG A 279 -23.02 -13.91 5.96
CA ARG A 279 -24.02 -14.86 6.45
C ARG A 279 -23.41 -16.27 6.49
N LEU A 280 -23.72 -16.99 7.56
CA LEU A 280 -23.30 -18.39 7.67
C LEU A 280 -23.67 -19.17 6.39
N PRO A 281 -22.86 -20.18 5.98
CA PRO A 281 -21.65 -20.75 6.60
C PRO A 281 -20.39 -19.87 6.45
N GLN A 282 -20.51 -18.72 5.76
CA GLN A 282 -19.37 -17.78 5.71
C GLN A 282 -19.24 -17.10 7.08
N VAL A 283 -18.04 -16.62 7.38
CA VAL A 283 -17.76 -16.10 8.75
C VAL A 283 -16.98 -14.79 8.77
N ALA A 284 -17.22 -13.97 9.81
CA ALA A 284 -16.48 -12.73 10.02
C ALA A 284 -15.10 -13.10 10.49
N ALA A 285 -14.10 -12.30 10.10
CA ALA A 285 -12.73 -12.50 10.58
C ALA A 285 -12.71 -12.34 12.08
N THR A 286 -11.86 -13.16 12.74
CA THR A 286 -11.66 -13.09 14.18
C THR A 286 -10.81 -11.85 14.41
N PRO A 287 -10.77 -11.37 15.67
CA PRO A 287 -9.86 -10.29 16.00
C PRO A 287 -8.42 -10.52 15.60
N GLU A 288 -7.91 -11.72 15.83
CA GLU A 288 -6.55 -12.02 15.42
C GLU A 288 -6.38 -11.95 13.90
N GLN A 289 -7.38 -12.42 13.15
CA GLN A 289 -7.27 -12.37 11.71
C GLN A 289 -7.33 -10.92 11.28
N ILE A 290 -8.09 -10.09 12.01
CA ILE A 290 -8.20 -8.68 11.61
C ILE A 290 -6.82 -7.99 11.74
N ASP A 291 -6.10 -8.31 12.81
CA ASP A 291 -4.76 -7.76 13.02
C ASP A 291 -3.78 -8.25 11.99
N ALA A 292 -3.87 -9.55 11.65
CA ALA A 292 -3.03 -10.11 10.58
C ALA A 292 -3.39 -9.49 9.24
N LEU A 293 -4.67 -9.20 9.04
CA LEU A 293 -5.13 -8.53 7.80
C LEU A 293 -4.59 -7.12 7.68
N ALA A 294 -4.65 -6.36 8.79
CA ALA A 294 -4.22 -5.00 8.84
C ALA A 294 -2.76 -4.93 8.41
N ALA A 295 -1.92 -5.89 8.82
CA ALA A 295 -0.49 -5.83 8.55
C ALA A 295 -0.28 -5.96 7.05
N ASP A 296 -1.11 -6.78 6.40
CA ASP A 296 -1.01 -6.96 4.94
C ASP A 296 -1.43 -5.70 4.20
N MET A 297 -2.52 -5.09 4.65
CA MET A 297 -3.04 -3.86 4.09
C MET A 297 -2.08 -2.67 4.24
N ARG A 298 -1.47 -2.55 5.40
CA ARG A 298 -0.38 -1.60 5.57
C ARG A 298 0.77 -1.86 4.60
N ALA A 299 1.24 -3.10 4.55
CA ALA A 299 2.31 -3.47 3.62
C ALA A 299 1.95 -3.13 2.16
N ALA A 300 0.66 -3.23 1.82
CA ALA A 300 0.22 -2.93 0.44
C ALA A 300 -0.17 -1.47 0.25
N SER A 301 0.05 -0.64 1.27
CA SER A 301 -0.28 0.80 1.27
C SER A 301 -1.76 1.16 1.12
N VAL A 302 -2.65 0.31 1.63
CA VAL A 302 -4.08 0.61 1.61
C VAL A 302 -4.66 0.77 3.05
N LEU A 303 -3.77 0.90 4.03
CA LEU A 303 -4.15 1.18 5.41
C LEU A 303 -2.99 1.89 6.04
N ARG A 304 -3.27 2.87 6.88
CA ARG A 304 -2.22 3.60 7.58
C ARG A 304 -1.72 2.81 8.82
N PHE B 10 -28.99 -45.20 21.05
CA PHE B 10 -29.43 -44.97 19.64
C PHE B 10 -28.97 -46.08 18.71
N ASP B 11 -29.91 -46.76 18.09
CA ASP B 11 -29.61 -47.86 17.20
C ASP B 11 -29.60 -47.35 15.74
N VAL B 12 -28.42 -47.00 15.22
CA VAL B 12 -28.34 -46.36 13.90
C VAL B 12 -28.90 -47.23 12.78
N ALA B 13 -28.64 -48.54 12.83
CA ALA B 13 -29.09 -49.43 11.77
C ALA B 13 -30.60 -49.52 11.72
N ALA B 14 -31.23 -49.56 12.89
CA ALA B 14 -32.66 -49.66 12.98
C ALA B 14 -33.28 -48.33 12.64
N ARG B 15 -32.60 -47.25 13.01
CA ARG B 15 -33.18 -45.93 12.98
C ARG B 15 -32.96 -45.26 11.64
N LEU B 16 -31.88 -45.65 10.98
CA LEU B 16 -31.57 -45.07 9.70
C LEU B 16 -31.50 -46.08 8.60
N GLY B 17 -31.15 -47.34 8.93
CA GLY B 17 -31.11 -48.39 7.91
C GLY B 17 -29.66 -48.79 7.64
N THR B 18 -29.51 -49.75 6.73
CA THR B 18 -28.22 -50.34 6.41
C THR B 18 -28.05 -50.32 4.91
N LEU B 19 -29.12 -50.60 4.18
CA LEU B 19 -29.09 -50.41 2.75
C LEU B 19 -30.09 -49.34 2.33
N LEU B 20 -29.55 -48.22 1.84
CA LEU B 20 -30.38 -47.08 1.40
C LEU B 20 -30.06 -46.70 -0.03
N THR B 21 -31.05 -46.20 -0.73
CA THR B 21 -30.79 -45.57 -2.02
C THR B 21 -30.93 -44.08 -1.85
N ALA B 22 -29.99 -43.35 -2.43
CA ALA B 22 -30.16 -41.91 -2.68
C ALA B 22 -31.11 -41.83 -3.86
N MET B 23 -32.41 -41.85 -3.56
CA MET B 23 -33.39 -42.07 -4.59
C MET B 23 -33.51 -40.91 -5.60
N VAL B 24 -33.61 -41.25 -6.88
CA VAL B 24 -33.86 -40.25 -7.91
C VAL B 24 -35.24 -39.64 -7.63
N THR B 25 -35.42 -38.43 -8.15
CA THR B 25 -36.69 -37.74 -8.04
C THR B 25 -37.41 -37.87 -9.40
N PRO B 26 -38.46 -38.69 -9.46
CA PRO B 26 -39.09 -38.86 -10.78
C PRO B 26 -39.78 -37.60 -11.26
N PHE B 27 -39.62 -37.35 -12.55
CA PHE B 27 -40.32 -36.26 -13.22
C PHE B 27 -41.19 -36.79 -14.29
N SER B 28 -42.35 -36.16 -14.48
CA SER B 28 -43.15 -36.53 -15.64
C SER B 28 -42.54 -35.97 -16.95
N GLY B 29 -43.20 -36.25 -18.09
CA GLY B 29 -42.70 -35.84 -19.40
C GLY B 29 -42.39 -34.36 -19.60
N ASP B 30 -43.15 -33.47 -18.97
CA ASP B 30 -42.87 -32.02 -19.03
C ASP B 30 -41.85 -31.57 -18.01
N GLY B 31 -41.39 -32.49 -17.14
CA GLY B 31 -40.38 -32.18 -16.16
C GLY B 31 -40.84 -31.86 -14.75
N SER B 32 -42.16 -31.76 -14.53
N SER B 32 -42.16 -31.79 -14.55
CA SER B 32 -42.65 -31.47 -13.19
CA SER B 32 -42.74 -31.51 -13.24
C SER B 32 -42.59 -32.73 -12.32
C SER B 32 -42.62 -32.74 -12.33
N LEU B 33 -42.72 -32.53 -11.01
CA LEU B 33 -42.57 -33.63 -10.02
C LEU B 33 -43.65 -34.70 -10.20
N ASP B 34 -43.27 -35.97 -10.13
CA ASP B 34 -44.23 -37.05 -10.37
C ASP B 34 -44.29 -37.95 -9.13
N THR B 35 -45.14 -37.54 -8.17
CA THR B 35 -45.18 -38.16 -6.86
C THR B 35 -45.74 -39.57 -6.88
N ALA B 36 -46.64 -39.84 -7.82
CA ALA B 36 -47.16 -41.19 -7.92
C ALA B 36 -46.06 -42.13 -8.37
N THR B 37 -45.25 -41.66 -9.32
CA THR B 37 -44.11 -42.48 -9.70
C THR B 37 -43.09 -42.54 -8.57
N ALA B 38 -42.88 -41.43 -7.84
CA ALA B 38 -42.00 -41.49 -6.64
C ALA B 38 -42.40 -42.64 -5.69
N ALA B 39 -43.71 -42.73 -5.40
CA ALA B 39 -44.28 -43.76 -4.51
C ALA B 39 -44.06 -45.19 -4.98
N ARG B 40 -44.29 -45.45 -6.27
CA ARG B 40 -44.05 -46.76 -6.85
C ARG B 40 -42.57 -47.10 -6.78
N LEU B 41 -41.71 -46.16 -7.19
CA LEU B 41 -40.30 -46.41 -7.16
C LEU B 41 -39.86 -46.74 -5.72
N ALA B 42 -40.29 -45.92 -4.76
CA ALA B 42 -39.95 -46.15 -3.36
C ALA B 42 -40.34 -47.59 -2.95
N ASN B 43 -41.59 -48.01 -3.22
CA ASN B 43 -42.03 -49.38 -2.99
C ASN B 43 -41.16 -50.42 -3.67
N HIS B 44 -40.78 -50.16 -4.92
CA HIS B 44 -39.96 -51.14 -5.63
C HIS B 44 -38.61 -51.23 -4.94
N LEU B 45 -38.05 -50.08 -4.57
CA LEU B 45 -36.70 -50.12 -3.96
C LEU B 45 -36.68 -50.88 -2.65
N VAL B 46 -37.65 -50.61 -1.77
CA VAL B 46 -37.71 -51.33 -0.49
C VAL B 46 -37.96 -52.83 -0.72
N ASP B 47 -38.92 -53.16 -1.59
N ASP B 47 -38.90 -53.16 -1.60
CA ASP B 47 -39.15 -54.54 -2.05
CA ASP B 47 -39.15 -54.57 -1.94
C ASP B 47 -37.83 -55.26 -2.32
C ASP B 47 -37.89 -55.31 -2.43
N GLN B 48 -37.00 -54.60 -3.11
CA GLN B 48 -35.75 -55.17 -3.61
C GLN B 48 -34.68 -55.33 -2.50
N GLY B 49 -34.90 -54.71 -1.35
CA GLY B 49 -34.00 -54.90 -0.22
C GLY B 49 -33.57 -53.66 0.54
N CYS B 50 -33.96 -52.45 0.09
CA CYS B 50 -33.50 -51.24 0.78
C CYS B 50 -34.26 -51.15 2.10
N ASP B 51 -33.57 -50.85 3.19
CA ASP B 51 -34.32 -50.68 4.43
C ASP B 51 -34.42 -49.20 4.82
N GLY B 52 -33.92 -48.34 3.93
CA GLY B 52 -34.07 -46.91 4.06
C GLY B 52 -33.98 -46.27 2.69
N LEU B 53 -34.40 -45.01 2.60
CA LEU B 53 -34.27 -44.24 1.37
C LEU B 53 -33.88 -42.84 1.77
N VAL B 54 -32.93 -42.25 1.04
CA VAL B 54 -32.69 -40.84 1.14
C VAL B 54 -33.43 -40.11 0.01
N VAL B 55 -34.23 -39.13 0.39
CA VAL B 55 -34.88 -38.29 -0.60
C VAL B 55 -34.20 -36.94 -0.68
N SER B 56 -34.21 -36.39 -1.89
CA SER B 56 -33.50 -35.15 -2.22
C SER B 56 -32.02 -35.13 -1.82
N GLY B 57 -31.32 -36.24 -2.08
CA GLY B 57 -29.86 -36.22 -2.10
C GLY B 57 -29.39 -35.63 -3.42
N THR B 58 -28.10 -35.78 -3.69
CA THR B 58 -27.50 -35.36 -4.96
C THR B 58 -28.19 -36.09 -6.14
N THR B 59 -28.28 -37.42 -6.00
CA THR B 59 -28.92 -38.28 -7.00
C THR B 59 -30.41 -37.95 -7.15
N GLY B 60 -31.02 -37.36 -6.12
CA GLY B 60 -32.40 -36.89 -6.26
C GLY B 60 -32.54 -35.48 -6.81
N GLU B 61 -31.46 -34.96 -7.37
CA GLU B 61 -31.48 -33.65 -8.03
C GLU B 61 -31.96 -32.55 -7.09
N SER B 62 -31.50 -32.60 -5.84
CA SER B 62 -31.73 -31.48 -4.91
C SER B 62 -31.44 -30.08 -5.51
N PRO B 63 -30.42 -29.96 -6.43
CA PRO B 63 -30.15 -28.63 -7.02
C PRO B 63 -31.26 -28.05 -7.87
N THR B 64 -32.05 -28.90 -8.54
CA THR B 64 -33.05 -28.39 -9.48
C THR B 64 -34.53 -28.50 -9.04
N THR B 65 -34.76 -28.90 -7.79
CA THR B 65 -36.12 -29.00 -7.21
C THR B 65 -36.31 -27.85 -6.24
N THR B 66 -37.55 -27.38 -6.08
CA THR B 66 -37.89 -26.35 -5.09
C THR B 66 -38.09 -27.02 -3.72
N ASP B 67 -38.05 -26.22 -2.64
CA ASP B 67 -38.43 -26.64 -1.31
C ASP B 67 -39.80 -27.32 -1.35
N GLY B 68 -40.75 -26.66 -2.02
CA GLY B 68 -42.09 -27.22 -2.24
C GLY B 68 -42.09 -28.62 -2.81
N GLU B 69 -41.27 -28.87 -3.82
CA GLU B 69 -41.22 -30.16 -4.46
C GLU B 69 -40.54 -31.13 -3.50
N LYS B 70 -39.45 -30.70 -2.84
CA LYS B 70 -38.82 -31.54 -1.80
C LYS B 70 -39.78 -32.07 -0.71
N ILE B 71 -40.64 -31.19 -0.22
CA ILE B 71 -41.68 -31.55 0.79
C ILE B 71 -42.73 -32.51 0.25
N GLU B 72 -43.26 -32.20 -0.93
CA GLU B 72 -44.22 -33.08 -1.61
C GLU B 72 -43.62 -34.47 -1.77
N LEU B 73 -42.38 -34.49 -2.24
CA LEU B 73 -41.70 -35.75 -2.49
C LEU B 73 -41.49 -36.53 -1.18
N LEU B 74 -40.99 -35.84 -0.15
CA LEU B 74 -40.82 -36.45 1.16
C LEU B 74 -42.12 -37.06 1.65
N ARG B 75 -43.21 -36.29 1.59
CA ARG B 75 -44.53 -36.79 1.97
C ARG B 75 -44.92 -38.05 1.17
N ALA B 76 -44.76 -38.00 -0.16
CA ALA B 76 -45.15 -39.14 -1.00
C ALA B 76 -44.39 -40.43 -0.63
N VAL B 77 -43.11 -40.28 -0.32
CA VAL B 77 -42.28 -41.44 -0.02
C VAL B 77 -42.53 -41.95 1.42
N LEU B 78 -42.65 -41.03 2.39
CA LEU B 78 -43.09 -41.41 3.74
C LEU B 78 -44.43 -42.16 3.73
N GLU B 79 -45.39 -41.60 3.01
CA GLU B 79 -46.70 -42.23 2.83
C GLU B 79 -46.51 -43.62 2.17
N ALA B 80 -45.64 -43.74 1.16
CA ALA B 80 -45.50 -45.03 0.46
C ALA B 80 -44.81 -46.15 1.27
N VAL B 81 -43.78 -45.79 2.04
CA VAL B 81 -42.90 -46.81 2.60
C VAL B 81 -42.51 -46.56 4.04
N GLY B 82 -42.89 -45.41 4.59
CA GLY B 82 -42.42 -44.98 5.95
C GLY B 82 -42.76 -46.00 7.03
N ASP B 83 -43.68 -46.92 6.73
CA ASP B 83 -44.13 -47.96 7.63
C ASP B 83 -43.17 -49.12 7.77
N ARG B 84 -42.24 -49.26 6.83
N ARG B 84 -42.30 -49.28 6.78
CA ARG B 84 -41.40 -50.44 6.76
CA ARG B 84 -41.46 -50.47 6.64
C ARG B 84 -39.97 -50.12 6.38
C ARG B 84 -40.01 -50.15 6.25
N ALA B 85 -39.73 -48.88 5.98
CA ALA B 85 -38.37 -48.38 5.71
C ALA B 85 -38.18 -46.99 6.33
N ARG B 86 -36.93 -46.59 6.54
CA ARG B 86 -36.56 -45.30 7.12
C ARG B 86 -36.42 -44.23 6.02
N VAL B 87 -36.98 -43.06 6.21
CA VAL B 87 -36.95 -42.04 5.14
C VAL B 87 -36.13 -40.88 5.64
N ILE B 88 -35.02 -40.65 4.94
CA ILE B 88 -34.08 -39.62 5.34
CA ILE B 88 -34.07 -39.63 5.33
C ILE B 88 -34.16 -38.48 4.34
N ALA B 89 -34.28 -37.28 4.87
CA ALA B 89 -34.48 -36.12 4.05
C ALA B 89 -33.17 -35.31 3.89
N GLY B 90 -32.78 -35.15 2.62
CA GLY B 90 -31.69 -34.22 2.23
C GLY B 90 -32.16 -32.82 2.63
N ALA B 91 -31.47 -32.21 3.57
CA ALA B 91 -31.80 -30.85 3.94
C ALA B 91 -30.62 -29.84 3.87
N GLY B 92 -29.46 -30.28 3.38
CA GLY B 92 -28.30 -29.40 3.32
C GLY B 92 -28.21 -28.54 2.07
N THR B 93 -27.88 -27.27 2.26
CA THR B 93 -27.51 -26.38 1.17
C THR B 93 -26.27 -25.54 1.57
N TYR B 94 -25.88 -24.58 0.73
CA TYR B 94 -24.75 -23.66 1.01
C TYR B 94 -25.21 -22.40 1.74
N ASP B 95 -26.40 -22.48 2.37
CA ASP B 95 -27.02 -21.38 3.03
C ASP B 95 -27.58 -21.91 4.38
N THR B 96 -26.98 -21.46 5.47
CA THR B 96 -27.33 -21.99 6.80
C THR B 96 -28.79 -21.68 7.15
N ALA B 97 -29.26 -20.46 6.86
CA ALA B 97 -30.63 -20.09 7.24
C ALA B 97 -31.62 -20.90 6.41
N HIS B 98 -31.28 -21.12 5.13
CA HIS B 98 -32.05 -22.03 4.28
C HIS B 98 -32.07 -23.51 4.75
N SER B 99 -30.90 -24.05 5.10
CA SER B 99 -30.81 -25.41 5.63
C SER B 99 -31.61 -25.58 6.94
N ILE B 100 -31.59 -24.57 7.79
CA ILE B 100 -32.38 -24.56 9.04
C ILE B 100 -33.87 -24.72 8.69
N ARG B 101 -34.37 -23.89 7.77
CA ARG B 101 -35.80 -23.90 7.44
C ARG B 101 -36.20 -25.22 6.78
N LEU B 102 -35.33 -25.75 5.93
CA LEU B 102 -35.62 -26.98 5.22
C LEU B 102 -35.64 -28.17 6.21
N ALA B 103 -34.68 -28.22 7.14
CA ALA B 103 -34.66 -29.22 8.21
C ALA B 103 -35.95 -29.20 9.05
N LYS B 104 -36.41 -28.00 9.44
CA LYS B 104 -37.63 -27.86 10.21
C LYS B 104 -38.85 -28.33 9.39
N ALA B 105 -38.87 -27.96 8.11
CA ALA B 105 -39.93 -28.39 7.19
C ALA B 105 -39.99 -29.92 7.12
N CYS B 106 -38.83 -30.56 7.04
CA CYS B 106 -38.76 -32.02 6.89
C CYS B 106 -39.16 -32.73 8.14
N ALA B 107 -38.74 -32.15 9.28
CA ALA B 107 -39.11 -32.65 10.57
C ALA B 107 -40.63 -32.54 10.72
N ALA B 108 -41.18 -31.38 10.36
CA ALA B 108 -42.61 -31.12 10.53
C ALA B 108 -43.45 -32.09 9.67
N GLU B 109 -42.87 -32.58 8.58
CA GLU B 109 -43.60 -33.57 7.78
C GLU B 109 -43.44 -35.00 8.31
N GLY B 110 -42.48 -35.26 9.18
CA GLY B 110 -42.31 -36.60 9.76
C GLY B 110 -41.13 -37.39 9.23
N ALA B 111 -40.13 -36.71 8.65
CA ALA B 111 -38.92 -37.39 8.18
C ALA B 111 -38.27 -38.12 9.36
N HIS B 112 -37.64 -39.25 9.07
CA HIS B 112 -37.03 -40.06 10.09
C HIS B 112 -35.63 -39.58 10.46
N GLY B 113 -35.00 -38.84 9.54
CA GLY B 113 -33.65 -38.37 9.76
C GLY B 113 -33.33 -37.37 8.71
N LEU B 114 -32.13 -36.77 8.84
CA LEU B 114 -31.63 -35.77 7.89
C LEU B 114 -30.24 -36.09 7.33
N LEU B 115 -30.03 -35.74 6.05
CA LEU B 115 -28.73 -35.83 5.39
C LEU B 115 -28.33 -34.40 5.04
N VAL B 116 -27.14 -33.99 5.50
CA VAL B 116 -26.77 -32.60 5.43
C VAL B 116 -25.41 -32.52 4.76
N VAL B 117 -25.44 -32.07 3.51
CA VAL B 117 -24.20 -32.06 2.74
C VAL B 117 -23.30 -30.92 3.24
N THR B 118 -21.99 -31.07 3.04
CA THR B 118 -21.06 -29.93 3.22
C THR B 118 -21.52 -28.76 2.31
N PRO B 119 -21.67 -27.53 2.86
CA PRO B 119 -21.89 -26.38 1.95
C PRO B 119 -20.94 -26.34 0.76
N TYR B 120 -21.51 -26.38 -0.44
CA TYR B 120 -20.75 -26.49 -1.69
C TYR B 120 -20.51 -25.09 -2.29
N TYR B 121 -19.56 -25.03 -3.21
CA TYR B 121 -19.20 -23.83 -4.01
C TYR B 121 -18.52 -22.64 -3.31
N SER B 122 -19.06 -22.22 -2.16
CA SER B 122 -18.58 -21.04 -1.49
C SER B 122 -17.34 -21.28 -0.59
N LYS B 123 -17.03 -22.54 -0.28
CA LYS B 123 -15.83 -22.93 0.48
C LYS B 123 -15.65 -22.21 1.80
N PRO B 124 -16.62 -22.36 2.73
CA PRO B 124 -16.46 -21.74 4.04
C PRO B 124 -15.25 -22.39 4.72
N PRO B 125 -14.64 -21.70 5.70
CA PRO B 125 -13.58 -22.33 6.46
C PRO B 125 -14.17 -23.41 7.36
N GLN B 126 -13.33 -24.28 7.91
CA GLN B 126 -13.79 -25.33 8.84
C GLN B 126 -14.63 -24.82 10.04
N ARG B 127 -14.25 -23.68 10.59
CA ARG B 127 -15.01 -23.08 11.71
C ARG B 127 -16.41 -22.63 11.27
N GLY B 128 -16.51 -22.27 9.98
CA GLY B 128 -17.79 -21.96 9.37
C GLY B 128 -18.62 -23.22 9.15
N LEU B 129 -17.97 -24.31 8.71
CA LEU B 129 -18.64 -25.63 8.64
C LEU B 129 -19.14 -26.06 10.01
N GLN B 130 -18.32 -25.84 11.03
CA GLN B 130 -18.68 -26.27 12.37
C GLN B 130 -19.93 -25.54 12.81
N ALA B 131 -19.94 -24.23 12.57
CA ALA B 131 -21.08 -23.41 12.94
C ALA B 131 -22.33 -23.81 12.17
N HIS B 132 -22.16 -24.05 10.87
CA HIS B 132 -23.22 -24.50 10.01
C HIS B 132 -23.86 -25.80 10.48
N PHE B 133 -23.06 -26.85 10.66
CA PHE B 133 -23.63 -28.14 11.08
C PHE B 133 -24.25 -28.13 12.47
N THR B 134 -23.64 -27.41 13.41
CA THR B 134 -24.22 -27.23 14.73
C THR B 134 -25.63 -26.58 14.68
N ALA B 135 -25.73 -25.50 13.91
CA ALA B 135 -26.96 -24.73 13.76
C ALA B 135 -28.05 -25.59 13.13
N VAL B 136 -27.70 -26.34 12.08
CA VAL B 136 -28.64 -27.27 11.48
C VAL B 136 -29.04 -28.39 12.46
N ALA B 137 -28.07 -28.96 13.16
CA ALA B 137 -28.36 -30.02 14.09
C ALA B 137 -29.16 -29.49 15.31
N ASP B 138 -29.11 -28.18 15.57
CA ASP B 138 -29.88 -27.61 16.67
C ASP B 138 -31.31 -27.28 16.25
N ALA B 139 -31.60 -27.27 14.94
CA ALA B 139 -32.90 -26.82 14.47
C ALA B 139 -34.03 -27.82 14.71
N THR B 140 -33.70 -29.09 14.83
CA THR B 140 -34.73 -30.13 15.01
C THR B 140 -34.21 -31.19 15.96
N GLU B 141 -35.07 -32.11 16.39
CA GLU B 141 -34.58 -33.23 17.19
C GLU B 141 -34.28 -34.50 16.36
N LEU B 142 -34.29 -34.39 15.03
CA LEU B 142 -33.98 -35.55 14.17
C LEU B 142 -32.52 -35.98 14.17
N PRO B 143 -32.29 -37.30 14.03
CA PRO B 143 -30.90 -37.70 13.91
C PRO B 143 -30.39 -37.25 12.54
N MET B 144 -29.13 -36.83 12.51
CA MET B 144 -28.57 -36.18 11.35
C MET B 144 -27.29 -36.88 10.92
N LEU B 145 -27.12 -37.05 9.62
CA LEU B 145 -25.87 -37.55 9.09
C LEU B 145 -25.12 -36.41 8.36
N LEU B 146 -23.81 -36.30 8.59
CA LEU B 146 -23.00 -35.41 7.76
C LEU B 146 -22.75 -36.07 6.42
N TYR B 147 -22.71 -35.28 5.36
CA TYR B 147 -22.41 -35.81 4.07
C TYR B 147 -21.21 -35.08 3.46
N ASP B 148 -20.08 -35.79 3.50
CA ASP B 148 -18.75 -35.24 3.27
C ASP B 148 -18.36 -35.69 1.86
N ILE B 149 -18.42 -34.77 0.92
CA ILE B 149 -18.15 -35.10 -0.46
C ILE B 149 -17.38 -33.93 -1.08
N PRO B 150 -16.06 -33.82 -0.74
CA PRO B 150 -15.25 -32.67 -1.23
C PRO B 150 -15.21 -32.59 -2.76
N GLY B 151 -15.27 -33.75 -3.41
CA GLY B 151 -15.38 -33.83 -4.86
C GLY B 151 -16.52 -32.98 -5.44
N ARG B 152 -17.60 -32.85 -4.70
CA ARG B 152 -18.71 -31.98 -5.12
C ARG B 152 -18.71 -30.63 -4.44
N SER B 153 -18.46 -30.61 -3.14
CA SER B 153 -18.58 -29.38 -2.38
C SER B 153 -17.36 -28.45 -2.50
N ALA B 154 -16.20 -29.03 -2.76
CA ALA B 154 -14.92 -28.31 -2.94
C ALA B 154 -14.23 -27.96 -1.64
N VAL B 155 -14.71 -28.57 -0.54
CA VAL B 155 -14.00 -28.53 0.74
C VAL B 155 -14.42 -29.80 1.44
N PRO B 156 -13.50 -30.44 2.17
CA PRO B 156 -13.89 -31.59 3.00
C PRO B 156 -14.33 -31.12 4.37
N ILE B 157 -14.94 -32.01 5.14
CA ILE B 157 -15.10 -31.76 6.57
C ILE B 157 -13.84 -32.40 7.17
N GLU B 158 -12.88 -31.61 7.65
CA GLU B 158 -11.61 -32.19 8.16
C GLU B 158 -11.85 -33.07 9.38
N PRO B 159 -10.92 -34.00 9.69
CA PRO B 159 -11.33 -34.95 10.72
C PRO B 159 -11.44 -34.29 12.14
N ASP B 160 -10.73 -33.20 12.38
CA ASP B 160 -10.87 -32.58 13.68
C ASP B 160 -12.24 -31.92 13.78
N THR B 161 -12.75 -31.42 12.66
CA THR B 161 -14.08 -30.84 12.60
C THR B 161 -15.16 -31.91 12.86
N ILE B 162 -15.03 -33.08 12.20
CA ILE B 162 -15.96 -34.20 12.45
C ILE B 162 -15.91 -34.66 13.93
N ARG B 163 -14.72 -34.81 14.47
CA ARG B 163 -14.56 -35.18 15.88
C ARG B 163 -15.22 -34.15 16.80
N ALA B 164 -15.13 -32.86 16.47
CA ALA B 164 -15.79 -31.80 17.27
C ALA B 164 -17.30 -31.96 17.19
N LEU B 165 -17.82 -32.13 15.98
CA LEU B 165 -19.25 -32.25 15.74
C LEU B 165 -19.83 -33.58 16.28
N ALA B 166 -18.98 -34.59 16.43
CA ALA B 166 -19.38 -35.89 17.00
C ALA B 166 -20.02 -35.75 18.39
N SER B 167 -19.61 -34.74 19.14
CA SER B 167 -20.20 -34.54 20.46
C SER B 167 -21.62 -33.89 20.43
N HIS B 168 -22.10 -33.45 19.26
CA HIS B 168 -23.50 -33.00 19.17
C HIS B 168 -24.44 -34.23 19.27
N PRO B 169 -25.41 -34.20 20.21
CA PRO B 169 -26.28 -35.37 20.42
C PRO B 169 -27.09 -35.77 19.17
N ASN B 170 -27.41 -34.81 18.31
CA ASN B 170 -28.18 -35.11 17.09
C ASN B 170 -27.36 -35.59 15.90
N ILE B 171 -26.05 -35.39 15.92
CA ILE B 171 -25.18 -35.80 14.78
C ILE B 171 -24.66 -37.23 15.00
N VAL B 172 -25.19 -38.18 14.24
CA VAL B 172 -25.02 -39.60 14.60
C VAL B 172 -24.09 -40.32 13.63
N GLY B 173 -23.82 -39.67 12.50
CA GLY B 173 -23.00 -40.33 11.50
C GLY B 173 -22.60 -39.50 10.30
N VAL B 174 -21.99 -40.19 9.34
CA VAL B 174 -21.38 -39.58 8.18
C VAL B 174 -21.66 -40.45 6.95
N KPI B 175 -22.21 -39.82 5.91
CA KPI B 175 -22.16 -40.38 4.53
CB KPI B 175 -23.36 -39.94 3.68
CG KPI B 175 -23.33 -40.60 2.27
CD KPI B 175 -24.46 -39.98 1.45
CE KPI B 175 -24.48 -40.58 0.01
NZ KPI B 175 -25.35 -39.72 -0.82
CX1 KPI B 175 -25.61 -39.86 -2.07
C1 KPI B 175 -25.06 -41.03 -2.83
CX2 KPI B 175 -26.45 -38.85 -2.76
O1 KPI B 175 -26.65 -38.97 -4.01
O2 KPI B 175 -26.88 -37.87 -2.11
C KPI B 175 -20.83 -39.95 3.97
O KPI B 175 -20.62 -38.75 3.65
N ASP B 176 -19.92 -40.91 3.85
CA ASP B 176 -18.55 -40.63 3.46
C ASP B 176 -18.29 -40.88 1.98
N ALA B 177 -18.09 -39.78 1.25
CA ALA B 177 -17.77 -39.83 -0.15
C ALA B 177 -16.39 -39.19 -0.35
N LYS B 178 -15.53 -39.41 0.62
CA LYS B 178 -14.21 -38.81 0.65
C LYS B 178 -13.10 -39.85 0.45
N ALA B 179 -13.43 -41.16 0.57
CA ALA B 179 -12.46 -42.23 0.35
C ALA B 179 -11.31 -42.23 1.36
N ASP B 180 -11.57 -41.72 2.57
CA ASP B 180 -10.62 -41.77 3.70
C ASP B 180 -10.86 -43.00 4.62
N LEU B 181 -10.56 -44.18 4.11
CA LEU B 181 -10.99 -45.44 4.74
C LEU B 181 -10.47 -45.63 6.15
N HIS B 182 -9.15 -45.51 6.34
CA HIS B 182 -8.55 -45.84 7.64
C HIS B 182 -8.74 -44.72 8.62
N SER B 183 -8.75 -43.48 8.11
CA SER B 183 -9.07 -42.36 8.96
C SER B 183 -10.56 -42.43 9.41
N GLY B 184 -11.47 -42.79 8.51
CA GLY B 184 -12.87 -43.08 8.91
C GLY B 184 -12.96 -44.23 9.92
N ALA B 185 -12.20 -45.31 9.72
CA ALA B 185 -12.17 -46.40 10.71
C ALA B 185 -11.77 -45.92 12.12
N GLN B 186 -10.72 -45.13 12.20
CA GLN B 186 -10.26 -44.59 13.48
C GLN B 186 -11.31 -43.65 14.15
N ILE B 187 -11.96 -42.81 13.36
CA ILE B 187 -13.04 -41.97 13.85
C ILE B 187 -14.23 -42.80 14.37
N MET B 188 -14.70 -43.74 13.55
CA MET B 188 -15.67 -44.72 14.02
C MET B 188 -15.27 -45.33 15.37
N ALA B 189 -14.03 -45.77 15.51
CA ALA B 189 -13.60 -46.40 16.77
C ALA B 189 -13.54 -45.39 17.92
N ASP B 190 -12.96 -44.21 17.64
CA ASP B 190 -12.82 -43.14 18.62
C ASP B 190 -14.13 -42.52 19.09
N THR B 191 -15.08 -42.36 18.17
CA THR B 191 -16.27 -41.59 18.44
C THR B 191 -17.57 -42.38 18.53
N GLY B 192 -17.66 -43.55 17.87
CA GLY B 192 -18.94 -44.23 17.77
C GLY B 192 -19.85 -43.68 16.68
N LEU B 193 -19.40 -42.67 15.93
CA LEU B 193 -20.16 -42.22 14.74
C LEU B 193 -20.39 -43.37 13.76
N ALA B 194 -21.58 -43.42 13.17
CA ALA B 194 -21.88 -44.42 12.18
C ALA B 194 -21.42 -43.88 10.83
N TYR B 195 -20.69 -44.68 10.09
CA TYR B 195 -20.37 -44.32 8.70
C TYR B 195 -21.19 -45.13 7.74
N TYR B 196 -21.63 -44.47 6.68
CA TYR B 196 -22.21 -45.10 5.49
C TYR B 196 -21.32 -44.80 4.31
N SER B 197 -21.13 -45.80 3.43
CA SER B 197 -20.42 -45.58 2.18
C SER B 197 -21.25 -44.65 1.30
N GLY B 198 -20.66 -43.51 0.90
CA GLY B 198 -21.28 -42.67 -0.12
C GLY B 198 -20.68 -42.86 -1.52
N ASP B 199 -19.88 -43.92 -1.68
N ASP B 199 -19.86 -43.88 -1.73
CA ASP B 199 -19.25 -44.30 -2.96
CA ASP B 199 -19.43 -44.22 -3.10
C ASP B 199 -19.48 -45.79 -3.24
C ASP B 199 -19.42 -45.72 -3.32
N ASP B 200 -20.25 -46.14 -4.26
CA ASP B 200 -20.43 -47.57 -4.59
C ASP B 200 -19.12 -48.31 -4.85
N ALA B 201 -18.15 -47.64 -5.48
CA ALA B 201 -16.83 -48.22 -5.74
C ALA B 201 -16.07 -48.65 -4.46
N LEU B 202 -16.49 -48.15 -3.30
CA LEU B 202 -15.84 -48.46 -2.04
C LEU B 202 -16.76 -49.14 -0.98
N ASN B 203 -17.95 -49.61 -1.41
CA ASN B 203 -18.91 -50.24 -0.51
C ASN B 203 -18.26 -51.36 0.35
N LEU B 204 -17.54 -52.29 -0.26
CA LEU B 204 -16.96 -53.41 0.51
C LEU B 204 -15.80 -52.90 1.42
N PRO B 205 -14.87 -52.10 0.89
CA PRO B 205 -13.85 -51.56 1.80
C PRO B 205 -14.43 -50.79 2.99
N TRP B 206 -15.51 -50.06 2.79
CA TRP B 206 -16.13 -49.33 3.88
C TRP B 206 -16.66 -50.27 4.98
N LEU B 207 -17.24 -51.38 4.57
CA LEU B 207 -17.68 -52.40 5.52
C LEU B 207 -16.49 -52.94 6.29
N ARG B 208 -15.41 -53.28 5.59
CA ARG B 208 -14.22 -53.77 6.29
C ARG B 208 -13.73 -52.71 7.26
N MET B 209 -14.07 -51.43 7.05
CA MET B 209 -13.65 -50.38 7.99
C MET B 209 -14.57 -50.23 9.21
N GLY B 210 -15.73 -50.89 9.16
CA GLY B 210 -16.73 -50.79 10.24
C GLY B 210 -17.97 -49.99 9.85
N ALA B 211 -18.14 -49.68 8.56
CA ALA B 211 -19.31 -48.90 8.13
C ALA B 211 -20.58 -49.70 8.40
N THR B 212 -21.66 -48.97 8.64
CA THR B 212 -22.95 -49.53 9.00
C THR B 212 -23.67 -50.01 7.74
N GLY B 213 -23.42 -49.36 6.60
CA GLY B 213 -24.11 -49.73 5.37
C GLY B 213 -23.79 -48.76 4.22
N PHE B 214 -24.70 -48.71 3.23
CA PHE B 214 -24.48 -47.93 2.00
C PHE B 214 -25.61 -46.95 1.79
N ILE B 215 -25.28 -45.76 1.34
CA ILE B 215 -26.28 -44.84 0.79
C ILE B 215 -25.86 -44.77 -0.65
N SER B 216 -26.55 -45.58 -1.44
CA SER B 216 -26.05 -46.04 -2.71
C SER B 216 -26.80 -45.41 -3.89
N VAL B 217 -26.10 -45.33 -5.02
CA VAL B 217 -26.66 -44.98 -6.33
C VAL B 217 -27.02 -46.23 -7.15
N ILE B 218 -26.10 -47.20 -7.21
CA ILE B 218 -26.34 -48.35 -8.07
C ILE B 218 -27.42 -49.25 -7.50
N ALA B 219 -27.79 -49.01 -6.23
CA ALA B 219 -28.90 -49.74 -5.63
C ALA B 219 -30.22 -49.49 -6.37
N HIS B 220 -30.34 -48.39 -7.12
CA HIS B 220 -31.50 -48.20 -8.01
C HIS B 220 -31.69 -49.38 -8.93
N LEU B 221 -30.57 -49.96 -9.35
CA LEU B 221 -30.60 -50.99 -10.39
C LEU B 221 -30.23 -52.38 -9.85
N ALA B 222 -29.62 -52.43 -8.68
CA ALA B 222 -29.02 -53.66 -8.13
C ALA B 222 -29.11 -53.76 -6.60
N ALA B 223 -30.25 -53.35 -6.04
CA ALA B 223 -30.45 -53.42 -4.57
C ALA B 223 -30.29 -54.85 -4.02
N GLY B 224 -30.85 -55.82 -4.74
CA GLY B 224 -30.84 -57.20 -4.30
C GLY B 224 -29.42 -57.72 -4.19
N GLN B 225 -28.60 -57.43 -5.18
CA GLN B 225 -27.18 -57.79 -5.10
C GLN B 225 -26.44 -57.08 -3.96
N LEU B 226 -26.67 -55.79 -3.77
CA LEU B 226 -26.03 -55.10 -2.63
C LEU B 226 -26.52 -55.62 -1.26
N ARG B 227 -27.81 -55.99 -1.18
CA ARG B 227 -28.34 -56.59 0.05
C ARG B 227 -27.56 -57.88 0.33
N GLU B 228 -27.37 -58.73 -0.69
CA GLU B 228 -26.60 -59.98 -0.53
C GLU B 228 -25.13 -59.73 -0.15
N LEU B 229 -24.55 -58.65 -0.67
CA LEU B 229 -23.17 -58.30 -0.33
C LEU B 229 -23.07 -57.97 1.18
N LEU B 230 -24.01 -57.17 1.68
CA LEU B 230 -24.08 -56.85 3.10
C LEU B 230 -24.28 -58.10 3.93
N SER B 231 -25.15 -58.99 3.49
CA SER B 231 -25.40 -60.25 4.21
C SER B 231 -24.17 -61.12 4.24
N ALA B 232 -23.50 -61.25 3.09
CA ALA B 232 -22.29 -62.07 3.05
C ALA B 232 -21.21 -61.45 3.91
N PHE B 233 -21.10 -60.12 3.91
CA PHE B 233 -20.10 -59.50 4.77
C PHE B 233 -20.46 -59.71 6.25
N GLY B 234 -21.73 -59.45 6.55
CA GLY B 234 -22.28 -59.67 7.86
C GLY B 234 -21.99 -61.08 8.40
N SER B 235 -21.97 -62.10 7.54
CA SER B 235 -21.72 -63.46 8.05
C SER B 235 -20.27 -63.87 7.90
N GLY B 236 -19.42 -62.90 7.58
CA GLY B 236 -18.00 -63.13 7.43
C GLY B 236 -17.60 -63.92 6.21
N ASP B 237 -18.48 -64.02 5.23
CA ASP B 237 -18.12 -64.62 3.95
C ASP B 237 -17.66 -63.55 2.95
N ILE B 238 -16.43 -63.07 3.16
CA ILE B 238 -15.84 -62.00 2.36
C ILE B 238 -15.54 -62.49 0.93
N ALA B 239 -15.22 -63.79 0.77
CA ALA B 239 -15.08 -64.32 -0.59
C ALA B 239 -16.31 -64.05 -1.47
N THR B 240 -17.51 -64.34 -0.95
CA THR B 240 -18.77 -64.11 -1.67
C THR B 240 -19.01 -62.62 -1.86
N ALA B 241 -18.77 -61.85 -0.80
CA ALA B 241 -18.91 -60.40 -0.89
C ALA B 241 -18.03 -59.85 -2.01
N ARG B 242 -16.77 -60.29 -2.08
CA ARG B 242 -15.88 -59.91 -3.16
C ARG B 242 -16.43 -60.33 -4.53
N LYS B 243 -16.93 -61.58 -4.63
CA LYS B 243 -17.59 -62.03 -5.86
C LYS B 243 -18.76 -61.12 -6.30
N ILE B 244 -19.63 -60.74 -5.37
CA ILE B 244 -20.77 -59.92 -5.70
C ILE B 244 -20.34 -58.49 -6.08
N ASN B 245 -19.30 -57.99 -5.41
CA ASN B 245 -18.72 -56.72 -5.73
C ASN B 245 -18.26 -56.62 -7.19
N ILE B 246 -17.52 -57.64 -7.61
CA ILE B 246 -17.06 -57.73 -8.98
C ILE B 246 -18.24 -57.90 -9.94
N ALA B 247 -19.22 -58.74 -9.58
CA ALA B 247 -20.38 -58.98 -10.43
C ALA B 247 -21.09 -57.65 -10.84
N VAL B 248 -21.21 -56.69 -9.91
CA VAL B 248 -21.96 -55.47 -10.20
C VAL B 248 -21.10 -54.31 -10.69
N ALA B 249 -19.80 -54.52 -10.72
CA ALA B 249 -18.88 -53.48 -11.12
C ALA B 249 -19.14 -52.88 -12.52
N PRO B 250 -19.75 -53.67 -13.46
CA PRO B 250 -20.05 -53.04 -14.74
C PRO B 250 -20.97 -51.79 -14.64
N LEU B 251 -21.80 -51.70 -13.61
CA LEU B 251 -22.65 -50.51 -13.40
C LEU B 251 -21.82 -49.24 -13.06
N CME B 252 -20.65 -49.47 -12.48
CA CME B 252 -19.68 -48.44 -12.18
CB CME B 252 -18.74 -49.06 -11.16
SG CME B 252 -19.52 -48.90 -9.57
SD CME B 252 -20.31 -47.03 -9.40
CE CME B 252 -19.12 -45.93 -8.67
CZ CME B 252 -17.96 -45.67 -9.63
OH CME B 252 -18.37 -44.77 -10.68
C CME B 252 -19.00 -47.97 -13.43
O CME B 252 -18.68 -46.78 -13.54
N ASN B 253 -18.81 -48.87 -14.40
CA ASN B 253 -18.32 -48.46 -15.72
C ASN B 253 -19.27 -47.42 -16.33
N ALA B 254 -20.57 -47.69 -16.28
CA ALA B 254 -21.54 -46.77 -16.88
C ALA B 254 -21.66 -45.49 -16.02
N MET B 255 -21.64 -45.64 -14.69
CA MET B 255 -21.73 -44.44 -13.83
C MET B 255 -20.63 -43.43 -14.15
N SER B 256 -19.44 -43.94 -14.41
CA SER B 256 -18.30 -43.11 -14.73
C SER B 256 -18.56 -42.34 -16.03
N ARG B 257 -19.22 -42.99 -17.00
CA ARG B 257 -19.58 -42.32 -18.24
C ARG B 257 -20.74 -41.32 -18.10
N LEU B 258 -21.69 -41.60 -17.21
CA LEU B 258 -22.95 -40.85 -17.18
C LEU B 258 -23.22 -40.02 -15.93
N GLY B 259 -22.57 -40.35 -14.82
CA GLY B 259 -22.93 -39.83 -13.48
C GLY B 259 -24.19 -40.51 -12.94
N GLY B 260 -24.41 -40.40 -11.63
CA GLY B 260 -25.50 -41.12 -10.98
C GLY B 260 -26.91 -40.84 -11.46
N VAL B 261 -27.17 -39.58 -11.79
CA VAL B 261 -28.53 -39.12 -12.07
C VAL B 261 -28.94 -39.68 -13.42
N THR B 262 -28.09 -39.43 -14.42
CA THR B 262 -28.34 -39.88 -15.75
C THR B 262 -28.38 -41.41 -15.79
N LEU B 263 -27.48 -42.02 -15.02
CA LEU B 263 -27.45 -43.46 -15.03
C LEU B 263 -28.70 -44.08 -14.37
N SER B 264 -29.11 -43.55 -13.22
CA SER B 264 -30.21 -44.12 -12.46
C SER B 264 -31.52 -43.95 -13.24
N LYS B 265 -31.76 -42.77 -13.79
CA LYS B 265 -33.00 -42.58 -14.57
C LYS B 265 -33.05 -43.45 -15.82
N ALA B 266 -31.91 -43.54 -16.50
CA ALA B 266 -31.85 -44.33 -17.73
C ALA B 266 -31.95 -45.80 -17.48
N GLY B 267 -31.31 -46.25 -16.41
CA GLY B 267 -31.24 -47.69 -16.05
C GLY B 267 -32.61 -48.18 -15.59
N LEU B 268 -33.26 -47.37 -14.75
CA LEU B 268 -34.64 -47.64 -14.32
C LEU B 268 -35.56 -47.80 -15.51
N ARG B 269 -35.47 -46.88 -16.45
CA ARG B 269 -36.29 -46.95 -17.65
C ARG B 269 -36.00 -48.23 -18.44
N LEU B 270 -34.73 -48.64 -18.48
CA LEU B 270 -34.38 -49.91 -19.13
C LEU B 270 -34.99 -51.13 -18.39
N GLN B 271 -35.21 -51.00 -17.08
CA GLN B 271 -35.79 -52.14 -16.33
C GLN B 271 -37.32 -52.08 -16.29
N GLY B 272 -37.89 -51.14 -17.05
CA GLY B 272 -39.34 -51.05 -17.14
C GLY B 272 -39.94 -50.12 -16.13
N ILE B 273 -39.10 -49.31 -15.50
CA ILE B 273 -39.63 -48.28 -14.58
C ILE B 273 -39.23 -46.89 -15.09
N ASP B 274 -40.08 -46.32 -15.92
CA ASP B 274 -39.89 -44.97 -16.47
C ASP B 274 -40.03 -43.96 -15.34
N VAL B 275 -38.96 -43.21 -15.07
CA VAL B 275 -39.02 -42.11 -14.11
C VAL B 275 -38.71 -40.74 -14.74
N GLY B 276 -38.83 -40.66 -16.06
CA GLY B 276 -38.65 -39.36 -16.74
C GLY B 276 -37.14 -39.03 -16.81
N ASP B 277 -36.81 -37.83 -17.26
CA ASP B 277 -35.42 -37.40 -17.45
C ASP B 277 -34.90 -36.46 -16.38
N PRO B 278 -33.59 -36.19 -16.39
CA PRO B 278 -33.09 -35.14 -15.53
C PRO B 278 -33.53 -33.75 -15.99
N ARG B 279 -33.46 -32.80 -15.06
CA ARG B 279 -33.71 -31.38 -15.37
C ARG B 279 -32.32 -30.71 -15.65
N LEU B 280 -32.28 -29.77 -16.60
CA LEU B 280 -31.05 -29.01 -16.88
C LEU B 280 -30.47 -28.37 -15.60
N PRO B 281 -29.15 -28.39 -15.47
CA PRO B 281 -28.08 -28.78 -16.43
C PRO B 281 -27.74 -30.27 -16.53
N GLN B 282 -28.38 -31.16 -15.79
CA GLN B 282 -28.23 -32.61 -16.01
C GLN B 282 -28.98 -32.97 -17.31
N VAL B 283 -28.58 -34.06 -17.95
CA VAL B 283 -29.14 -34.42 -19.28
C VAL B 283 -29.56 -35.88 -19.40
N ALA B 284 -30.59 -36.16 -20.20
CA ALA B 284 -30.92 -37.55 -20.48
C ALA B 284 -29.81 -38.22 -21.30
N ALA B 285 -29.57 -39.49 -21.03
CA ALA B 285 -28.65 -40.29 -21.80
C ALA B 285 -29.02 -40.25 -23.30
N THR B 286 -28.03 -40.25 -24.17
CA THR B 286 -28.32 -40.31 -25.61
C THR B 286 -28.68 -41.75 -26.00
N PRO B 287 -29.24 -41.94 -27.21
CA PRO B 287 -29.50 -43.31 -27.68
C PRO B 287 -28.27 -44.25 -27.60
N GLU B 288 -27.11 -43.79 -28.06
CA GLU B 288 -25.88 -44.62 -27.99
C GLU B 288 -25.42 -44.85 -26.56
N GLN B 289 -25.57 -43.82 -25.72
CA GLN B 289 -25.35 -44.01 -24.27
C GLN B 289 -26.22 -45.09 -23.62
N ILE B 290 -27.47 -45.18 -24.08
CA ILE B 290 -28.47 -46.14 -23.55
C ILE B 290 -28.11 -47.57 -23.96
N ASP B 291 -27.65 -47.73 -25.21
CA ASP B 291 -27.10 -49.01 -25.67
C ASP B 291 -25.88 -49.48 -24.89
N ALA B 292 -24.93 -48.57 -24.65
CA ALA B 292 -23.72 -48.91 -23.88
C ALA B 292 -24.08 -49.19 -22.42
N LEU B 293 -25.12 -48.53 -21.93
CA LEU B 293 -25.61 -48.78 -20.59
C LEU B 293 -26.30 -50.14 -20.54
N ALA B 294 -27.12 -50.46 -21.56
CA ALA B 294 -27.80 -51.75 -21.55
C ALA B 294 -26.75 -52.87 -21.56
N ALA B 295 -25.66 -52.70 -22.31
CA ALA B 295 -24.55 -53.68 -22.27
C ALA B 295 -23.98 -53.86 -20.85
N ASP B 296 -23.71 -52.75 -20.17
CA ASP B 296 -23.20 -52.82 -18.79
C ASP B 296 -24.20 -53.48 -17.82
N MET B 297 -25.47 -53.11 -17.94
CA MET B 297 -26.51 -53.73 -17.11
C MET B 297 -26.70 -55.23 -17.32
N ARG B 298 -26.66 -55.66 -18.58
CA ARG B 298 -26.69 -57.07 -18.89
C ARG B 298 -25.43 -57.77 -18.34
N ALA B 299 -24.28 -57.11 -18.46
CA ALA B 299 -23.04 -57.66 -17.90
C ALA B 299 -23.12 -57.77 -16.36
N ALA B 300 -23.83 -56.83 -15.71
CA ALA B 300 -24.04 -56.90 -14.27
C ALA B 300 -25.24 -57.78 -13.90
N SER B 301 -25.86 -58.46 -14.89
CA SER B 301 -27.08 -59.27 -14.65
C SER B 301 -28.25 -58.52 -14.04
N VAL B 302 -28.49 -57.25 -14.41
CA VAL B 302 -29.68 -56.56 -13.91
C VAL B 302 -30.58 -56.13 -15.07
N LEU B 303 -30.48 -56.89 -16.16
CA LEU B 303 -31.20 -56.61 -17.38
C LEU B 303 -31.11 -57.85 -18.26
N ARG B 304 -32.28 -58.35 -18.67
CA ARG B 304 -32.40 -59.55 -19.49
C ARG B 304 -31.73 -59.35 -20.85
N PHE C 10 -29.19 31.59 5.37
CA PHE C 10 -27.73 31.64 5.66
C PHE C 10 -26.90 31.45 4.38
N ASP C 11 -26.05 32.43 4.05
CA ASP C 11 -25.20 32.36 2.86
C ASP C 11 -23.83 31.83 3.28
N VAL C 12 -23.56 30.55 3.07
CA VAL C 12 -22.29 29.97 3.55
C VAL C 12 -21.07 30.66 2.92
N ALA C 13 -21.07 30.74 1.59
CA ALA C 13 -20.02 31.41 0.80
C ALA C 13 -19.70 32.82 1.26
N ALA C 14 -20.70 33.57 1.73
CA ALA C 14 -20.44 34.93 2.18
C ALA C 14 -20.04 34.97 3.65
N ARG C 15 -20.60 34.10 4.45
CA ARG C 15 -20.33 34.08 5.89
C ARG C 15 -19.03 33.39 6.28
N LEU C 16 -18.63 32.36 5.53
CA LEU C 16 -17.41 31.60 5.83
C LEU C 16 -16.34 31.79 4.77
N GLY C 17 -16.76 32.19 3.57
CA GLY C 17 -15.84 32.38 2.44
C GLY C 17 -15.84 31.23 1.43
N THR C 18 -15.10 31.41 0.36
CA THR C 18 -15.04 30.37 -0.68
C THR C 18 -13.62 29.83 -0.89
N LEU C 19 -12.62 30.71 -0.95
CA LEU C 19 -11.22 30.28 -0.92
C LEU C 19 -10.62 30.62 0.42
N LEU C 20 -10.36 29.59 1.23
CA LEU C 20 -9.69 29.76 2.51
C LEU C 20 -8.37 29.03 2.51
N THR C 21 -7.44 29.53 3.32
CA THR C 21 -6.20 28.81 3.59
C THR C 21 -6.26 28.34 5.03
N ALA C 22 -5.88 27.09 5.27
CA ALA C 22 -5.65 26.60 6.64
C ALA C 22 -4.27 27.11 7.06
N MET C 23 -4.26 28.32 7.59
CA MET C 23 -3.02 29.07 7.77
C MET C 23 -2.07 28.45 8.81
N VAL C 24 -0.77 28.52 8.51
CA VAL C 24 0.30 28.13 9.43
C VAL C 24 0.35 29.07 10.63
N THR C 25 0.79 28.53 11.75
CA THR C 25 1.06 29.37 12.89
C THR C 25 2.56 29.74 12.92
N PRO C 26 2.90 31.01 12.62
CA PRO C 26 4.31 31.43 12.69
C PRO C 26 4.92 31.37 14.08
N PHE C 27 6.13 30.80 14.14
CA PHE C 27 6.88 30.77 15.38
C PHE C 27 8.16 31.53 15.15
N SER C 28 8.59 32.27 16.17
CA SER C 28 9.91 32.91 16.19
C SER C 28 11.08 31.93 16.27
N GLY C 29 12.29 32.50 16.24
CA GLY C 29 13.54 31.77 16.39
C GLY C 29 13.50 30.85 17.59
N ASP C 30 13.10 31.39 18.74
CA ASP C 30 12.97 30.61 19.98
C ASP C 30 11.90 29.50 19.97
N GLY C 31 11.01 29.53 18.96
CA GLY C 31 9.88 28.63 18.92
C GLY C 31 8.55 29.22 19.35
N SER C 32 8.57 30.38 20.00
CA SER C 32 7.32 30.99 20.47
C SER C 32 6.46 31.64 19.37
N LEU C 33 5.17 31.78 19.67
CA LEU C 33 4.20 32.39 18.75
C LEU C 33 4.60 33.77 18.22
N ASP C 34 4.40 33.96 16.91
CA ASP C 34 4.83 35.20 16.26
C ASP C 34 3.63 35.90 15.61
N THR C 35 2.88 36.67 16.43
CA THR C 35 1.61 37.29 16.00
C THR C 35 1.83 38.36 14.94
N ALA C 36 2.94 39.11 15.06
CA ALA C 36 3.34 40.06 14.01
C ALA C 36 3.47 39.39 12.61
N THR C 37 4.20 38.29 12.52
CA THR C 37 4.28 37.57 11.24
C THR C 37 2.93 36.98 10.82
N ALA C 38 2.15 36.50 11.79
CA ALA C 38 0.79 36.01 11.51
C ALA C 38 -0.07 37.11 10.84
N ALA C 39 0.03 38.32 11.38
CA ALA C 39 -0.72 39.46 10.84
C ALA C 39 -0.33 39.76 9.39
N ARG C 40 0.97 39.67 9.12
CA ARG C 40 1.53 40.01 7.83
C ARG C 40 1.24 38.88 6.81
N LEU C 41 1.24 37.64 7.28
CA LEU C 41 0.89 36.51 6.42
C LEU C 41 -0.58 36.51 6.06
N ALA C 42 -1.43 36.82 7.02
CA ALA C 42 -2.86 36.81 6.79
C ALA C 42 -3.23 37.95 5.78
N ASN C 43 -2.64 39.13 5.94
CA ASN C 43 -2.81 40.21 4.96
C ASN C 43 -2.29 39.84 3.59
N HIS C 44 -1.16 39.13 3.54
CA HIS C 44 -0.64 38.64 2.27
C HIS C 44 -1.57 37.67 1.53
N LEU C 45 -2.15 36.75 2.27
CA LEU C 45 -2.99 35.73 1.67
C LEU C 45 -4.30 36.28 1.16
N VAL C 46 -4.87 37.22 1.91
CA VAL C 46 -6.06 37.93 1.47
C VAL C 46 -5.70 38.80 0.24
N ASP C 47 -4.54 39.46 0.26
CA ASP C 47 -4.01 40.20 -0.93
C ASP C 47 -3.91 39.26 -2.13
N GLN C 48 -3.53 38.01 -1.87
CA GLN C 48 -3.34 37.02 -2.93
C GLN C 48 -4.62 36.27 -3.39
N GLY C 49 -5.74 36.51 -2.72
CA GLY C 49 -7.03 36.02 -3.24
C GLY C 49 -7.95 35.26 -2.30
N CYS C 50 -7.46 34.92 -1.11
CA CYS C 50 -8.28 34.22 -0.11
C CYS C 50 -9.33 35.13 0.45
N ASP C 51 -10.55 34.63 0.62
CA ASP C 51 -11.59 35.50 1.20
C ASP C 51 -11.92 35.02 2.61
N GLY C 52 -11.13 34.05 3.09
CA GLY C 52 -11.25 33.50 4.43
C GLY C 52 -9.98 32.81 4.83
N LEU C 53 -9.77 32.69 6.14
CA LEU C 53 -8.66 31.90 6.69
C LEU C 53 -9.13 31.04 7.84
N VAL C 54 -8.56 29.85 7.93
CA VAL C 54 -8.77 29.03 9.13
C VAL C 54 -7.54 29.17 10.01
N VAL C 55 -7.74 29.62 11.24
CA VAL C 55 -6.65 29.64 12.22
C VAL C 55 -6.71 28.41 13.11
N SER C 56 -5.52 27.90 13.47
CA SER C 56 -5.34 26.65 14.22
C SER C 56 -6.02 25.41 13.61
N GLY C 57 -5.85 25.22 12.29
CA GLY C 57 -6.28 23.95 11.73
C GLY C 57 -5.17 22.93 11.99
N THR C 58 -5.19 21.84 11.25
CA THR C 58 -4.08 20.86 11.32
C THR C 58 -2.79 21.52 10.80
N THR C 59 -2.93 22.29 9.73
CA THR C 59 -1.79 23.01 9.14
C THR C 59 -1.28 24.08 10.10
N GLY C 60 -2.18 24.57 10.97
CA GLY C 60 -1.80 25.52 12.00
C GLY C 60 -1.11 24.90 13.20
N GLU C 61 -0.85 23.59 13.12
CA GLU C 61 -0.17 22.86 14.18
C GLU C 61 -0.93 23.01 15.49
N SER C 62 -2.25 22.89 15.40
CA SER C 62 -3.08 22.88 16.60
C SER C 62 -2.64 21.85 17.65
N PRO C 63 -2.03 20.70 17.22
CA PRO C 63 -1.63 19.78 18.28
C PRO C 63 -0.56 20.34 19.22
N THR C 64 0.25 21.28 18.74
CA THR C 64 1.40 21.72 19.52
C THR C 64 1.29 23.15 20.12
N THR C 65 0.15 23.85 19.89
CA THR C 65 -0.11 25.17 20.47
C THR C 65 -1.01 25.04 21.68
N THR C 66 -0.88 25.94 22.66
CA THR C 66 -1.75 25.96 23.83
C THR C 66 -2.99 26.75 23.48
N ASP C 67 -4.01 26.65 24.32
CA ASP C 67 -5.23 27.44 24.17
C ASP C 67 -4.96 28.92 24.08
N GLY C 68 -4.04 29.40 24.94
CA GLY C 68 -3.68 30.80 25.02
C GLY C 68 -3.08 31.28 23.70
N GLU C 69 -2.19 30.46 23.13
CA GLU C 69 -1.59 30.73 21.83
C GLU C 69 -2.65 30.75 20.74
N LYS C 70 -3.53 29.77 20.77
CA LYS C 70 -4.67 29.79 19.83
C LYS C 70 -5.47 31.09 19.90
N ILE C 71 -5.81 31.52 21.13
CA ILE C 71 -6.64 32.71 21.33
C ILE C 71 -5.86 33.96 20.88
N GLU C 72 -4.61 34.09 21.34
CA GLU C 72 -3.70 35.15 20.86
C GLU C 72 -3.64 35.25 19.34
N LEU C 73 -3.48 34.11 18.69
CA LEU C 73 -3.33 34.04 17.24
C LEU C 73 -4.60 34.52 16.55
N LEU C 74 -5.71 33.92 16.97
CA LEU C 74 -7.04 34.29 16.50
C LEU C 74 -7.26 35.80 16.60
N ARG C 75 -6.94 36.37 17.77
CA ARG C 75 -7.11 37.81 18.04
C ARG C 75 -6.29 38.65 17.03
N ALA C 76 -5.07 38.23 16.77
CA ALA C 76 -4.18 38.99 15.87
C ALA C 76 -4.62 38.90 14.40
N VAL C 77 -5.14 37.76 14.00
CA VAL C 77 -5.62 37.60 12.63
C VAL C 77 -6.94 38.38 12.39
N LEU C 78 -7.83 38.36 13.37
CA LEU C 78 -9.04 39.19 13.30
C LEU C 78 -8.68 40.68 13.21
N GLU C 79 -7.73 41.12 14.04
CA GLU C 79 -7.25 42.48 13.92
C GLU C 79 -6.67 42.73 12.53
N ALA C 80 -5.85 41.80 12.06
CA ALA C 80 -5.17 41.93 10.76
C ALA C 80 -6.10 42.00 9.57
N VAL C 81 -7.06 41.07 9.47
CA VAL C 81 -7.89 40.98 8.28
C VAL C 81 -9.42 40.79 8.49
N GLY C 82 -9.88 40.79 9.74
CA GLY C 82 -11.31 40.55 10.05
C GLY C 82 -12.24 41.51 9.29
N ASP C 83 -11.67 42.64 8.85
CA ASP C 83 -12.42 43.69 8.15
C ASP C 83 -12.81 43.27 6.73
N ARG C 84 -12.00 42.42 6.11
CA ARG C 84 -12.12 42.09 4.68
C ARG C 84 -12.03 40.59 4.32
N ALA C 85 -11.99 39.75 5.35
CA ALA C 85 -11.96 38.32 5.17
C ALA C 85 -12.66 37.63 6.34
N ARG C 86 -13.10 36.40 6.16
CA ARG C 86 -13.73 35.66 7.27
C ARG C 86 -12.68 34.84 7.98
N VAL C 87 -12.68 34.88 9.32
CA VAL C 87 -11.69 34.16 10.09
C VAL C 87 -12.37 33.00 10.87
N ILE C 88 -12.01 31.78 10.50
CA ILE C 88 -12.60 30.57 11.07
C ILE C 88 -11.62 29.98 12.08
N ALA C 89 -12.10 29.66 13.28
CA ALA C 89 -11.21 29.19 14.33
C ALA C 89 -11.36 27.68 14.48
N GLY C 90 -10.23 26.98 14.65
CA GLY C 90 -10.30 25.52 14.84
C GLY C 90 -10.59 25.36 16.32
N ALA C 91 -11.71 24.74 16.67
CA ALA C 91 -11.99 24.53 18.09
C ALA C 91 -12.07 23.06 18.55
N GLY C 92 -11.98 22.11 17.63
CA GLY C 92 -12.12 20.65 17.94
C GLY C 92 -10.89 19.86 18.38
N THR C 93 -11.07 19.07 19.45
CA THR C 93 -10.06 18.19 20.01
C THR C 93 -10.75 16.83 20.26
N TYR C 94 -10.05 15.90 20.88
CA TYR C 94 -10.67 14.61 21.21
C TYR C 94 -11.33 14.62 22.59
N ASP C 95 -11.43 15.81 23.18
CA ASP C 95 -12.01 16.06 24.49
C ASP C 95 -13.23 16.97 24.34
N THR C 96 -14.44 16.44 24.57
CA THR C 96 -15.65 17.26 24.36
C THR C 96 -15.70 18.48 25.28
N ALA C 97 -15.34 18.34 26.55
CA ALA C 97 -15.36 19.47 27.47
C ALA C 97 -14.44 20.59 26.97
N HIS C 98 -13.30 20.22 26.40
CA HIS C 98 -12.30 21.18 25.99
C HIS C 98 -12.72 21.89 24.72
N SER C 99 -13.22 21.11 23.77
CA SER C 99 -13.78 21.63 22.57
C SER C 99 -14.87 22.67 22.91
N ILE C 100 -15.74 22.36 23.87
CA ILE C 100 -16.70 23.36 24.35
C ILE C 100 -16.02 24.63 24.87
N ARG C 101 -14.98 24.51 25.69
CA ARG C 101 -14.26 25.68 26.20
C ARG C 101 -13.66 26.52 25.07
N LEU C 102 -13.02 25.81 24.14
CA LEU C 102 -12.33 26.44 23.05
C LEU C 102 -13.29 27.17 22.10
N ALA C 103 -14.37 26.49 21.67
CA ALA C 103 -15.42 27.13 20.84
C ALA C 103 -15.93 28.44 21.47
N LYS C 104 -16.21 28.40 22.76
CA LYS C 104 -16.65 29.56 23.51
C LYS C 104 -15.61 30.69 23.53
N ALA C 105 -14.34 30.36 23.79
CA ALA C 105 -13.27 31.32 23.82
C ALA C 105 -13.08 31.98 22.47
N CYS C 106 -13.23 31.19 21.39
CA CYS C 106 -13.14 31.68 20.04
C CYS C 106 -14.28 32.60 19.70
N ALA C 107 -15.49 32.21 20.10
CA ALA C 107 -16.65 33.06 19.97
C ALA C 107 -16.42 34.38 20.73
N ALA C 108 -15.89 34.31 21.94
CA ALA C 108 -15.66 35.57 22.70
C ALA C 108 -14.60 36.45 22.06
N GLU C 109 -13.71 35.88 21.23
CA GLU C 109 -12.79 36.75 20.44
C GLU C 109 -13.37 37.34 19.18
N GLY C 110 -14.47 36.79 18.69
CA GLY C 110 -15.08 37.32 17.50
C GLY C 110 -14.83 36.49 16.28
N ALA C 111 -14.53 35.18 16.44
CA ALA C 111 -14.38 34.30 15.26
C ALA C 111 -15.65 34.34 14.43
N HIS C 112 -15.52 34.36 13.11
CA HIS C 112 -16.68 34.27 12.22
C HIS C 112 -17.30 32.87 12.14
N GLY C 113 -16.53 31.84 12.48
CA GLY C 113 -17.06 30.47 12.45
C GLY C 113 -16.07 29.55 13.11
N LEU C 114 -16.46 28.28 13.22
CA LEU C 114 -15.65 27.22 13.84
C LEU C 114 -15.43 26.03 12.91
N LEU C 115 -14.21 25.48 12.93
CA LEU C 115 -13.90 24.25 12.26
C LEU C 115 -13.65 23.22 13.35
N VAL C 116 -14.40 22.12 13.35
CA VAL C 116 -14.41 21.14 14.43
C VAL C 116 -14.10 19.75 13.86
N VAL C 117 -12.90 19.26 14.13
CA VAL C 117 -12.39 18.01 13.58
C VAL C 117 -13.01 16.84 14.32
N THR C 118 -13.09 15.70 13.65
CA THR C 118 -13.50 14.44 14.28
C THR C 118 -12.51 14.10 15.37
N PRO C 119 -13.01 13.90 16.61
CA PRO C 119 -12.16 13.36 17.65
C PRO C 119 -11.21 12.29 17.17
N TYR C 120 -9.92 12.48 17.44
CA TYR C 120 -8.90 11.57 16.96
C TYR C 120 -8.45 10.63 18.05
N TYR C 121 -7.74 9.59 17.60
CA TYR C 121 -6.99 8.67 18.45
C TYR C 121 -7.87 7.70 19.25
N SER C 122 -8.85 8.25 19.98
CA SER C 122 -9.64 7.47 20.93
C SER C 122 -10.77 6.63 20.29
N LYS C 123 -11.05 6.86 19.02
CA LYS C 123 -12.03 6.07 18.23
C LYS C 123 -13.42 5.93 18.84
N PRO C 124 -14.10 7.07 19.02
CA PRO C 124 -15.41 6.91 19.66
C PRO C 124 -16.42 6.32 18.66
N PRO C 125 -17.47 5.64 19.16
CA PRO C 125 -18.55 5.23 18.26
C PRO C 125 -19.29 6.43 17.64
N GLN C 126 -20.02 6.20 16.56
CA GLN C 126 -20.80 7.23 15.91
C GLN C 126 -21.72 8.02 16.83
N ARG C 127 -22.33 7.36 17.81
CA ARG C 127 -23.25 8.07 18.71
C ARG C 127 -22.49 9.00 19.63
N GLY C 128 -21.27 8.63 20.01
CA GLY C 128 -20.42 9.54 20.78
C GLY C 128 -20.02 10.73 19.93
N LEU C 129 -19.78 10.51 18.64
CA LEU C 129 -19.40 11.60 17.73
C LEU C 129 -20.54 12.57 17.61
N GLN C 130 -21.77 12.05 17.51
CA GLN C 130 -22.96 12.88 17.32
C GLN C 130 -23.19 13.72 18.56
N ALA C 131 -23.09 13.09 19.73
CA ALA C 131 -23.15 13.76 21.01
C ALA C 131 -22.08 14.84 21.13
N HIS C 132 -20.85 14.52 20.75
CA HIS C 132 -19.75 15.47 20.78
C HIS C 132 -19.98 16.72 19.90
N PHE C 133 -20.25 16.51 18.62
CA PHE C 133 -20.48 17.60 17.65
C PHE C 133 -21.73 18.39 18.00
N THR C 134 -22.74 17.72 18.56
CA THR C 134 -23.97 18.42 19.03
C THR C 134 -23.63 19.33 20.21
N ALA C 135 -22.88 18.81 21.18
CA ALA C 135 -22.48 19.57 22.34
C ALA C 135 -21.64 20.80 21.97
N VAL C 136 -20.75 20.65 20.99
CA VAL C 136 -19.95 21.79 20.54
C VAL C 136 -20.80 22.80 19.77
N ALA C 137 -21.67 22.32 18.89
CA ALA C 137 -22.66 23.17 18.20
C ALA C 137 -23.54 23.94 19.18
N ASP C 138 -23.88 23.31 20.30
CA ASP C 138 -24.73 23.96 21.32
C ASP C 138 -23.98 25.05 22.14
N ALA C 139 -22.65 25.05 22.08
CA ALA C 139 -21.81 25.91 22.91
C ALA C 139 -21.86 27.41 22.57
N THR C 140 -22.01 27.73 21.30
CA THR C 140 -22.01 29.14 20.85
C THR C 140 -23.01 29.29 19.73
N GLU C 141 -23.22 30.54 19.29
CA GLU C 141 -24.09 30.83 18.14
C GLU C 141 -23.37 30.78 16.78
N LEU C 142 -22.07 30.45 16.78
CA LEU C 142 -21.27 30.48 15.55
C LEU C 142 -21.56 29.34 14.55
N PRO C 143 -21.47 29.68 13.25
CA PRO C 143 -21.52 28.68 12.19
C PRO C 143 -20.38 27.64 12.33
N MET C 144 -20.72 26.36 12.24
CA MET C 144 -19.70 25.32 12.42
C MET C 144 -19.53 24.41 11.23
N LEU C 145 -18.29 24.19 10.81
CA LEU C 145 -18.00 23.11 9.84
C LEU C 145 -17.49 21.90 10.61
N LEU C 146 -17.99 20.71 10.24
CA LEU C 146 -17.41 19.41 10.65
C LEU C 146 -16.21 19.13 9.76
N TYR C 147 -15.16 18.55 10.32
CA TYR C 147 -13.96 18.30 9.58
C TYR C 147 -13.70 16.79 9.63
N ASP C 148 -14.06 16.15 8.52
CA ASP C 148 -14.04 14.71 8.35
C ASP C 148 -12.70 14.28 7.76
N ILE C 149 -11.85 13.68 8.61
CA ILE C 149 -10.50 13.30 8.17
C ILE C 149 -10.13 11.97 8.83
N PRO C 150 -10.75 10.88 8.34
CA PRO C 150 -10.63 9.59 8.97
C PRO C 150 -9.21 9.05 8.88
N GLY C 151 -8.50 9.40 7.80
CA GLY C 151 -7.08 9.04 7.64
C GLY C 151 -6.21 9.54 8.80
N ARG C 152 -6.58 10.67 9.41
CA ARG C 152 -5.86 11.20 10.59
C ARG C 152 -6.53 10.85 11.91
N SER C 153 -7.86 11.00 11.93
CA SER C 153 -8.63 10.82 13.16
C SER C 153 -8.83 9.36 13.54
N ALA C 154 -8.74 8.49 12.55
CA ALA C 154 -8.85 7.04 12.70
C ALA C 154 -10.31 6.52 12.78
N VAL C 155 -11.30 7.41 12.64
CA VAL C 155 -12.74 7.08 12.43
C VAL C 155 -13.36 8.12 11.47
N PRO C 156 -14.33 7.68 10.65
CA PRO C 156 -15.05 8.60 9.80
C PRO C 156 -16.29 9.18 10.50
N ILE C 157 -16.77 10.34 10.03
CA ILE C 157 -18.16 10.69 10.32
C ILE C 157 -18.98 10.00 9.22
N GLU C 158 -19.66 8.93 9.61
CA GLU C 158 -20.48 8.21 8.68
C GLU C 158 -21.58 9.12 8.13
N PRO C 159 -22.03 8.84 6.90
CA PRO C 159 -23.08 9.63 6.23
C PRO C 159 -24.34 9.87 7.09
N ASP C 160 -24.89 8.84 7.70
CA ASP C 160 -26.09 9.00 8.52
C ASP C 160 -25.85 9.84 9.78
N THR C 161 -24.66 9.74 10.37
CA THR C 161 -24.23 10.72 11.38
C THR C 161 -24.21 12.16 10.81
N ILE C 162 -23.67 12.34 9.61
CA ILE C 162 -23.61 13.68 8.98
C ILE C 162 -25.03 14.20 8.76
N ARG C 163 -25.90 13.33 8.22
CA ARG C 163 -27.30 13.66 8.01
C ARG C 163 -28.03 14.06 9.28
N ALA C 164 -27.86 13.27 10.34
CA ALA C 164 -28.39 13.60 11.65
C ALA C 164 -27.96 15.00 12.11
N LEU C 165 -26.67 15.30 11.96
CA LEU C 165 -26.11 16.54 12.47
C LEU C 165 -26.56 17.79 11.69
N ALA C 166 -26.87 17.62 10.40
CA ALA C 166 -27.36 18.67 9.52
C ALA C 166 -28.60 19.38 10.06
N SER C 167 -29.36 18.72 10.92
CA SER C 167 -30.55 19.37 11.46
C SER C 167 -30.15 20.39 12.53
N HIS C 168 -28.92 20.35 13.02
CA HIS C 168 -28.52 21.40 13.97
C HIS C 168 -28.40 22.71 13.19
N PRO C 169 -29.10 23.76 13.66
CA PRO C 169 -29.04 25.01 12.87
C PRO C 169 -27.63 25.59 12.74
N ASN C 170 -26.70 25.24 13.64
CA ASN C 170 -25.37 25.84 13.62
C ASN C 170 -24.35 25.00 12.90
N ILE C 171 -24.74 23.81 12.43
CA ILE C 171 -23.84 22.97 11.64
C ILE C 171 -24.14 23.17 10.19
N VAL C 172 -23.29 23.94 9.52
CA VAL C 172 -23.66 24.46 8.23
C VAL C 172 -22.86 23.83 7.08
N GLY C 173 -21.87 22.98 7.42
CA GLY C 173 -21.01 22.40 6.38
C GLY C 173 -19.97 21.40 6.85
N VAL C 174 -19.17 20.92 5.91
CA VAL C 174 -18.18 19.87 6.13
C VAL C 174 -16.88 20.22 5.35
N KPI C 175 -15.73 20.23 6.03
CA KPI C 175 -14.42 20.16 5.39
CB KPI C 175 -13.38 20.92 6.23
CG KPI C 175 -11.98 20.83 5.63
CD KPI C 175 -10.91 21.48 6.50
CE KPI C 175 -9.51 21.37 5.91
NZ KPI C 175 -8.50 21.62 6.95
CX1 KPI C 175 -7.21 21.69 6.84
C1 KPI C 175 -6.59 21.54 5.48
CX2 KPI C 175 -6.39 21.95 8.03
O1 KPI C 175 -5.14 21.84 7.99
O2 KPI C 175 -6.94 22.28 9.09
C KPI C 175 -14.14 18.68 5.18
O KPI C 175 -13.94 17.93 6.13
N ASP C 176 -14.20 18.24 3.93
CA ASP C 176 -14.11 16.82 3.63
C ASP C 176 -12.70 16.50 3.10
N ALA C 177 -11.99 15.66 3.85
CA ALA C 177 -10.70 15.14 3.50
C ALA C 177 -10.85 13.61 3.42
N LYS C 178 -11.92 13.15 2.79
CA LYS C 178 -12.28 11.73 2.80
C LYS C 178 -12.50 11.13 1.39
N ALA C 179 -12.55 11.95 0.34
CA ALA C 179 -12.60 11.43 -1.05
C ALA C 179 -13.87 10.68 -1.50
N ASP C 180 -14.92 10.76 -0.67
CA ASP C 180 -16.26 10.22 -0.93
C ASP C 180 -17.08 11.18 -1.79
N LEU C 181 -16.68 11.28 -3.06
CA LEU C 181 -17.09 12.38 -3.93
C LEU C 181 -18.56 12.31 -4.24
N HIS C 182 -19.01 11.21 -4.84
CA HIS C 182 -20.41 11.09 -5.23
C HIS C 182 -21.36 10.98 -4.06
N SER C 183 -20.91 10.30 -3.01
CA SER C 183 -21.67 10.24 -1.76
C SER C 183 -21.79 11.62 -1.05
N GLY C 184 -20.75 12.42 -1.11
CA GLY C 184 -20.84 13.81 -0.67
C GLY C 184 -21.81 14.62 -1.53
N ALA C 185 -21.76 14.45 -2.86
CA ALA C 185 -22.76 15.06 -3.76
C ALA C 185 -24.21 14.80 -3.28
N GLN C 186 -24.44 13.56 -2.86
CA GLN C 186 -25.77 13.15 -2.44
C GLN C 186 -26.12 13.83 -1.10
N ILE C 187 -25.15 13.90 -0.21
CA ILE C 187 -25.38 14.51 1.11
C ILE C 187 -25.71 16.02 0.94
N MET C 188 -24.92 16.70 0.13
CA MET C 188 -25.17 18.08 -0.21
C MET C 188 -26.60 18.31 -0.71
N ALA C 189 -27.02 17.49 -1.67
CA ALA C 189 -28.31 17.64 -2.34
C ALA C 189 -29.41 17.41 -1.33
N ASP C 190 -29.26 16.33 -0.55
CA ASP C 190 -30.23 15.94 0.45
C ASP C 190 -30.37 16.95 1.60
N THR C 191 -29.25 17.50 2.06
CA THR C 191 -29.26 18.25 3.33
C THR C 191 -29.01 19.73 3.21
N GLY C 192 -28.45 20.15 2.10
CA GLY C 192 -28.06 21.57 1.91
C GLY C 192 -26.77 21.93 2.62
N LEU C 193 -26.14 20.96 3.28
CA LEU C 193 -24.84 21.21 3.92
C LEU C 193 -23.82 21.67 2.89
N ALA C 194 -22.99 22.61 3.29
CA ALA C 194 -21.96 23.14 2.41
C ALA C 194 -20.65 22.40 2.58
N TYR C 195 -20.15 21.85 1.48
CA TYR C 195 -18.87 21.16 1.46
C TYR C 195 -17.70 22.04 1.00
N TYR C 196 -16.58 21.90 1.72
CA TYR C 196 -15.29 22.48 1.32
C TYR C 196 -14.30 21.33 1.14
N SER C 197 -13.50 21.44 0.10
CA SER C 197 -12.41 20.48 -0.14
C SER C 197 -11.32 20.68 0.94
N GLY C 198 -11.01 19.57 1.63
CA GLY C 198 -9.93 19.57 2.61
C GLY C 198 -8.71 18.85 2.05
N ASP C 199 -8.68 18.66 0.74
CA ASP C 199 -7.61 17.97 0.05
C ASP C 199 -7.42 18.64 -1.33
N ASP C 200 -6.26 19.30 -1.48
CA ASP C 200 -5.95 20.02 -2.70
C ASP C 200 -5.93 19.13 -3.94
N ALA C 201 -5.62 17.86 -3.76
CA ALA C 201 -5.65 16.94 -4.87
C ALA C 201 -7.07 16.80 -5.41
N LEU C 202 -8.07 17.07 -4.58
CA LEU C 202 -9.45 16.86 -5.00
C LEU C 202 -10.28 18.16 -5.14
N ASN C 203 -9.60 19.29 -5.14
CA ASN C 203 -10.27 20.60 -5.22
C ASN C 203 -11.30 20.63 -6.33
N LEU C 204 -10.85 20.38 -7.56
CA LEU C 204 -11.75 20.49 -8.70
C LEU C 204 -12.85 19.41 -8.70
N PRO C 205 -12.50 18.14 -8.41
CA PRO C 205 -13.55 17.11 -8.25
C PRO C 205 -14.63 17.51 -7.24
N TRP C 206 -14.24 18.13 -6.12
CA TRP C 206 -15.24 18.58 -5.15
C TRP C 206 -16.14 19.64 -5.78
N LEU C 207 -15.55 20.51 -6.60
CA LEU C 207 -16.39 21.54 -7.27
C LEU C 207 -17.41 20.87 -8.13
N ARG C 208 -16.97 19.91 -8.95
CA ARG C 208 -17.93 19.13 -9.75
C ARG C 208 -19.00 18.46 -8.89
N MET C 209 -18.72 18.22 -7.59
CA MET C 209 -19.70 17.51 -6.74
C MET C 209 -20.72 18.51 -6.16
N GLY C 210 -20.41 19.80 -6.19
CA GLY C 210 -21.33 20.83 -5.69
C GLY C 210 -20.73 21.55 -4.50
N ALA C 211 -19.41 21.41 -4.34
CA ALA C 211 -18.72 21.99 -3.19
C ALA C 211 -18.69 23.52 -3.23
N THR C 212 -18.70 24.12 -2.06
CA THR C 212 -18.75 25.58 -1.99
C THR C 212 -17.38 26.15 -2.22
N GLY C 213 -16.33 25.41 -1.87
CA GLY C 213 -14.99 25.97 -2.04
C GLY C 213 -13.93 25.12 -1.42
N PHE C 214 -12.82 25.78 -1.05
CA PHE C 214 -11.62 25.09 -0.56
C PHE C 214 -11.18 25.64 0.79
N ILE C 215 -10.81 24.73 1.68
CA ILE C 215 -9.95 25.06 2.80
C ILE C 215 -8.63 24.37 2.51
N SER C 216 -7.70 25.17 2.03
CA SER C 216 -6.53 24.76 1.28
C SER C 216 -5.22 24.87 2.08
N VAL C 217 -4.29 24.00 1.77
CA VAL C 217 -2.91 24.13 2.19
C VAL C 217 -2.09 24.88 1.13
N ILE C 218 -2.22 24.49 -0.15
CA ILE C 218 -1.36 25.07 -1.21
C ILE C 218 -1.70 26.55 -1.54
N ALA C 219 -2.87 27.02 -1.12
CA ALA C 219 -3.24 28.43 -1.19
C ALA C 219 -2.19 29.33 -0.49
N HIS C 220 -1.43 28.77 0.47
CA HIS C 220 -0.31 29.52 1.04
C HIS C 220 0.59 30.09 -0.06
N LEU C 221 0.76 29.29 -1.13
CA LEU C 221 1.76 29.59 -2.15
C LEU C 221 1.10 29.92 -3.47
N ALA C 222 -0.13 29.47 -3.66
CA ALA C 222 -0.75 29.63 -4.98
C ALA C 222 -2.21 30.08 -4.90
N ALA C 223 -2.49 31.00 -3.98
CA ALA C 223 -3.86 31.49 -3.77
C ALA C 223 -4.49 32.02 -5.05
N GLY C 224 -3.68 32.71 -5.85
CA GLY C 224 -4.17 33.42 -7.01
C GLY C 224 -4.72 32.46 -8.04
N GLN C 225 -3.92 31.44 -8.38
CA GLN C 225 -4.37 30.38 -9.28
C GLN C 225 -5.63 29.66 -8.79
N LEU C 226 -5.70 29.45 -7.48
CA LEU C 226 -6.87 28.82 -6.85
C LEU C 226 -8.10 29.71 -6.87
N ARG C 227 -7.89 31.03 -6.72
CA ARG C 227 -9.00 31.96 -6.87
C ARG C 227 -9.45 31.91 -8.31
N GLU C 228 -8.50 31.90 -9.23
CA GLU C 228 -8.83 31.86 -10.66
C GLU C 228 -9.58 30.57 -11.02
N LEU C 229 -9.26 29.47 -10.34
CA LEU C 229 -9.86 28.16 -10.59
C LEU C 229 -11.33 28.15 -10.13
N LEU C 230 -11.58 28.60 -8.90
CA LEU C 230 -12.93 28.74 -8.35
C LEU C 230 -13.77 29.68 -9.23
N SER C 231 -13.17 30.79 -9.60
CA SER C 231 -13.91 31.76 -10.41
C SER C 231 -14.26 31.20 -11.78
N ALA C 232 -13.29 30.58 -12.45
CA ALA C 232 -13.54 29.95 -13.76
C ALA C 232 -14.61 28.85 -13.63
N PHE C 233 -14.42 27.88 -12.72
CA PHE C 233 -15.51 26.92 -12.42
C PHE C 233 -16.91 27.54 -12.17
N GLY C 234 -17.00 28.54 -11.30
CA GLY C 234 -18.32 29.07 -10.92
C GLY C 234 -19.08 29.61 -12.14
N SER C 235 -18.33 29.96 -13.19
CA SER C 235 -18.91 30.51 -14.42
C SER C 235 -19.12 29.47 -15.51
N GLY C 236 -18.77 28.22 -15.23
CA GLY C 236 -19.00 27.15 -16.19
C GLY C 236 -17.82 26.91 -17.10
N ASP C 237 -16.69 27.59 -16.87
CA ASP C 237 -15.52 27.42 -17.71
C ASP C 237 -14.62 26.34 -17.12
N ILE C 238 -15.13 25.10 -17.17
CA ILE C 238 -14.41 23.94 -16.66
C ILE C 238 -13.03 23.79 -17.32
N ALA C 239 -12.97 24.02 -18.63
CA ALA C 239 -11.74 23.96 -19.43
C ALA C 239 -10.59 24.73 -18.75
N THR C 240 -10.85 25.99 -18.47
CA THR C 240 -9.91 26.83 -17.75
C THR C 240 -9.63 26.27 -16.35
N ALA C 241 -10.68 25.95 -15.59
CA ALA C 241 -10.50 25.27 -14.27
C ALA C 241 -9.50 24.11 -14.37
N ARG C 242 -9.69 23.30 -15.41
CA ARG C 242 -8.96 22.09 -15.71
C ARG C 242 -7.49 22.37 -15.99
N LYS C 243 -7.26 23.36 -16.86
CA LYS C 243 -5.95 23.91 -17.20
C LYS C 243 -5.25 24.35 -15.91
N ILE C 244 -5.95 25.10 -15.06
CA ILE C 244 -5.37 25.62 -13.82
C ILE C 244 -5.07 24.49 -12.83
N ASN C 245 -6.01 23.56 -12.70
CA ASN C 245 -5.77 22.40 -11.84
C ASN C 245 -4.50 21.61 -12.19
N ILE C 246 -4.29 21.37 -13.48
CA ILE C 246 -3.05 20.75 -13.97
C ILE C 246 -1.78 21.51 -13.56
N ALA C 247 -1.82 22.82 -13.74
CA ALA C 247 -0.66 23.68 -13.57
C ALA C 247 -0.11 23.71 -12.14
N VAL C 248 -1.00 23.66 -11.15
CA VAL C 248 -0.60 23.64 -9.75
C VAL C 248 -0.30 22.23 -9.28
N ALA C 249 -0.49 21.23 -10.15
CA ALA C 249 -0.21 19.82 -9.80
C ALA C 249 1.13 19.57 -9.07
N PRO C 250 2.23 20.29 -9.45
CA PRO C 250 3.50 20.05 -8.71
C PRO C 250 3.40 20.37 -7.21
N LEU C 251 2.51 21.28 -6.83
CA LEU C 251 2.37 21.61 -5.42
C LEU C 251 1.70 20.47 -4.66
N CME C 252 0.80 19.74 -5.31
CA CME C 252 0.21 18.52 -4.76
CB CME C 252 -1.04 18.08 -5.52
SG CME C 252 -2.46 19.09 -5.18
SD CME C 252 -2.75 20.34 -6.76
CE CME C 252 -4.13 19.85 -7.75
CZ CME C 252 -3.60 18.90 -8.80
OH CME C 252 -3.73 17.56 -8.34
C CME C 252 1.21 17.37 -4.67
O CME C 252 1.15 16.58 -3.75
N ASN C 253 2.11 17.24 -5.64
CA ASN C 253 3.19 16.26 -5.49
C ASN C 253 4.03 16.55 -4.24
N ALA C 254 4.39 17.83 -4.07
CA ALA C 254 5.17 18.25 -2.92
C ALA C 254 4.40 18.02 -1.61
N MET C 255 3.08 18.21 -1.65
CA MET C 255 2.22 17.90 -0.50
C MET C 255 2.29 16.42 -0.10
N SER C 256 2.26 15.51 -1.09
CA SER C 256 2.43 14.06 -0.90
C SER C 256 3.74 13.76 -0.20
N ARG C 257 4.83 14.31 -0.70
CA ARG C 257 6.12 14.14 -0.02
C ARG C 257 6.19 14.76 1.39
N LEU C 258 5.69 15.99 1.57
CA LEU C 258 6.05 16.77 2.80
C LEU C 258 4.98 16.87 3.88
N GLY C 259 3.71 16.85 3.47
CA GLY C 259 2.62 17.15 4.38
C GLY C 259 2.54 18.66 4.49
N GLY C 260 1.35 19.16 4.85
CA GLY C 260 1.06 20.59 4.80
C GLY C 260 1.89 21.47 5.74
N VAL C 261 2.18 20.97 6.96
CA VAL C 261 2.94 21.77 7.92
C VAL C 261 4.37 22.03 7.43
N THR C 262 5.06 20.96 7.05
CA THR C 262 6.45 21.08 6.59
C THR C 262 6.52 21.86 5.28
N LEU C 263 5.63 21.52 4.33
CA LEU C 263 5.52 22.24 3.06
C LEU C 263 5.26 23.76 3.16
N SER C 264 4.26 24.13 3.96
CA SER C 264 3.86 25.53 4.03
C SER C 264 4.93 26.42 4.65
N LYS C 265 5.52 25.95 5.73
CA LYS C 265 6.59 26.70 6.38
C LYS C 265 7.84 26.91 5.49
N ALA C 266 8.20 25.86 4.74
CA ALA C 266 9.32 25.89 3.81
C ALA C 266 8.98 26.73 2.59
N GLY C 267 7.77 26.55 2.03
CA GLY C 267 7.34 27.25 0.81
C GLY C 267 7.23 28.74 1.00
N LEU C 268 6.69 29.16 2.14
CA LEU C 268 6.52 30.55 2.42
C LEU C 268 7.87 31.24 2.65
N ARG C 269 8.80 30.50 3.25
CA ARG C 269 10.15 31.02 3.43
C ARG C 269 10.79 31.22 2.07
N LEU C 270 10.68 30.21 1.21
CA LEU C 270 11.19 30.36 -0.16
C LEU C 270 10.61 31.60 -0.89
N GLN C 271 9.34 31.89 -0.67
CA GLN C 271 8.70 33.06 -1.30
C GLN C 271 9.01 34.35 -0.54
N GLY C 272 9.70 34.25 0.59
CA GLY C 272 10.18 35.44 1.26
C GLY C 272 9.37 35.87 2.46
N ILE C 273 8.46 35.01 2.93
CA ILE C 273 7.84 35.20 4.25
C ILE C 273 8.29 34.11 5.23
N ASP C 274 9.31 34.41 6.03
CA ASP C 274 9.82 33.45 6.99
C ASP C 274 8.81 33.31 8.15
N VAL C 275 8.37 32.10 8.40
CA VAL C 275 7.38 31.82 9.46
C VAL C 275 7.92 30.82 10.49
N GLY C 276 9.25 30.74 10.56
CA GLY C 276 9.88 29.80 11.52
C GLY C 276 9.73 28.34 11.13
N ASP C 277 9.91 27.44 12.08
CA ASP C 277 9.87 26.00 11.81
C ASP C 277 8.74 25.33 12.57
N PRO C 278 8.38 24.09 12.18
CA PRO C 278 7.38 23.35 12.94
C PRO C 278 7.85 23.03 14.36
N ARG C 279 6.90 22.77 15.24
CA ARG C 279 7.21 22.22 16.57
C ARG C 279 7.17 20.70 16.58
N LEU C 280 8.13 20.09 17.29
CA LEU C 280 8.16 18.65 17.49
C LEU C 280 6.81 18.18 18.02
N PRO C 281 6.29 17.06 17.47
CA PRO C 281 7.05 16.13 16.64
C PRO C 281 7.05 16.36 15.11
N GLN C 282 6.51 17.49 14.64
CA GLN C 282 6.63 17.86 13.23
C GLN C 282 8.05 18.41 12.97
N VAL C 283 8.55 18.32 11.73
CA VAL C 283 9.95 18.71 11.49
C VAL C 283 10.12 19.66 10.32
N ALA C 284 11.22 20.41 10.34
CA ALA C 284 11.52 21.32 9.24
C ALA C 284 12.01 20.53 8.00
N ALA C 285 11.64 21.01 6.80
CA ALA C 285 12.18 20.47 5.55
C ALA C 285 13.73 20.43 5.60
N THR C 286 14.32 19.31 5.18
CA THR C 286 15.77 19.20 5.00
C THR C 286 16.21 20.07 3.81
N PRO C 287 17.52 20.37 3.73
CA PRO C 287 17.98 21.15 2.59
C PRO C 287 17.58 20.49 1.22
N GLU C 288 17.65 19.18 1.11
CA GLU C 288 17.26 18.51 -0.16
C GLU C 288 15.76 18.62 -0.40
N GLN C 289 14.95 18.47 0.64
CA GLN C 289 13.50 18.69 0.51
C GLN C 289 13.20 20.11 0.02
N ILE C 290 13.97 21.08 0.49
CA ILE C 290 13.78 22.47 0.08
C ILE C 290 14.06 22.65 -1.41
N ASP C 291 15.20 22.13 -1.89
CA ASP C 291 15.52 22.14 -3.30
C ASP C 291 14.43 21.49 -4.13
N ALA C 292 13.94 20.33 -3.70
CA ALA C 292 12.85 19.61 -4.40
C ALA C 292 11.55 20.41 -4.36
N LEU C 293 11.21 20.99 -3.20
CA LEU C 293 10.04 21.84 -3.09
C LEU C 293 10.15 23.05 -4.03
N ALA C 294 11.33 23.65 -4.06
CA ALA C 294 11.56 24.84 -4.87
C ALA C 294 11.32 24.54 -6.36
N ALA C 295 11.80 23.40 -6.84
CA ALA C 295 11.59 23.00 -8.23
C ALA C 295 10.11 22.79 -8.56
N ASP C 296 9.33 22.20 -7.65
CA ASP C 296 7.86 22.15 -7.84
C ASP C 296 7.24 23.55 -7.83
N MET C 297 7.71 24.42 -6.94
CA MET C 297 7.18 25.76 -6.87
C MET C 297 7.43 26.58 -8.14
N ARG C 298 8.64 26.46 -8.72
N ARG C 298 8.64 26.48 -8.71
CA ARG C 298 8.99 27.12 -9.99
CA ARG C 298 8.95 27.12 -9.99
C ARG C 298 8.26 26.45 -11.16
C ARG C 298 8.12 26.48 -11.08
N ALA C 299 8.00 25.16 -11.04
CA ALA C 299 7.20 24.43 -12.02
C ALA C 299 5.70 24.79 -11.93
N ALA C 300 5.24 25.25 -10.76
CA ALA C 300 3.85 25.65 -10.59
C ALA C 300 3.66 27.12 -10.76
N SER C 301 4.78 27.81 -11.01
CA SER C 301 4.80 29.24 -11.36
C SER C 301 4.65 30.15 -10.15
N VAL C 302 5.00 29.62 -8.98
CA VAL C 302 4.88 30.35 -7.73
C VAL C 302 6.24 30.67 -7.08
N LEU C 303 7.29 30.78 -7.93
CA LEU C 303 8.66 31.10 -7.51
C LEU C 303 9.48 31.37 -8.78
N ARG C 304 10.40 32.34 -8.73
CA ARG C 304 11.36 32.56 -9.81
C ARG C 304 12.65 31.73 -9.63
N PHE D 10 19.27 -4.94 33.78
CA PHE D 10 17.87 -4.40 33.87
C PHE D 10 16.80 -5.49 33.60
N ASP D 11 16.09 -5.84 34.66
CA ASP D 11 15.11 -6.91 34.62
C ASP D 11 13.73 -6.32 34.31
N VAL D 12 13.30 -6.40 33.05
CA VAL D 12 12.03 -5.81 32.61
C VAL D 12 10.82 -6.41 33.35
N ALA D 13 10.80 -7.74 33.46
CA ALA D 13 9.74 -8.46 34.15
C ALA D 13 9.58 -7.94 35.57
N ALA D 14 10.70 -7.85 36.29
CA ALA D 14 10.69 -7.39 37.68
C ALA D 14 10.32 -5.92 37.80
N ARG D 15 10.81 -5.11 36.86
CA ARG D 15 10.72 -3.64 36.95
C ARG D 15 9.43 -3.04 36.39
N LEU D 16 8.92 -3.64 35.32
CA LEU D 16 7.67 -3.20 34.70
C LEU D 16 6.52 -4.14 34.96
N GLY D 17 6.81 -5.42 35.11
CA GLY D 17 5.77 -6.45 35.34
C GLY D 17 5.57 -7.38 34.14
N THR D 18 4.59 -8.29 34.25
CA THR D 18 4.34 -9.29 33.21
C THR D 18 2.86 -9.29 32.80
N LEU D 19 1.97 -9.16 33.78
CA LEU D 19 0.57 -8.91 33.48
C LEU D 19 0.22 -7.55 34.06
N LEU D 20 -0.04 -6.59 33.16
CA LEU D 20 -0.49 -5.26 33.54
C LEU D 20 -1.89 -5.02 32.96
N THR D 21 -2.72 -4.35 33.73
CA THR D 21 -3.97 -3.83 33.17
C THR D 21 -3.67 -2.39 32.79
N ALA D 22 -4.12 -2.02 31.60
CA ALA D 22 -4.22 -0.63 31.25
C ALA D 22 -5.50 -0.14 31.88
N MET D 23 -5.39 0.39 33.11
CA MET D 23 -6.54 0.58 33.99
C MET D 23 -7.48 1.69 33.57
N VAL D 24 -8.80 1.46 33.73
CA VAL D 24 -9.74 2.57 33.54
C VAL D 24 -9.54 3.63 34.63
N THR D 25 -9.93 4.85 34.31
CA THR D 25 -10.01 5.92 35.28
C THR D 25 -11.47 6.05 35.74
N PRO D 26 -11.76 5.66 36.99
CA PRO D 26 -13.12 5.81 37.53
C PRO D 26 -13.49 7.28 37.64
N PHE D 27 -14.71 7.63 37.20
CA PHE D 27 -15.29 8.96 37.47
C PHE D 27 -16.55 8.81 38.32
N SER D 28 -16.78 9.79 39.20
CA SER D 28 -17.99 9.83 40.03
C SER D 28 -19.21 10.14 39.18
N GLY D 29 -20.39 10.11 39.80
CA GLY D 29 -21.62 10.30 39.07
C GLY D 29 -21.68 11.68 38.44
N ASP D 30 -21.04 12.66 39.11
CA ASP D 30 -20.92 14.00 38.53
C ASP D 30 -19.78 14.15 37.51
N GLY D 31 -19.07 13.07 37.21
CA GLY D 31 -18.05 13.10 36.16
C GLY D 31 -16.61 13.29 36.59
N SER D 32 -16.42 13.64 37.87
CA SER D 32 -15.09 14.01 38.37
C SER D 32 -14.27 12.78 38.74
N LEU D 33 -12.96 12.94 38.75
CA LEU D 33 -12.05 11.86 39.09
C LEU D 33 -12.45 11.18 40.42
N ASP D 34 -12.53 9.85 40.43
CA ASP D 34 -12.92 9.11 41.65
C ASP D 34 -11.74 8.26 42.07
N THR D 35 -10.88 8.81 42.94
CA THR D 35 -9.64 8.10 43.30
C THR D 35 -9.84 6.94 44.28
N ALA D 36 -10.91 7.00 45.08
CA ALA D 36 -11.18 5.95 46.06
C ALA D 36 -11.60 4.66 45.35
N THR D 37 -12.42 4.79 44.31
CA THR D 37 -12.79 3.66 43.49
C THR D 37 -11.54 3.20 42.70
N ALA D 38 -10.72 4.16 42.27
CA ALA D 38 -9.46 3.88 41.58
C ALA D 38 -8.53 2.97 42.36
N ALA D 39 -8.33 3.31 43.64
CA ALA D 39 -7.52 2.53 44.60
C ALA D 39 -8.12 1.16 44.86
N ARG D 40 -9.43 1.10 44.92
CA ARG D 40 -10.10 -0.16 45.09
C ARG D 40 -9.98 -1.05 43.82
N LEU D 41 -10.08 -0.44 42.64
CA LEU D 41 -9.93 -1.19 41.40
C LEU D 41 -8.49 -1.68 41.33
N ALA D 42 -7.53 -0.80 41.60
CA ALA D 42 -6.11 -1.15 41.51
C ALA D 42 -5.83 -2.37 42.38
N ASN D 43 -6.25 -2.28 43.64
CA ASN D 43 -6.12 -3.38 44.61
C ASN D 43 -6.73 -4.71 44.15
N HIS D 44 -7.95 -4.62 43.60
CA HIS D 44 -8.70 -5.76 43.06
C HIS D 44 -7.88 -6.40 41.92
N LEU D 45 -7.40 -5.58 41.00
CA LEU D 45 -6.64 -6.09 39.88
C LEU D 45 -5.32 -6.74 40.33
N VAL D 46 -4.66 -6.17 41.33
CA VAL D 46 -3.40 -6.74 41.75
C VAL D 46 -3.71 -8.04 42.47
N ASP D 47 -4.78 -8.03 43.27
CA ASP D 47 -5.15 -9.25 44.00
C ASP D 47 -5.52 -10.35 43.02
N GLN D 48 -6.01 -9.98 41.85
CA GLN D 48 -6.48 -10.98 40.87
C GLN D 48 -5.36 -11.61 40.05
N GLY D 49 -4.13 -11.17 40.27
CA GLY D 49 -3.01 -11.71 39.50
C GLY D 49 -2.18 -10.73 38.69
N CYS D 50 -2.64 -9.48 38.54
CA CYS D 50 -1.82 -8.43 37.92
C CYS D 50 -0.61 -8.07 38.75
N ASP D 51 0.57 -7.99 38.14
CA ASP D 51 1.75 -7.52 38.89
C ASP D 51 2.20 -6.09 38.51
N GLY D 52 1.49 -5.47 37.57
CA GLY D 52 1.72 -4.08 37.17
C GLY D 52 0.40 -3.41 36.78
N LEU D 53 0.41 -2.08 36.70
CA LEU D 53 -0.76 -1.37 36.17
C LEU D 53 -0.28 -0.20 35.34
N VAL D 54 -0.97 0.08 34.23
CA VAL D 54 -0.70 1.30 33.48
C VAL D 54 -1.83 2.28 33.74
N VAL D 55 -1.49 3.46 34.23
CA VAL D 55 -2.47 4.51 34.49
C VAL D 55 -2.43 5.58 33.43
N SER D 56 -3.62 6.10 33.12
CA SER D 56 -3.82 7.05 32.03
C SER D 56 -3.25 6.55 30.68
N GLY D 57 -3.59 5.32 30.32
CA GLY D 57 -3.31 4.84 28.96
C GLY D 57 -4.51 5.20 28.09
N THR D 58 -4.64 4.58 26.93
CA THR D 58 -5.81 4.80 26.12
C THR D 58 -7.09 4.40 26.88
N THR D 59 -7.07 3.20 27.47
CA THR D 59 -8.19 2.66 28.23
C THR D 59 -8.50 3.52 29.47
N GLY D 60 -7.50 4.25 29.96
CA GLY D 60 -7.71 5.17 31.10
C GLY D 60 -8.19 6.53 30.65
N GLU D 61 -8.67 6.64 29.41
CA GLU D 61 -9.21 7.90 28.91
C GLU D 61 -8.20 9.05 29.05
N SER D 62 -6.93 8.78 28.72
CA SER D 62 -5.91 9.83 28.67
C SER D 62 -6.38 11.13 27.94
N PRO D 63 -7.19 11.00 26.85
CA PRO D 63 -7.62 12.19 26.10
C PRO D 63 -8.57 13.17 26.80
N THR D 64 -9.28 12.73 27.84
CA THR D 64 -10.31 13.59 28.44
C THR D 64 -10.06 13.94 29.89
N THR D 65 -8.89 13.61 30.42
CA THR D 65 -8.50 14.00 31.78
C THR D 65 -7.43 15.06 31.69
N THR D 66 -7.32 15.91 32.71
CA THR D 66 -6.34 16.99 32.75
C THR D 66 -5.01 16.40 33.25
N ASP D 67 -3.93 17.16 33.10
CA ASP D 67 -2.66 16.82 33.72
C ASP D 67 -2.86 16.62 35.23
N GLY D 68 -3.64 17.51 35.86
CA GLY D 68 -3.93 17.45 37.29
C GLY D 68 -4.60 16.15 37.71
N GLU D 69 -5.60 15.74 36.93
CA GLU D 69 -6.28 14.46 37.16
C GLU D 69 -5.34 13.26 37.04
N LYS D 70 -4.46 13.31 36.05
CA LYS D 70 -3.50 12.24 35.76
C LYS D 70 -2.51 12.04 36.89
N ILE D 71 -1.88 13.14 37.34
CA ILE D 71 -1.02 13.08 38.52
C ILE D 71 -1.73 12.62 39.81
N GLU D 72 -2.94 13.11 40.02
CA GLU D 72 -3.78 12.72 41.16
C GLU D 72 -4.14 11.23 41.19
N LEU D 73 -4.51 10.69 40.01
CA LEU D 73 -4.76 9.28 39.83
C LEU D 73 -3.48 8.48 40.05
N LEU D 74 -2.39 8.94 39.44
CA LEU D 74 -1.11 8.28 39.61
C LEU D 74 -0.75 8.19 41.10
N ARG D 75 -0.88 9.31 41.80
CA ARG D 75 -0.63 9.39 43.24
C ARG D 75 -1.48 8.36 44.02
N ALA D 76 -2.75 8.22 43.66
CA ALA D 76 -3.64 7.30 44.38
C ALA D 76 -3.35 5.83 44.13
N VAL D 77 -3.02 5.49 42.88
CA VAL D 77 -2.70 4.12 42.52
C VAL D 77 -1.38 3.73 43.18
N LEU D 78 -0.40 4.63 43.15
CA LEU D 78 0.87 4.35 43.82
C LEU D 78 0.66 4.09 45.30
N GLU D 79 -0.21 4.90 45.93
CA GLU D 79 -0.50 4.71 47.34
C GLU D 79 -1.17 3.34 47.52
N ALA D 80 -2.18 3.05 46.68
CA ALA D 80 -2.91 1.77 46.83
C ALA D 80 -2.05 0.53 46.64
N VAL D 81 -1.24 0.49 45.58
CA VAL D 81 -0.59 -0.78 45.19
C VAL D 81 0.92 -0.71 44.92
N GLY D 82 1.47 0.51 44.86
CA GLY D 82 2.92 0.74 44.63
C GLY D 82 3.94 -0.13 45.38
N ASP D 83 3.60 -0.54 46.61
CA ASP D 83 4.50 -1.39 47.41
C ASP D 83 4.60 -2.83 46.90
N ARG D 84 3.55 -3.32 46.26
CA ARG D 84 3.52 -4.70 45.75
C ARG D 84 3.27 -4.87 44.23
N ALA D 85 3.16 -3.77 43.47
CA ALA D 85 2.95 -3.81 42.02
C ALA D 85 3.67 -2.65 41.34
N ARG D 86 4.01 -2.80 40.05
CA ARG D 86 4.65 -1.74 39.28
C ARG D 86 3.60 -0.79 38.67
N VAL D 87 3.79 0.51 38.84
CA VAL D 87 2.83 1.49 38.34
C VAL D 87 3.48 2.32 37.25
N ILE D 88 3.01 2.11 36.02
CA ILE D 88 3.55 2.78 34.82
C ILE D 88 2.59 3.85 34.43
N ALA D 89 3.10 5.04 34.12
CA ALA D 89 2.23 6.15 33.76
C ALA D 89 2.28 6.40 32.27
N GLY D 90 1.10 6.58 31.66
CA GLY D 90 1.01 7.05 30.29
C GLY D 90 1.45 8.51 30.28
N ALA D 91 2.41 8.85 29.43
CA ALA D 91 2.93 10.23 29.37
C ALA D 91 2.92 10.88 28.00
N GLY D 92 2.72 10.09 26.97
CA GLY D 92 2.86 10.64 25.63
C GLY D 92 1.58 11.16 25.02
N THR D 93 1.75 12.26 24.29
CA THR D 93 0.72 12.90 23.47
C THR D 93 1.32 13.20 22.07
N TYR D 94 0.56 13.93 21.26
CA TYR D 94 1.06 14.40 19.97
C TYR D 94 1.82 15.76 20.05
N ASP D 95 2.31 16.08 21.22
CA ASP D 95 2.97 17.35 21.48
C ASP D 95 4.18 16.99 22.33
N THR D 96 5.36 17.07 21.73
CA THR D 96 6.58 16.72 22.40
C THR D 96 6.82 17.55 23.69
N ALA D 97 6.58 18.87 23.65
CA ALA D 97 6.83 19.76 24.81
C ALA D 97 5.95 19.35 25.97
N HIS D 98 4.70 18.99 25.67
CA HIS D 98 3.74 18.58 26.65
C HIS D 98 4.12 17.23 27.25
N SER D 99 4.55 16.30 26.39
CA SER D 99 4.89 14.93 26.78
C SER D 99 6.05 14.97 27.76
N ILE D 100 7.05 15.78 27.43
CA ILE D 100 8.19 15.98 28.29
C ILE D 100 7.71 16.46 29.66
N ARG D 101 6.82 17.46 29.68
CA ARG D 101 6.32 17.97 31.00
C ARG D 101 5.61 16.88 31.78
N LEU D 102 4.82 16.07 31.07
CA LEU D 102 4.03 15.04 31.74
C LEU D 102 4.94 13.92 32.27
N ALA D 103 5.93 13.49 31.47
CA ALA D 103 6.93 12.52 31.92
C ALA D 103 7.61 12.96 33.21
N LYS D 104 8.02 14.23 33.21
CA LYS D 104 8.65 14.83 34.38
C LYS D 104 7.74 14.80 35.63
N ALA D 105 6.47 15.14 35.45
CA ALA D 105 5.51 15.16 36.56
C ALA D 105 5.25 13.75 37.09
N CYS D 106 5.22 12.78 36.16
CA CYS D 106 5.04 11.39 36.51
C CYS D 106 6.22 10.89 37.34
N ALA D 107 7.43 11.27 36.93
CA ALA D 107 8.63 10.82 37.60
C ALA D 107 8.70 11.41 38.99
N ALA D 108 8.35 12.70 39.13
CA ALA D 108 8.40 13.39 40.45
C ALA D 108 7.36 12.81 41.40
N GLU D 109 6.28 12.29 40.85
CA GLU D 109 5.21 11.69 41.62
C GLU D 109 5.61 10.28 42.06
N GLY D 110 6.68 9.73 41.47
CA GLY D 110 7.13 8.39 41.79
C GLY D 110 6.64 7.26 40.92
N ALA D 111 6.23 7.54 39.68
CA ALA D 111 5.90 6.47 38.73
C ALA D 111 7.06 5.47 38.56
N HIS D 112 6.77 4.17 38.39
CA HIS D 112 7.82 3.16 38.21
C HIS D 112 8.35 3.10 36.76
N GLY D 113 7.59 3.66 35.85
CA GLY D 113 7.98 3.74 34.46
C GLY D 113 6.98 4.55 33.66
N LEU D 114 7.24 4.65 32.37
CA LEU D 114 6.39 5.41 31.44
C LEU D 114 6.00 4.61 30.21
N LEU D 115 4.78 4.84 29.75
CA LEU D 115 4.28 4.29 28.49
C LEU D 115 4.04 5.53 27.60
N VAL D 116 4.63 5.52 26.42
CA VAL D 116 4.60 6.72 25.58
C VAL D 116 4.16 6.31 24.17
N VAL D 117 3.00 6.81 23.78
CA VAL D 117 2.38 6.48 22.51
C VAL D 117 2.96 7.30 21.35
N THR D 118 2.97 6.71 20.16
CA THR D 118 3.31 7.39 18.93
C THR D 118 2.40 8.57 18.79
N PRO D 119 2.95 9.79 18.58
CA PRO D 119 2.11 10.97 18.32
C PRO D 119 1.03 10.66 17.27
N TYR D 120 -0.22 10.92 17.63
CA TYR D 120 -1.38 10.55 16.81
C TYR D 120 -1.82 11.76 16.04
N TYR D 121 -2.60 11.53 14.98
CA TYR D 121 -3.34 12.53 14.22
C TYR D 121 -2.50 13.38 13.26
N SER D 122 -1.38 13.92 13.71
CA SER D 122 -0.61 14.83 12.89
C SER D 122 0.38 14.15 11.92
N LYS D 123 0.48 12.82 11.96
CA LYS D 123 1.36 12.02 11.11
C LYS D 123 2.77 12.59 10.91
N PRO D 124 3.58 12.61 11.99
CA PRO D 124 4.95 13.07 11.80
C PRO D 124 5.72 12.06 10.99
N PRO D 125 6.77 12.52 10.27
CA PRO D 125 7.68 11.58 9.64
C PRO D 125 8.41 10.77 10.71
N GLN D 126 9.01 9.67 10.28
CA GLN D 126 9.78 8.79 11.16
C GLN D 126 10.86 9.52 11.94
N ARG D 127 11.52 10.50 11.31
CA ARG D 127 12.58 11.29 11.98
C ARG D 127 12.01 12.20 13.08
N GLY D 128 10.72 12.55 12.98
CA GLY D 128 10.07 13.35 14.01
C GLY D 128 9.68 12.46 15.18
N LEU D 129 9.18 11.27 14.87
CA LEU D 129 9.03 10.22 15.94
C LEU D 129 10.29 9.93 16.71
N GLN D 130 11.40 9.76 15.97
CA GLN D 130 12.67 9.50 16.63
C GLN D 130 13.10 10.67 17.53
N ALA D 131 13.03 11.90 17.01
CA ALA D 131 13.34 13.06 17.84
C ALA D 131 12.37 13.19 19.00
N HIS D 132 11.06 12.99 18.75
CA HIS D 132 10.05 12.96 19.81
C HIS D 132 10.34 11.94 20.91
N PHE D 133 10.49 10.69 20.53
CA PHE D 133 10.68 9.65 21.54
C PHE D 133 11.97 9.85 22.32
N THR D 134 13.02 10.34 21.63
CA THR D 134 14.32 10.63 22.24
C THR D 134 14.21 11.76 23.27
N ALA D 135 13.50 12.84 22.89
CA ALA D 135 13.30 13.99 23.77
C ALA D 135 12.60 13.55 25.05
N VAL D 136 11.55 12.72 24.90
CA VAL D 136 10.80 12.22 26.09
C VAL D 136 11.63 11.29 26.98
N ALA D 137 12.40 10.40 26.37
CA ALA D 137 13.25 9.49 27.13
C ALA D 137 14.37 10.23 27.84
N ASP D 138 14.72 11.41 27.30
CA ASP D 138 15.78 12.23 27.84
C ASP D 138 15.29 13.01 29.04
N ALA D 139 13.97 13.15 29.17
CA ALA D 139 13.34 14.02 30.17
C ALA D 139 13.45 13.51 31.63
N THR D 140 13.55 12.20 31.81
CA THR D 140 13.56 11.56 33.13
C THR D 140 14.42 10.31 33.08
N GLU D 141 14.79 9.79 34.25
CA GLU D 141 15.56 8.55 34.32
C GLU D 141 14.71 7.27 34.32
N LEU D 142 13.40 7.39 34.11
CA LEU D 142 12.45 6.25 34.09
C LEU D 142 12.61 5.34 32.87
N PRO D 143 12.38 4.03 33.09
CA PRO D 143 12.31 3.09 32.01
C PRO D 143 11.01 3.39 31.27
N MET D 144 11.12 3.30 29.96
CA MET D 144 10.09 3.80 29.09
C MET D 144 9.82 2.76 28.03
N LEU D 145 8.52 2.50 27.84
CA LEU D 145 8.01 1.69 26.77
C LEU D 145 7.45 2.55 25.67
N LEU D 146 7.79 2.20 24.45
CA LEU D 146 7.11 2.75 23.27
C LEU D 146 5.77 2.05 23.13
N TYR D 147 4.81 2.70 22.51
CA TYR D 147 3.51 2.08 22.33
C TYR D 147 3.09 2.29 20.83
N ASP D 148 3.25 1.23 20.06
CA ASP D 148 3.07 1.25 18.60
C ASP D 148 1.63 0.83 18.33
N ILE D 149 0.81 1.77 17.90
CA ILE D 149 -0.61 1.51 17.63
C ILE D 149 -1.09 2.36 16.45
N PRO D 150 -0.72 1.95 15.23
CA PRO D 150 -0.98 2.82 14.09
C PRO D 150 -2.47 2.85 13.74
N GLY D 151 -3.23 1.84 14.19
CA GLY D 151 -4.65 1.82 13.99
C GLY D 151 -5.39 2.92 14.75
N ARG D 152 -4.73 3.54 15.74
CA ARG D 152 -5.24 4.72 16.46
C ARG D 152 -4.43 5.98 16.10
N SER D 153 -3.10 5.84 16.05
CA SER D 153 -2.22 6.97 15.76
C SER D 153 -2.07 7.41 14.32
N ALA D 154 -2.30 6.49 13.40
CA ALA D 154 -2.25 6.77 11.93
C ALA D 154 -0.85 6.78 11.33
N VAL D 155 0.15 6.48 12.13
N VAL D 155 0.15 6.41 12.12
CA VAL D 155 1.50 6.16 11.64
CA VAL D 155 1.52 6.20 11.64
C VAL D 155 2.02 5.06 12.55
C VAL D 155 2.19 5.17 12.57
N PRO D 156 2.80 4.12 12.00
CA PRO D 156 3.43 3.12 12.86
C PRO D 156 4.82 3.59 13.24
N ILE D 157 5.42 2.90 14.19
CA ILE D 157 6.82 3.11 14.41
C ILE D 157 7.47 2.05 13.53
N GLU D 158 8.15 2.50 12.48
N GLU D 158 8.17 2.51 12.49
CA GLU D 158 8.76 1.55 11.54
CA GLU D 158 8.81 1.57 11.56
C GLU D 158 9.93 0.80 12.20
C GLU D 158 9.93 0.77 12.25
N PRO D 159 10.21 -0.45 11.76
CA PRO D 159 11.22 -1.28 12.43
C PRO D 159 12.59 -0.60 12.57
N ASP D 160 13.03 0.09 11.52
CA ASP D 160 14.32 0.81 11.59
C ASP D 160 14.28 1.91 12.64
N THR D 161 13.13 2.53 12.83
CA THR D 161 12.99 3.55 13.88
C THR D 161 13.08 2.97 15.30
N ILE D 162 12.37 1.87 15.54
CA ILE D 162 12.48 1.10 16.79
C ILE D 162 13.92 0.72 17.08
N ARG D 163 14.60 0.12 16.10
CA ARG D 163 16.00 -0.25 16.26
C ARG D 163 16.89 0.94 16.62
N ALA D 164 16.63 2.12 16.06
CA ALA D 164 17.47 3.27 16.32
C ALA D 164 17.26 3.70 17.77
N LEU D 165 15.99 3.72 18.18
CA LEU D 165 15.57 4.15 19.51
C LEU D 165 16.09 3.21 20.60
N ALA D 166 16.25 1.92 20.26
CA ALA D 166 16.78 0.89 21.17
C ALA D 166 18.12 1.23 21.81
N SER D 167 18.89 2.12 21.22
CA SER D 167 20.18 2.45 21.82
C SER D 167 20.01 3.55 22.89
N HIS D 168 18.80 4.09 23.04
CA HIS D 168 18.56 4.93 24.19
C HIS D 168 18.51 4.04 25.43
N PRO D 169 19.33 4.36 26.45
CA PRO D 169 19.41 3.46 27.62
C PRO D 169 18.07 3.38 28.39
N ASN D 170 17.22 4.38 28.24
CA ASN D 170 15.95 4.43 28.97
C ASN D 170 14.76 3.82 28.23
N ILE D 171 14.92 3.63 26.91
CA ILE D 171 13.87 2.95 26.12
C ILE D 171 14.06 1.45 26.20
N VAL D 172 13.23 0.78 27.00
CA VAL D 172 13.49 -0.62 27.35
C VAL D 172 12.55 -1.62 26.65
N GLY D 173 11.55 -1.13 25.91
CA GLY D 173 10.62 -2.04 25.27
C GLY D 173 9.51 -1.37 24.49
N VAL D 174 8.57 -2.18 24.05
CA VAL D 174 7.48 -1.78 23.17
C VAL D 174 6.19 -2.45 23.60
N KPI D 175 5.16 -1.64 23.86
CA KPI D 175 3.75 -2.09 23.76
CB KPI D 175 2.79 -1.22 24.59
CG KPI D 175 1.34 -1.75 24.57
CD KPI D 175 0.48 -0.95 25.57
CE KPI D 175 -1.02 -1.30 25.50
NZ KPI D 175 -1.80 -0.13 25.94
CX1 KPI D 175 -3.07 -0.10 26.18
C1 KPI D 175 -3.87 -1.38 26.07
CX2 KPI D 175 -3.73 1.17 26.58
O1 KPI D 175 -4.98 1.24 26.68
O2 KPI D 175 -3.05 2.19 26.81
C KPI D 175 3.32 -2.16 22.31
O KPI D 175 3.14 -1.12 21.64
N ASP D 176 3.12 -3.37 21.83
CA ASP D 176 2.90 -3.55 20.38
C ASP D 176 1.49 -3.96 20.08
N ALA D 177 0.75 -3.10 19.36
CA ALA D 177 -0.62 -3.42 19.05
C ALA D 177 -0.73 -4.07 17.68
N LYS D 178 0.39 -4.11 16.95
CA LYS D 178 0.45 -4.85 15.67
C LYS D 178 0.78 -6.36 15.82
N ALA D 179 0.37 -7.11 14.81
CA ALA D 179 0.72 -8.52 14.68
C ALA D 179 1.97 -8.72 13.81
N ASP D 180 2.96 -7.84 13.93
CA ASP D 180 4.26 -7.95 13.23
C ASP D 180 5.18 -8.98 13.94
N LEU D 181 4.70 -10.22 14.02
CA LEU D 181 5.30 -11.23 14.88
C LEU D 181 6.76 -11.49 14.53
N HIS D 182 7.06 -11.77 13.26
CA HIS D 182 8.42 -12.13 12.92
C HIS D 182 9.38 -10.97 13.21
N SER D 183 8.95 -9.76 12.85
CA SER D 183 9.76 -8.59 12.88
C SER D 183 10.04 -8.23 14.37
N GLY D 184 9.03 -8.43 15.21
CA GLY D 184 9.12 -8.19 16.62
C GLY D 184 10.16 -9.09 17.27
N ALA D 185 10.14 -10.36 16.87
CA ALA D 185 11.09 -11.36 17.38
C ALA D 185 12.51 -11.01 16.89
N GLN D 186 12.64 -10.53 15.66
CA GLN D 186 13.95 -10.12 15.15
C GLN D 186 14.41 -8.84 15.90
N ILE D 187 13.50 -7.94 16.19
CA ILE D 187 13.90 -6.77 17.01
C ILE D 187 14.41 -7.19 18.38
N MET D 188 13.65 -8.07 19.04
CA MET D 188 14.04 -8.54 20.36
C MET D 188 15.45 -9.17 20.33
N ALA D 189 15.67 -10.08 19.38
CA ALA D 189 16.95 -10.78 19.23
C ALA D 189 18.11 -9.81 18.97
N ASP D 190 17.88 -8.73 18.23
CA ASP D 190 18.94 -7.80 17.89
C ASP D 190 19.19 -6.67 18.91
N THR D 191 18.15 -6.22 19.59
CA THR D 191 18.23 -5.00 20.41
C THR D 191 18.07 -5.29 21.91
N GLY D 192 17.51 -6.44 22.26
CA GLY D 192 17.20 -6.77 23.65
C GLY D 192 16.00 -6.02 24.25
N LEU D 193 15.22 -5.37 23.39
CA LEU D 193 14.00 -4.67 23.79
C LEU D 193 12.95 -5.66 24.13
N ALA D 194 12.20 -5.39 25.20
CA ALA D 194 11.14 -6.29 25.64
C ALA D 194 9.82 -5.93 24.91
N TYR D 195 9.08 -6.95 24.51
CA TYR D 195 7.77 -6.74 23.91
C TYR D 195 6.62 -7.00 24.87
N TYR D 196 5.63 -6.09 24.86
CA TYR D 196 4.37 -6.36 25.56
C TYR D 196 3.27 -6.39 24.52
N SER D 197 2.35 -7.36 24.63
CA SER D 197 1.19 -7.36 23.77
C SER D 197 0.26 -6.20 24.14
N GLY D 198 -0.10 -5.39 23.14
CA GLY D 198 -1.01 -4.30 23.36
C GLY D 198 -2.38 -4.54 22.79
N ASP D 199 -2.64 -5.77 22.36
CA ASP D 199 -3.95 -6.19 21.90
C ASP D 199 -4.16 -7.54 22.54
N ASP D 200 -5.26 -7.72 23.26
CA ASP D 200 -5.56 -9.06 23.84
C ASP D 200 -5.66 -10.21 22.82
N ALA D 201 -6.08 -9.88 21.61
CA ALA D 201 -6.17 -10.92 20.54
C ALA D 201 -4.80 -11.51 20.21
N LEU D 202 -3.72 -10.89 20.65
CA LEU D 202 -2.37 -11.27 20.24
C LEU D 202 -1.50 -11.57 21.44
N ASN D 203 -2.11 -11.61 22.62
CA ASN D 203 -1.42 -11.99 23.83
C ASN D 203 -0.60 -13.28 23.66
N LEU D 204 -1.26 -14.37 23.26
CA LEU D 204 -0.57 -15.65 23.20
C LEU D 204 0.36 -15.70 21.95
N PRO D 205 -0.07 -15.08 20.80
CA PRO D 205 0.86 -15.02 19.65
C PRO D 205 2.16 -14.28 20.04
N TRP D 206 2.06 -13.27 20.88
CA TRP D 206 3.25 -12.52 21.28
C TRP D 206 4.08 -13.36 22.23
N LEU D 207 3.46 -13.99 23.22
CA LEU D 207 4.23 -14.90 24.09
C LEU D 207 5.07 -15.86 23.28
N ARG D 208 4.50 -16.40 22.22
CA ARG D 208 5.17 -17.39 21.38
C ARG D 208 6.40 -16.85 20.62
N MET D 209 6.46 -15.53 20.43
CA MET D 209 7.59 -14.85 19.79
C MET D 209 8.65 -14.41 20.82
N GLY D 210 8.35 -14.65 22.09
CA GLY D 210 9.25 -14.24 23.17
C GLY D 210 8.89 -12.97 23.94
N ALA D 211 7.64 -12.51 23.83
CA ALA D 211 7.21 -11.32 24.60
C ALA D 211 7.25 -11.57 26.11
N THR D 212 7.36 -10.47 26.84
CA THR D 212 7.50 -10.50 28.32
C THR D 212 6.15 -10.67 29.00
N GLY D 213 5.15 -9.97 28.50
CA GLY D 213 3.78 -10.17 28.95
C GLY D 213 2.77 -9.29 28.22
N PHE D 214 1.73 -8.88 28.92
CA PHE D 214 0.61 -8.18 28.33
C PHE D 214 0.38 -6.86 29.07
N ILE D 215 0.10 -5.80 28.30
CA ILE D 215 -0.58 -4.66 28.85
C ILE D 215 -2.02 -4.76 28.32
N SER D 216 -2.89 -5.28 29.18
CA SER D 216 -4.18 -5.86 28.80
C SER D 216 -5.37 -4.97 29.11
N VAL D 217 -6.36 -5.04 28.25
CA VAL D 217 -7.64 -4.40 28.54
C VAL D 217 -8.61 -5.37 29.20
N ILE D 218 -8.76 -6.57 28.63
CA ILE D 218 -9.67 -7.59 29.21
C ILE D 218 -9.23 -8.18 30.53
N ALA D 219 -7.99 -7.92 30.93
CA ALA D 219 -7.58 -8.18 32.34
C ALA D 219 -8.45 -7.42 33.38
N HIS D 220 -9.06 -6.29 32.99
CA HIS D 220 -10.12 -5.71 33.86
C HIS D 220 -11.10 -6.78 34.33
N LEU D 221 -11.39 -7.74 33.44
CA LEU D 221 -12.44 -8.71 33.74
C LEU D 221 -11.93 -10.13 34.04
N ALA D 222 -10.75 -10.43 33.52
CA ALA D 222 -10.26 -11.80 33.41
C ALA D 222 -8.79 -11.90 33.78
N ALA D 223 -8.36 -11.12 34.78
CA ALA D 223 -6.97 -11.08 35.21
C ALA D 223 -6.51 -12.46 35.66
N GLY D 224 -7.38 -13.14 36.43
CA GLY D 224 -7.11 -14.49 36.92
C GLY D 224 -6.75 -15.43 35.79
N GLN D 225 -7.57 -15.45 34.75
CA GLN D 225 -7.33 -16.38 33.65
C GLN D 225 -6.08 -16.03 32.84
N LEU D 226 -5.86 -14.74 32.56
CA LEU D 226 -4.64 -14.30 31.88
C LEU D 226 -3.35 -14.58 32.67
N ARG D 227 -3.39 -14.42 34.00
CA ARG D 227 -2.28 -14.88 34.84
C ARG D 227 -2.07 -16.40 34.70
N GLU D 228 -3.14 -17.18 34.73
CA GLU D 228 -3.02 -18.62 34.48
C GLU D 228 -2.44 -18.91 33.10
N LEU D 229 -2.86 -18.16 32.09
CA LEU D 229 -2.34 -18.36 30.76
C LEU D 229 -0.80 -18.16 30.74
N LEU D 230 -0.35 -17.03 31.30
CA LEU D 230 1.08 -16.76 31.44
C LEU D 230 1.79 -17.86 32.24
N SER D 231 1.18 -18.28 33.35
CA SER D 231 1.80 -19.34 34.15
C SER D 231 1.93 -20.64 33.37
N ALA D 232 0.87 -21.04 32.67
CA ALA D 232 0.89 -22.21 31.78
C ALA D 232 2.00 -22.17 30.75
N PHE D 233 2.00 -21.11 29.94
CA PHE D 233 3.03 -20.91 28.91
C PHE D 233 4.44 -20.94 29.51
N GLY D 234 4.60 -20.16 30.59
CA GLY D 234 5.87 -20.03 31.26
C GLY D 234 6.47 -21.35 31.71
N SER D 235 5.62 -22.24 32.22
CA SER D 235 6.04 -23.57 32.60
C SER D 235 6.17 -24.52 31.38
N GLY D 236 5.78 -24.06 30.19
CA GLY D 236 5.92 -24.90 28.99
C GLY D 236 4.68 -25.72 28.61
N ASP D 237 3.60 -25.58 29.37
CA ASP D 237 2.33 -26.24 29.03
C ASP D 237 1.59 -25.33 28.04
N ILE D 238 2.04 -25.37 26.79
CA ILE D 238 1.50 -24.53 25.76
C ILE D 238 0.07 -24.94 25.36
N ALA D 239 -0.31 -26.18 25.64
CA ALA D 239 -1.64 -26.68 25.31
C ALA D 239 -2.65 -26.03 26.24
N THR D 240 -2.32 -25.98 27.51
CA THR D 240 -3.18 -25.32 28.49
C THR D 240 -3.27 -23.80 28.19
N ALA D 241 -2.15 -23.19 27.83
CA ALA D 241 -2.11 -21.78 27.45
C ALA D 241 -3.11 -21.56 26.34
N ARG D 242 -3.08 -22.44 25.32
CA ARG D 242 -4.00 -22.38 24.21
C ARG D 242 -5.48 -22.47 24.64
N LYS D 243 -5.79 -23.44 25.52
CA LYS D 243 -7.17 -23.63 26.03
C LYS D 243 -7.71 -22.43 26.77
N ILE D 244 -6.86 -21.74 27.54
CA ILE D 244 -7.28 -20.56 28.29
C ILE D 244 -7.54 -19.40 27.33
N ASN D 245 -6.71 -19.29 26.30
CA ASN D 245 -6.85 -18.24 25.28
C ASN D 245 -8.13 -18.34 24.47
N ILE D 246 -8.50 -19.56 24.12
CA ILE D 246 -9.78 -19.87 23.52
C ILE D 246 -10.92 -19.53 24.52
N ALA D 247 -10.77 -19.94 25.78
CA ALA D 247 -11.80 -19.75 26.80
C ALA D 247 -12.20 -18.27 27.00
N VAL D 248 -11.21 -17.39 27.04
CA VAL D 248 -11.48 -15.94 27.13
C VAL D 248 -11.76 -15.22 25.80
N ALA D 249 -11.72 -15.94 24.67
CA ALA D 249 -11.95 -15.30 23.36
C ALA D 249 -13.26 -14.49 23.17
N PRO D 250 -14.38 -14.88 23.82
CA PRO D 250 -15.59 -14.04 23.73
C PRO D 250 -15.34 -12.60 24.21
N LEU D 251 -14.37 -12.43 25.11
CA LEU D 251 -14.06 -11.08 25.58
C LEU D 251 -13.35 -10.25 24.52
N CME D 252 -12.48 -10.90 23.72
CA CME D 252 -11.86 -10.24 22.59
CB CME D 252 -10.74 -11.03 21.92
SG CME D 252 -9.30 -11.06 22.93
SD CME D 252 -9.03 -12.93 23.68
CE CME D 252 -7.89 -13.95 22.80
CZ CME D 252 -8.57 -14.60 21.59
OH CME D 252 -8.66 -13.64 20.55
C CME D 252 -12.91 -9.88 21.58
O CME D 252 -12.83 -8.82 20.95
N ASN D 253 -13.92 -10.74 21.42
CA ASN D 253 -15.03 -10.40 20.49
C ASN D 253 -15.84 -9.21 20.92
N ALA D 254 -16.14 -9.14 22.22
CA ALA D 254 -16.83 -7.99 22.78
C ALA D 254 -15.98 -6.70 22.63
N MET D 255 -14.67 -6.82 22.82
CA MET D 255 -13.72 -5.71 22.61
C MET D 255 -13.84 -5.13 21.21
N SER D 256 -13.84 -5.99 20.18
CA SER D 256 -14.08 -5.56 18.80
C SER D 256 -15.35 -4.73 18.65
N ARG D 257 -16.41 -5.14 19.35
CA ARG D 257 -17.70 -4.45 19.26
C ARG D 257 -17.74 -3.14 20.03
N LEU D 258 -17.12 -3.09 21.20
CA LEU D 258 -17.35 -1.97 22.13
C LEU D 258 -16.18 -1.01 22.22
N GLY D 259 -14.98 -1.52 21.93
CA GLY D 259 -13.76 -0.80 22.28
C GLY D 259 -13.48 -0.96 23.78
N GLY D 260 -12.25 -0.68 24.19
CA GLY D 260 -11.79 -0.96 25.54
C GLY D 260 -12.41 -0.17 26.68
N VAL D 261 -12.63 1.13 26.47
CA VAL D 261 -13.18 2.01 27.52
C VAL D 261 -14.63 1.62 27.84
N THR D 262 -15.45 1.45 26.80
CA THR D 262 -16.83 1.07 26.96
C THR D 262 -16.92 -0.35 27.56
N LEU D 263 -16.11 -1.30 27.04
CA LEU D 263 -16.11 -2.67 27.59
C LEU D 263 -15.72 -2.69 29.08
N SER D 264 -14.63 -2.01 29.43
CA SER D 264 -14.09 -2.08 30.79
C SER D 264 -15.06 -1.52 31.82
N LYS D 265 -15.68 -0.38 31.55
CA LYS D 265 -16.55 0.25 32.52
C LYS D 265 -17.86 -0.52 32.67
N ALA D 266 -18.37 -1.05 31.56
CA ALA D 266 -19.62 -1.82 31.58
C ALA D 266 -19.43 -3.22 32.20
N GLY D 267 -18.35 -3.88 31.86
CA GLY D 267 -18.02 -5.17 32.42
C GLY D 267 -17.74 -5.11 33.93
N LEU D 268 -16.99 -4.11 34.38
CA LEU D 268 -16.70 -3.98 35.82
C LEU D 268 -17.98 -3.78 36.57
N ARG D 269 -18.89 -2.99 35.99
CA ARG D 269 -20.20 -2.79 36.61
C ARG D 269 -20.96 -4.12 36.74
N LEU D 270 -20.92 -4.95 35.69
CA LEU D 270 -21.57 -6.25 35.73
C LEU D 270 -21.01 -7.18 36.79
N GLN D 271 -19.71 -7.08 37.05
CA GLN D 271 -19.04 -7.85 38.10
C GLN D 271 -19.22 -7.25 39.48
N GLY D 272 -19.84 -6.07 39.54
CA GLY D 272 -20.24 -5.48 40.83
C GLY D 272 -19.25 -4.44 41.31
N ILE D 273 -18.45 -3.91 40.38
CA ILE D 273 -17.55 -2.81 40.71
C ILE D 273 -17.86 -1.63 39.80
N ASP D 274 -18.68 -0.72 40.28
CA ASP D 274 -19.13 0.44 39.51
C ASP D 274 -18.01 1.49 39.35
N VAL D 275 -17.59 1.73 38.12
CA VAL D 275 -16.53 2.72 37.89
C VAL D 275 -17.03 3.96 37.08
N GLY D 276 -18.34 4.18 37.15
CA GLY D 276 -18.96 5.26 36.40
C GLY D 276 -18.89 5.03 34.90
N ASP D 277 -19.03 6.12 34.15
CA ASP D 277 -19.24 6.05 32.71
C ASP D 277 -18.06 6.79 32.09
N PRO D 278 -17.87 6.66 30.77
CA PRO D 278 -16.77 7.39 30.08
C PRO D 278 -17.09 8.88 29.96
N ARG D 279 -16.09 9.68 29.66
CA ARG D 279 -16.31 11.10 29.36
C ARG D 279 -16.45 11.24 27.86
N LEU D 280 -17.36 12.12 27.40
CA LEU D 280 -17.51 12.41 25.96
C LEU D 280 -16.16 12.81 25.33
N PRO D 281 -15.90 12.36 24.08
CA PRO D 281 -16.82 11.67 23.16
C PRO D 281 -16.98 10.16 23.36
N GLN D 282 -16.36 9.60 24.40
CA GLN D 282 -16.62 8.20 24.74
C GLN D 282 -17.99 8.05 25.40
N VAL D 283 -18.61 6.86 25.28
CA VAL D 283 -19.96 6.67 25.77
C VAL D 283 -20.13 5.31 26.49
N ALA D 284 -21.06 5.30 27.44
CA ALA D 284 -21.47 4.10 28.17
C ALA D 284 -22.16 3.09 27.26
N ALA D 285 -22.04 1.79 27.57
CA ALA D 285 -22.70 0.77 26.77
C ALA D 285 -24.21 0.94 26.89
N THR D 286 -24.91 0.73 25.77
CA THR D 286 -26.36 0.75 25.77
C THR D 286 -26.86 -0.55 26.39
N PRO D 287 -28.13 -0.59 26.79
CA PRO D 287 -28.68 -1.79 27.40
C PRO D 287 -28.49 -3.06 26.57
N GLU D 288 -28.69 -2.98 25.25
CA GLU D 288 -28.48 -4.15 24.38
C GLU D 288 -27.01 -4.54 24.28
N GLN D 289 -26.11 -3.55 24.34
CA GLN D 289 -24.68 -3.83 24.39
C GLN D 289 -24.32 -4.50 25.70
N ILE D 290 -24.88 -4.04 26.81
CA ILE D 290 -24.67 -4.66 28.12
C ILE D 290 -25.10 -6.14 28.14
N ASP D 291 -26.31 -6.41 27.67
CA ASP D 291 -26.79 -7.79 27.48
C ASP D 291 -25.81 -8.67 26.72
N ALA D 292 -25.30 -8.14 25.61
CA ALA D 292 -24.37 -8.86 24.72
C ALA D 292 -23.01 -9.03 25.39
N LEU D 293 -22.57 -7.99 26.11
CA LEU D 293 -21.36 -8.11 26.92
C LEU D 293 -21.48 -9.22 27.99
N ALA D 294 -22.60 -9.23 28.72
CA ALA D 294 -22.85 -10.19 29.80
C ALA D 294 -22.78 -11.63 29.30
N ALA D 295 -23.39 -11.89 28.15
CA ALA D 295 -23.38 -13.21 27.52
C ALA D 295 -21.93 -13.59 27.20
N ASP D 296 -21.15 -12.68 26.62
CA ASP D 296 -19.72 -12.98 26.43
C ASP D 296 -18.98 -13.29 27.75
N MET D 297 -19.24 -12.50 28.79
CA MET D 297 -18.60 -12.66 30.09
C MET D 297 -18.98 -13.97 30.80
N ARG D 298 -20.26 -14.36 30.70
CA ARG D 298 -20.66 -15.67 31.17
C ARG D 298 -19.96 -16.78 30.37
N ALA D 299 -19.86 -16.62 29.05
CA ALA D 299 -19.18 -17.62 28.17
C ALA D 299 -17.69 -17.75 28.53
N ALA D 300 -17.05 -16.63 28.80
CA ALA D 300 -15.67 -16.63 29.29
C ALA D 300 -15.49 -17.02 30.77
N SER D 301 -16.59 -17.34 31.45
CA SER D 301 -16.57 -17.68 32.89
C SER D 301 -16.06 -16.53 33.79
N VAL D 302 -16.34 -15.30 33.40
CA VAL D 302 -16.05 -14.21 34.31
C VAL D 302 -17.30 -13.50 34.87
N LEU D 303 -18.45 -14.13 34.67
CA LEU D 303 -19.71 -13.62 35.20
C LEU D 303 -20.65 -14.80 35.40
N ARG D 304 -21.30 -14.85 36.55
CA ARG D 304 -22.31 -15.86 36.80
C ARG D 304 -23.64 -15.35 36.22
N PHE E 10 14.18 19.26 -42.74
CA PHE E 10 14.95 18.44 -41.75
C PHE E 10 14.21 17.18 -41.19
N ASP E 11 14.52 16.03 -41.78
CA ASP E 11 13.90 14.76 -41.44
C ASP E 11 14.65 14.07 -40.28
N VAL E 12 14.20 14.31 -39.05
CA VAL E 12 14.90 13.87 -37.84
C VAL E 12 15.10 12.35 -37.86
N ALA E 13 14.05 11.64 -38.28
CA ALA E 13 14.10 10.18 -38.43
C ALA E 13 15.11 9.73 -39.50
N ALA E 14 15.28 10.53 -40.55
CA ALA E 14 16.29 10.21 -41.56
C ALA E 14 17.69 10.62 -41.14
N ARG E 15 17.80 11.72 -40.39
CA ARG E 15 19.11 12.28 -40.11
C ARG E 15 19.75 11.74 -38.86
N LEU E 16 18.95 11.25 -37.91
CA LEU E 16 19.49 10.66 -36.69
C LEU E 16 19.11 9.20 -36.54
N GLY E 17 17.99 8.80 -37.13
CA GLY E 17 17.45 7.45 -36.98
C GLY E 17 16.16 7.33 -36.16
N THR E 18 15.67 6.09 -36.07
CA THR E 18 14.46 5.74 -35.31
C THR E 18 14.82 4.73 -34.21
N LEU E 19 15.72 3.80 -34.50
CA LEU E 19 16.26 2.92 -33.49
C LEU E 19 17.76 3.09 -33.34
N LEU E 20 18.15 3.62 -32.18
CA LEU E 20 19.57 3.77 -31.83
C LEU E 20 19.92 2.98 -30.58
N THR E 21 21.16 2.49 -30.52
CA THR E 21 21.74 1.96 -29.30
C THR E 21 22.69 3.01 -28.73
N ALA E 22 22.53 3.26 -27.43
CA ALA E 22 23.52 4.02 -26.67
C ALA E 22 24.60 2.98 -26.38
N MET E 23 25.44 2.76 -27.38
CA MET E 23 26.44 1.72 -27.43
C MET E 23 27.46 1.79 -26.29
N VAL E 24 27.80 0.61 -25.74
CA VAL E 24 28.88 0.47 -24.77
C VAL E 24 30.20 0.83 -25.42
N THR E 25 31.19 1.13 -24.60
CA THR E 25 32.54 1.34 -25.11
C THR E 25 33.35 0.10 -24.71
N PRO E 26 33.66 -0.77 -25.68
CA PRO E 26 34.50 -1.93 -25.41
C PRO E 26 35.87 -1.53 -24.81
N PHE E 27 36.24 -2.25 -23.75
CA PHE E 27 37.58 -2.15 -23.20
C PHE E 27 38.28 -3.54 -23.26
N SER E 28 39.60 -3.51 -23.45
CA SER E 28 40.39 -4.75 -23.49
C SER E 28 40.62 -5.21 -22.08
N GLY E 29 41.31 -6.33 -21.93
CA GLY E 29 41.59 -6.88 -20.60
C GLY E 29 42.33 -5.93 -19.67
N ASP E 30 43.23 -5.11 -20.22
CA ASP E 30 43.92 -4.12 -19.39
C ASP E 30 43.08 -2.87 -19.18
N GLY E 31 41.85 -2.88 -19.68
CA GLY E 31 40.93 -1.73 -19.51
C GLY E 31 41.13 -0.59 -20.50
N SER E 32 42.05 -0.74 -21.44
CA SER E 32 42.25 0.32 -22.45
C SER E 32 41.16 0.17 -23.50
N LEU E 33 40.96 1.21 -24.30
CA LEU E 33 39.92 1.21 -25.33
C LEU E 33 40.17 0.12 -26.38
N ASP E 34 39.10 -0.55 -26.77
CA ASP E 34 39.19 -1.59 -27.78
C ASP E 34 38.37 -1.21 -29.02
N THR E 35 39.00 -0.51 -29.96
CA THR E 35 38.24 0.04 -31.10
C THR E 35 37.85 -1.03 -32.13
N ALA E 36 38.64 -2.09 -32.26
CA ALA E 36 38.27 -3.14 -33.24
C ALA E 36 37.00 -3.92 -32.81
N THR E 37 36.83 -4.13 -31.51
CA THR E 37 35.60 -4.76 -30.98
C THR E 37 34.44 -3.76 -31.12
N ALA E 38 34.76 -2.48 -30.93
CA ALA E 38 33.78 -1.44 -31.14
C ALA E 38 33.21 -1.50 -32.56
N ALA E 39 34.08 -1.57 -33.56
CA ALA E 39 33.66 -1.63 -34.97
C ALA E 39 32.78 -2.85 -35.21
N ARG E 40 33.21 -3.98 -34.65
CA ARG E 40 32.47 -5.23 -34.72
C ARG E 40 31.06 -5.11 -34.12
N LEU E 41 30.98 -4.57 -32.92
CA LEU E 41 29.68 -4.41 -32.25
C LEU E 41 28.80 -3.45 -33.06
N ALA E 42 29.36 -2.30 -33.39
CA ALA E 42 28.66 -1.31 -34.21
C ALA E 42 28.08 -1.97 -35.47
N ASN E 43 28.91 -2.71 -36.23
CA ASN E 43 28.44 -3.48 -37.39
C ASN E 43 27.34 -4.48 -37.04
N HIS E 44 27.49 -5.13 -35.89
CA HIS E 44 26.50 -6.12 -35.45
C HIS E 44 25.13 -5.47 -35.19
N LEU E 45 25.14 -4.37 -34.40
CA LEU E 45 23.92 -3.63 -34.04
C LEU E 45 23.14 -3.09 -35.22
N VAL E 46 23.85 -2.54 -36.20
CA VAL E 46 23.23 -2.02 -37.44
C VAL E 46 22.64 -3.15 -38.29
N ASP E 47 23.34 -4.29 -38.30
CA ASP E 47 22.89 -5.48 -39.00
C ASP E 47 21.60 -6.00 -38.39
N GLN E 48 21.49 -5.86 -37.09
CA GLN E 48 20.31 -6.34 -36.32
C GLN E 48 19.10 -5.41 -36.46
N GLY E 49 19.28 -4.19 -36.97
CA GLY E 49 18.14 -3.33 -37.26
C GLY E 49 18.24 -1.91 -36.74
N CYS E 50 19.29 -1.61 -35.98
CA CYS E 50 19.57 -0.23 -35.61
C CYS E 50 19.90 0.60 -36.82
N ASP E 51 19.29 1.78 -36.91
CA ASP E 51 19.64 2.70 -38.00
C ASP E 51 20.51 3.84 -37.52
N GLY E 52 20.85 3.81 -36.23
CA GLY E 52 21.69 4.81 -35.61
C GLY E 52 22.41 4.29 -34.38
N LEU E 53 23.47 5.00 -34.00
CA LEU E 53 24.19 4.69 -32.79
C LEU E 53 24.58 5.95 -32.04
N VAL E 54 24.42 5.91 -30.73
CA VAL E 54 25.01 6.94 -29.86
C VAL E 54 26.31 6.40 -29.31
N VAL E 55 27.41 7.10 -29.59
CA VAL E 55 28.69 6.76 -28.94
C VAL E 55 28.96 7.69 -27.76
N SER E 56 29.52 7.13 -26.68
CA SER E 56 29.88 7.89 -25.50
C SER E 56 28.69 8.60 -24.84
N GLY E 57 27.56 7.90 -24.77
CA GLY E 57 26.47 8.24 -23.87
C GLY E 57 26.76 7.74 -22.45
N THR E 58 25.72 7.70 -21.61
CA THR E 58 25.89 7.15 -20.24
C THR E 58 26.41 5.70 -20.30
N THR E 59 25.72 4.90 -21.09
CA THR E 59 26.00 3.46 -21.31
C THR E 59 27.36 3.19 -21.95
N GLY E 60 27.86 4.18 -22.68
CA GLY E 60 29.20 4.10 -23.27
C GLY E 60 30.25 4.55 -22.28
N GLU E 61 29.84 4.80 -21.03
CA GLU E 61 30.80 5.15 -19.95
C GLU E 61 31.57 6.45 -20.25
N SER E 62 30.86 7.47 -20.69
CA SER E 62 31.51 8.79 -20.91
C SER E 62 32.22 9.32 -19.64
N PRO E 63 31.70 9.00 -18.43
CA PRO E 63 32.40 9.49 -17.23
C PRO E 63 33.85 9.02 -17.09
N THR E 64 34.19 7.85 -17.64
CA THR E 64 35.50 7.25 -17.36
C THR E 64 36.41 7.06 -18.58
N THR E 65 36.04 7.67 -19.70
CA THR E 65 36.94 7.72 -20.88
C THR E 65 37.43 9.15 -21.13
N THR E 66 38.62 9.28 -21.73
CA THR E 66 39.17 10.60 -22.02
C THR E 66 38.57 11.21 -23.31
N ASP E 67 38.83 12.50 -23.50
CA ASP E 67 38.48 13.15 -24.76
C ASP E 67 39.10 12.43 -25.95
N GLY E 68 40.36 12.03 -25.80
CA GLY E 68 41.06 11.23 -26.77
C GLY E 68 40.36 9.91 -27.08
N GLU E 69 39.91 9.23 -26.03
CA GLU E 69 39.23 7.95 -26.21
C GLU E 69 37.89 8.14 -26.95
N LYS E 70 37.15 9.17 -26.56
CA LYS E 70 35.88 9.48 -27.22
C LYS E 70 36.04 9.65 -28.73
N ILE E 71 37.11 10.35 -29.15
CA ILE E 71 37.30 10.69 -30.56
C ILE E 71 37.79 9.50 -31.38
N GLU E 72 38.71 8.72 -30.78
CA GLU E 72 39.15 7.46 -31.37
C GLU E 72 37.96 6.50 -31.54
N LEU E 73 37.08 6.46 -30.54
CA LEU E 73 35.88 5.62 -30.62
C LEU E 73 34.96 6.09 -31.75
N LEU E 74 34.73 7.39 -31.80
CA LEU E 74 33.87 8.01 -32.82
C LEU E 74 34.34 7.66 -34.23
N ARG E 75 35.64 7.86 -34.46
CA ARG E 75 36.27 7.60 -35.74
C ARG E 75 36.11 6.12 -36.15
N ALA E 76 36.42 5.23 -35.23
CA ALA E 76 36.27 3.78 -35.43
C ALA E 76 34.81 3.43 -35.76
N VAL E 77 33.86 3.99 -35.01
CA VAL E 77 32.45 3.70 -35.30
C VAL E 77 31.98 4.30 -36.65
N LEU E 78 32.44 5.50 -36.98
CA LEU E 78 32.12 6.06 -38.29
C LEU E 78 32.68 5.19 -39.44
N GLU E 79 33.95 4.78 -39.32
CA GLU E 79 34.53 3.94 -40.38
C GLU E 79 33.75 2.65 -40.53
N ALA E 80 33.35 2.09 -39.41
CA ALA E 80 32.58 0.84 -39.37
C ALA E 80 31.21 0.92 -40.06
N VAL E 81 30.40 1.93 -39.69
CA VAL E 81 28.98 1.95 -40.11
C VAL E 81 28.47 3.34 -40.57
N GLY E 82 29.38 4.32 -40.59
CA GLY E 82 29.06 5.69 -40.97
C GLY E 82 28.29 5.84 -42.28
N ASP E 83 28.61 5.00 -43.26
CA ASP E 83 27.96 5.02 -44.56
C ASP E 83 26.55 4.40 -44.59
N ARG E 84 26.13 3.71 -43.55
CA ARG E 84 24.81 3.11 -43.57
C ARG E 84 23.98 3.29 -42.29
N ALA E 85 24.53 4.00 -41.32
CA ALA E 85 23.77 4.29 -40.14
C ALA E 85 24.22 5.63 -39.62
N ARG E 86 23.33 6.29 -38.89
CA ARG E 86 23.69 7.59 -38.28
C ARG E 86 24.53 7.40 -37.04
N VAL E 87 25.64 8.13 -36.92
CA VAL E 87 26.46 8.09 -35.70
C VAL E 87 26.40 9.42 -34.89
N ILE E 88 25.81 9.36 -33.69
CA ILE E 88 25.56 10.50 -32.80
C ILE E 88 26.58 10.41 -31.70
N ALA E 89 27.26 11.52 -31.43
CA ALA E 89 28.32 11.51 -30.45
C ALA E 89 27.82 12.21 -29.16
N GLY E 90 28.06 11.59 -28.01
CA GLY E 90 27.73 12.29 -26.78
C GLY E 90 28.74 13.41 -26.57
N ALA E 91 28.27 14.63 -26.32
CA ALA E 91 29.18 15.75 -26.13
C ALA E 91 28.93 16.59 -24.86
N GLY E 92 28.04 16.16 -23.98
CA GLY E 92 27.70 16.98 -22.82
C GLY E 92 28.41 16.61 -21.53
N THR E 93 28.78 17.62 -20.75
CA THR E 93 29.38 17.45 -19.43
C THR E 93 28.77 18.51 -18.54
N TYR E 94 29.21 18.57 -17.29
CA TYR E 94 28.81 19.69 -16.42
C TYR E 94 29.70 20.94 -16.58
N ASP E 95 30.40 21.04 -17.73
CA ASP E 95 31.34 22.16 -18.02
C ASP E 95 31.13 22.67 -19.44
N THR E 96 30.57 23.87 -19.56
CA THR E 96 30.18 24.40 -20.88
C THR E 96 31.37 24.48 -21.84
N ALA E 97 32.46 25.11 -21.39
CA ALA E 97 33.66 25.26 -22.19
C ALA E 97 34.15 23.91 -22.71
N HIS E 98 34.15 22.89 -21.85
CA HIS E 98 34.52 21.55 -22.22
C HIS E 98 33.59 20.94 -23.27
N SER E 99 32.28 21.00 -22.99
CA SER E 99 31.24 20.59 -23.92
C SER E 99 31.36 21.24 -25.31
N ILE E 100 31.66 22.55 -25.33
CA ILE E 100 31.93 23.28 -26.58
C ILE E 100 33.11 22.64 -27.28
N ARG E 101 34.21 22.44 -26.54
CA ARG E 101 35.41 21.80 -27.11
C ARG E 101 35.07 20.45 -27.73
N LEU E 102 34.31 19.66 -26.99
CA LEU E 102 34.06 18.31 -27.41
C LEU E 102 33.10 18.25 -28.60
N ALA E 103 32.05 19.07 -28.57
CA ALA E 103 31.12 19.13 -29.69
C ALA E 103 31.89 19.41 -31.00
N LYS E 104 32.84 20.36 -30.94
CA LYS E 104 33.62 20.75 -32.11
C LYS E 104 34.50 19.64 -32.66
N ALA E 105 35.14 18.90 -31.73
CA ALA E 105 36.00 17.78 -32.10
C ALA E 105 35.13 16.71 -32.75
N CYS E 106 33.99 16.40 -32.11
CA CYS E 106 33.03 15.47 -32.70
C CYS E 106 32.60 15.86 -34.11
N ALA E 107 32.21 17.13 -34.30
CA ALA E 107 31.89 17.62 -35.65
C ALA E 107 33.06 17.48 -36.63
N ALA E 108 34.28 17.79 -36.17
CA ALA E 108 35.45 17.74 -37.06
C ALA E 108 35.75 16.29 -37.49
N GLU E 109 35.45 15.32 -36.62
CA GLU E 109 35.54 13.89 -36.92
C GLU E 109 34.54 13.35 -37.94
N GLY E 110 33.41 14.03 -38.12
CA GLY E 110 32.37 13.54 -39.01
C GLY E 110 31.10 13.01 -38.34
N ALA E 111 30.82 13.44 -37.10
CA ALA E 111 29.61 12.98 -36.38
C ALA E 111 28.36 13.47 -37.08
N HIS E 112 27.28 12.70 -37.00
CA HIS E 112 26.05 13.07 -37.72
C HIS E 112 25.11 13.90 -36.85
N GLY E 113 25.35 13.88 -35.55
CA GLY E 113 24.55 14.65 -34.59
C GLY E 113 25.21 14.60 -33.23
N LEU E 114 24.67 15.37 -32.29
CA LEU E 114 25.23 15.40 -30.92
C LEU E 114 24.16 15.00 -29.91
N LEU E 115 24.54 14.23 -28.87
CA LEU E 115 23.68 14.09 -27.72
C LEU E 115 24.25 14.90 -26.57
N VAL E 116 23.42 15.73 -25.90
CA VAL E 116 23.97 16.65 -24.89
C VAL E 116 23.14 16.57 -23.62
N VAL E 117 23.68 15.87 -22.61
CA VAL E 117 22.99 15.65 -21.35
C VAL E 117 22.94 16.95 -20.55
N THR E 118 21.87 17.11 -19.77
CA THR E 118 21.87 18.09 -18.70
C THR E 118 23.11 17.98 -17.82
N PRO E 119 23.79 19.11 -17.63
CA PRO E 119 24.90 19.16 -16.67
C PRO E 119 24.47 18.57 -15.32
N TYR E 120 25.27 17.63 -14.84
CA TYR E 120 25.02 16.83 -13.64
C TYR E 120 25.77 17.41 -12.42
N TYR E 121 25.29 17.03 -11.24
CA TYR E 121 26.00 17.24 -9.95
C TYR E 121 25.90 18.65 -9.46
N SER E 122 26.35 19.60 -10.27
CA SER E 122 26.48 20.97 -9.84
C SER E 122 25.16 21.73 -9.71
N LYS E 123 24.12 21.20 -10.33
CA LYS E 123 22.74 21.75 -10.20
C LYS E 123 22.62 23.24 -10.63
N PRO E 124 22.99 23.56 -11.87
CA PRO E 124 22.83 24.98 -12.23
C PRO E 124 21.34 25.36 -12.30
N PRO E 125 21.01 26.66 -12.10
CA PRO E 125 19.63 27.12 -12.35
C PRO E 125 19.21 26.89 -13.80
N GLN E 126 17.91 26.97 -14.06
CA GLN E 126 17.39 26.83 -15.42
C GLN E 126 17.97 27.85 -16.42
N ARG E 127 18.20 29.11 -16.02
CA ARG E 127 18.90 30.03 -16.94
C ARG E 127 20.34 29.61 -17.24
N GLY E 128 20.96 28.90 -16.28
CA GLY E 128 22.29 28.32 -16.50
C GLY E 128 22.19 27.26 -17.58
N LEU E 129 21.17 26.42 -17.46
CA LEU E 129 20.96 25.32 -18.40
C LEU E 129 20.75 25.84 -19.80
N GLN E 130 19.92 26.90 -19.90
CA GLN E 130 19.64 27.49 -21.19
C GLN E 130 20.91 28.11 -21.85
N ALA E 131 21.63 28.95 -21.10
CA ALA E 131 22.91 29.49 -21.59
C ALA E 131 23.82 28.35 -22.06
N HIS E 132 23.85 27.27 -21.28
CA HIS E 132 24.71 26.14 -21.57
C HIS E 132 24.28 25.43 -22.86
N PHE E 133 23.01 25.11 -22.98
CA PHE E 133 22.57 24.32 -24.17
C PHE E 133 22.72 25.17 -25.46
N THR E 134 22.39 26.45 -25.34
CA THR E 134 22.56 27.43 -26.43
C THR E 134 24.05 27.48 -26.84
N ALA E 135 24.94 27.64 -25.87
CA ALA E 135 26.38 27.65 -26.16
C ALA E 135 26.88 26.43 -26.97
N VAL E 136 26.42 25.24 -26.59
CA VAL E 136 26.80 24.02 -27.29
C VAL E 136 26.16 23.95 -28.67
N ALA E 137 24.87 24.26 -28.76
CA ALA E 137 24.14 24.38 -30.03
C ALA E 137 24.89 25.28 -31.00
N ASP E 138 25.31 26.44 -30.51
CA ASP E 138 26.08 27.42 -31.28
C ASP E 138 27.47 26.91 -31.72
N ALA E 139 28.02 25.91 -31.02
CA ALA E 139 29.43 25.51 -31.26
C ALA E 139 29.68 24.92 -32.65
N THR E 140 28.71 24.19 -33.20
CA THR E 140 28.90 23.48 -34.47
C THR E 140 27.64 23.64 -35.28
N GLU E 141 27.60 23.07 -36.48
CA GLU E 141 26.37 23.07 -37.22
C GLU E 141 25.59 21.75 -37.07
N LEU E 142 26.04 20.85 -36.21
CA LEU E 142 25.37 19.57 -36.03
C LEU E 142 23.96 19.63 -35.41
N PRO E 143 23.05 18.74 -35.87
CA PRO E 143 21.78 18.60 -35.18
C PRO E 143 22.05 17.96 -33.81
N MET E 144 21.25 18.34 -32.82
CA MET E 144 21.60 18.08 -31.45
C MET E 144 20.35 17.73 -30.66
N LEU E 145 20.45 16.66 -29.86
CA LEU E 145 19.39 16.26 -28.95
C LEU E 145 19.71 16.72 -27.52
N LEU E 146 18.73 17.25 -26.82
CA LEU E 146 18.88 17.51 -25.42
C LEU E 146 18.64 16.14 -24.76
N TYR E 147 19.39 15.83 -23.71
CA TYR E 147 19.18 14.51 -23.05
C TYR E 147 18.80 14.84 -21.61
N ASP E 148 17.52 14.67 -21.32
CA ASP E 148 16.90 15.08 -20.06
C ASP E 148 16.80 13.87 -19.13
N ILE E 149 17.57 13.90 -18.03
CA ILE E 149 17.65 12.75 -17.14
C ILE E 149 17.89 13.21 -15.69
N PRO E 150 16.85 13.73 -15.01
CA PRO E 150 17.11 14.34 -13.71
C PRO E 150 17.45 13.32 -12.62
N GLY E 151 17.04 12.07 -12.81
CA GLY E 151 17.41 10.96 -11.91
C GLY E 151 18.93 10.85 -11.79
N ARG E 152 19.66 11.14 -12.87
CA ARG E 152 21.11 11.08 -12.83
C ARG E 152 21.75 12.45 -12.66
N SER E 153 21.20 13.45 -13.35
CA SER E 153 21.82 14.79 -13.37
C SER E 153 21.54 15.64 -12.13
N ALA E 154 20.41 15.34 -11.47
CA ALA E 154 19.93 16.01 -10.26
C ALA E 154 19.26 17.37 -10.54
N VAL E 155 19.08 17.71 -11.83
CA VAL E 155 18.14 18.73 -12.32
C VAL E 155 17.44 18.30 -13.60
N PRO E 156 16.15 18.67 -13.74
CA PRO E 156 15.47 18.49 -15.02
C PRO E 156 15.74 19.67 -15.94
N ILE E 157 15.48 19.48 -17.23
CA ILE E 157 15.22 20.59 -18.11
C ILE E 157 13.71 20.88 -18.00
N GLU E 158 13.33 21.91 -17.25
N GLU E 158 13.35 21.95 -17.28
CA GLU E 158 11.90 22.20 -17.05
CA GLU E 158 11.96 22.39 -17.12
C GLU E 158 11.26 22.60 -18.39
C GLU E 158 11.29 22.53 -18.49
N PRO E 159 9.95 22.30 -18.58
CA PRO E 159 9.21 22.52 -19.85
C PRO E 159 9.42 23.87 -20.47
N ASP E 160 9.40 24.93 -19.67
CA ASP E 160 9.67 26.28 -20.19
C ASP E 160 11.10 26.42 -20.74
N THR E 161 12.05 25.74 -20.13
CA THR E 161 13.44 25.81 -20.62
C THR E 161 13.51 25.11 -21.99
N ILE E 162 12.93 23.91 -22.09
CA ILE E 162 12.91 23.16 -23.37
C ILE E 162 12.29 24.00 -24.50
N ARG E 163 11.22 24.71 -24.15
CA ARG E 163 10.42 25.45 -25.11
C ARG E 163 11.21 26.64 -25.60
N ALA E 164 12.02 27.22 -24.70
CA ALA E 164 12.91 28.31 -25.06
C ALA E 164 13.96 27.82 -26.07
N LEU E 165 14.46 26.62 -25.82
CA LEU E 165 15.57 26.08 -26.59
C LEU E 165 15.08 25.51 -27.93
N ALA E 166 13.79 25.27 -28.02
CA ALA E 166 13.17 24.61 -29.17
C ALA E 166 13.30 25.44 -30.45
N SER E 167 13.41 26.75 -30.28
CA SER E 167 13.51 27.68 -31.39
C SER E 167 14.92 27.70 -32.02
N HIS E 168 15.89 27.08 -31.35
CA HIS E 168 17.25 27.01 -31.90
C HIS E 168 17.31 26.06 -33.10
N PRO E 169 17.79 26.55 -34.24
CA PRO E 169 17.85 25.69 -35.45
C PRO E 169 18.56 24.35 -35.24
N ASN E 170 19.62 24.32 -34.42
CA ASN E 170 20.37 23.09 -34.17
C ASN E 170 19.77 22.14 -33.13
N ILE E 171 18.92 22.63 -32.25
CA ILE E 171 18.25 21.77 -31.26
C ILE E 171 17.01 21.15 -31.89
N VAL E 172 17.06 19.84 -32.14
CA VAL E 172 16.05 19.18 -32.97
C VAL E 172 15.19 18.18 -32.18
N GLY E 173 15.66 17.79 -30.98
CA GLY E 173 14.83 17.02 -30.08
C GLY E 173 15.39 16.72 -28.72
N VAL E 174 14.71 15.76 -28.05
CA VAL E 174 14.98 15.41 -26.67
C VAL E 174 15.02 13.88 -26.55
N KPI E 175 16.11 13.38 -25.99
CA KPI E 175 16.18 11.99 -25.49
CB KPI E 175 17.61 11.43 -25.54
CG KPI E 175 17.69 9.97 -25.02
CD KPI E 175 19.15 9.53 -24.80
CE KPI E 175 19.22 8.08 -24.23
NZ KPI E 175 20.59 7.83 -23.83
CX1 KPI E 175 21.09 6.80 -23.26
C1 KPI E 175 20.24 5.57 -23.03
CX2 KPI E 175 22.52 6.85 -22.87
O1 KPI E 175 22.97 5.95 -22.12
O2 KPI E 175 23.27 7.77 -23.30
C KPI E 175 15.67 12.14 -24.10
O KPI E 175 16.28 12.84 -23.28
N ASP E 176 14.49 11.58 -23.83
CA ASP E 176 13.81 11.86 -22.58
C ASP E 176 13.90 10.67 -21.63
N ALA E 177 14.62 10.84 -20.51
CA ALA E 177 14.67 9.84 -19.44
C ALA E 177 14.03 10.42 -18.19
N LYS E 178 12.94 11.14 -18.40
CA LYS E 178 12.22 11.79 -17.31
C LYS E 178 10.82 11.22 -17.10
N ALA E 179 10.35 10.35 -18.00
CA ALA E 179 9.01 9.77 -17.84
C ALA E 179 7.81 10.77 -17.83
N ASP E 180 8.02 12.00 -18.28
CA ASP E 180 6.93 12.98 -18.35
C ASP E 180 6.16 12.76 -19.67
N LEU E 181 5.40 11.68 -19.76
CA LEU E 181 4.77 11.30 -21.03
C LEU E 181 3.79 12.34 -21.58
N HIS E 182 2.77 12.69 -20.80
CA HIS E 182 1.79 13.67 -21.29
C HIS E 182 2.38 15.08 -21.49
N SER E 183 3.28 15.50 -20.62
CA SER E 183 3.97 16.78 -20.84
C SER E 183 4.88 16.72 -22.07
N GLY E 184 5.52 15.58 -22.29
CA GLY E 184 6.32 15.37 -23.51
C GLY E 184 5.43 15.46 -24.74
N ALA E 185 4.25 14.84 -24.67
CA ALA E 185 3.28 14.89 -25.77
C ALA E 185 2.86 16.33 -26.10
N GLN E 186 2.70 17.16 -25.07
CA GLN E 186 2.31 18.56 -25.26
C GLN E 186 3.45 19.40 -25.86
N ILE E 187 4.66 19.23 -25.30
CA ILE E 187 5.86 19.87 -25.85
C ILE E 187 6.07 19.50 -27.33
N MET E 188 5.86 18.25 -27.71
CA MET E 188 5.98 17.85 -29.13
C MET E 188 4.98 18.60 -30.03
N ALA E 189 3.72 18.72 -29.58
CA ALA E 189 2.71 19.44 -30.33
C ALA E 189 2.97 20.94 -30.35
N ASP E 190 3.47 21.50 -29.25
CA ASP E 190 3.70 22.95 -29.14
C ASP E 190 4.95 23.42 -29.88
N THR E 191 5.88 22.52 -30.15
CA THR E 191 7.21 22.90 -30.66
C THR E 191 7.68 22.12 -31.88
N GLY E 192 7.04 21.00 -32.20
CA GLY E 192 7.61 20.16 -33.25
C GLY E 192 8.98 19.49 -32.95
N LEU E 193 9.48 19.61 -31.72
CA LEU E 193 10.69 18.83 -31.33
C LEU E 193 10.39 17.34 -31.45
N ALA E 194 11.39 16.58 -31.90
CA ALA E 194 11.26 15.12 -31.94
C ALA E 194 11.70 14.51 -30.61
N TYR E 195 10.88 13.66 -30.01
CA TYR E 195 11.27 12.91 -28.81
C TYR E 195 11.79 11.53 -29.09
N TYR E 196 12.83 11.16 -28.34
CA TYR E 196 13.34 9.79 -28.31
C TYR E 196 13.14 9.21 -26.92
N SER E 197 12.54 8.02 -26.84
CA SER E 197 12.57 7.29 -25.58
C SER E 197 14.02 7.07 -25.10
N GLY E 198 14.30 7.57 -23.89
CA GLY E 198 15.55 7.30 -23.19
C GLY E 198 15.37 6.29 -22.06
N ASP E 199 14.23 5.60 -22.07
CA ASP E 199 13.90 4.60 -21.04
C ASP E 199 13.22 3.41 -21.75
N ASP E 200 13.87 2.25 -21.79
CA ASP E 200 13.32 1.08 -22.50
C ASP E 200 11.97 0.60 -21.98
N ALA E 201 11.74 0.80 -20.68
CA ALA E 201 10.46 0.50 -20.05
C ALA E 201 9.33 1.30 -20.70
N LEU E 202 9.66 2.50 -21.18
CA LEU E 202 8.69 3.42 -21.73
C LEU E 202 8.76 3.56 -23.24
N ASN E 203 9.40 2.59 -23.94
CA ASN E 203 9.49 2.73 -25.38
C ASN E 203 8.13 2.84 -26.05
N LEU E 204 7.25 1.91 -25.72
CA LEU E 204 5.91 1.88 -26.37
C LEU E 204 5.07 3.08 -25.86
N PRO E 205 5.11 3.36 -24.54
CA PRO E 205 4.38 4.55 -24.07
C PRO E 205 4.82 5.85 -24.75
N TRP E 206 6.11 6.00 -24.99
CA TRP E 206 6.61 7.16 -25.75
C TRP E 206 6.12 7.19 -27.19
N LEU E 207 6.08 6.04 -27.87
CA LEU E 207 5.57 6.04 -29.26
C LEU E 207 4.14 6.55 -29.31
N ARG E 208 3.38 6.20 -28.28
CA ARG E 208 1.98 6.59 -28.21
C ARG E 208 1.85 8.09 -28.01
N MET E 209 2.93 8.75 -27.57
CA MET E 209 2.90 10.18 -27.26
C MET E 209 3.43 10.99 -28.43
N GLY E 210 3.95 10.30 -29.43
CA GLY E 210 4.44 10.95 -30.62
C GLY E 210 5.92 10.82 -30.83
N ALA E 211 6.60 10.01 -30.01
CA ALA E 211 8.05 9.86 -30.12
C ALA E 211 8.49 9.38 -31.50
N THR E 212 9.68 9.78 -31.90
CA THR E 212 10.24 9.37 -33.17
C THR E 212 10.87 7.96 -33.07
N GLY E 213 11.37 7.59 -31.90
CA GLY E 213 12.06 6.28 -31.81
C GLY E 213 12.73 6.18 -30.48
N PHE E 214 13.69 5.26 -30.39
CA PHE E 214 14.32 4.87 -29.13
C PHE E 214 15.81 5.13 -29.19
N ILE E 215 16.34 5.67 -28.11
CA ILE E 215 17.78 5.62 -27.87
C ILE E 215 17.94 4.59 -26.75
N SER E 216 18.24 3.36 -27.17
CA SER E 216 17.99 2.17 -26.37
C SER E 216 19.23 1.48 -25.76
N VAL E 217 19.06 0.96 -24.54
CA VAL E 217 20.10 0.18 -23.90
C VAL E 217 19.91 -1.29 -24.23
N ILE E 218 18.68 -1.81 -24.06
CA ILE E 218 18.39 -3.24 -24.25
C ILE E 218 18.51 -3.62 -25.72
N ALA E 219 18.53 -2.61 -26.58
CA ALA E 219 18.83 -2.87 -27.99
C ALA E 219 20.20 -3.55 -28.20
N HIS E 220 21.13 -3.38 -27.25
CA HIS E 220 22.37 -4.18 -27.31
C HIS E 220 22.05 -5.65 -27.51
N LEU E 221 20.95 -6.09 -26.90
CA LEU E 221 20.58 -7.50 -26.85
C LEU E 221 19.37 -7.85 -27.71
N ALA E 222 18.50 -6.88 -27.98
CA ALA E 222 17.21 -7.17 -28.59
C ALA E 222 16.83 -6.17 -29.69
N ALA E 223 17.85 -5.61 -30.35
CA ALA E 223 17.65 -4.70 -31.50
C ALA E 223 16.64 -5.22 -32.54
N GLY E 224 16.69 -6.52 -32.83
CA GLY E 224 15.80 -7.13 -33.82
C GLY E 224 14.35 -6.93 -33.41
N GLN E 225 14.04 -7.35 -32.19
CA GLN E 225 12.69 -7.19 -31.65
C GLN E 225 12.24 -5.73 -31.59
N LEU E 226 13.12 -4.82 -31.14
CA LEU E 226 12.71 -3.41 -31.05
C LEU E 226 12.44 -2.78 -32.43
N ARG E 227 13.26 -3.16 -33.42
CA ARG E 227 12.99 -2.83 -34.79
C ARG E 227 11.59 -3.28 -35.20
N GLU E 228 11.24 -4.51 -34.81
CA GLU E 228 9.92 -5.08 -35.15
C GLU E 228 8.81 -4.35 -34.43
N LEU E 229 9.06 -3.99 -33.16
CA LEU E 229 8.12 -3.17 -32.40
C LEU E 229 7.86 -1.82 -33.12
N LEU E 230 8.93 -1.13 -33.49
CA LEU E 230 8.85 0.12 -34.24
C LEU E 230 8.12 -0.04 -35.59
N SER E 231 8.42 -1.10 -36.36
CA SER E 231 7.72 -1.30 -37.65
C SER E 231 6.23 -1.47 -37.46
N ALA E 232 5.86 -2.28 -36.46
CA ALA E 232 4.48 -2.67 -36.25
C ALA E 232 3.69 -1.46 -35.84
N PHE E 233 4.20 -0.72 -34.86
CA PHE E 233 3.59 0.52 -34.46
C PHE E 233 3.39 1.41 -35.67
N GLY E 234 4.47 1.68 -36.41
CA GLY E 234 4.41 2.60 -37.54
C GLY E 234 3.38 2.22 -38.60
N SER E 235 3.20 0.91 -38.83
CA SER E 235 2.20 0.44 -39.78
C SER E 235 0.81 0.28 -39.16
N GLY E 236 0.62 0.72 -37.90
CA GLY E 236 -0.68 0.65 -37.24
C GLY E 236 -1.08 -0.72 -36.68
N ASP E 237 -0.16 -1.67 -36.71
CA ASP E 237 -0.37 -2.98 -36.05
C ASP E 237 0.00 -2.88 -34.56
N ILE E 238 -0.86 -2.25 -33.76
CA ILE E 238 -0.53 -1.96 -32.37
C ILE E 238 -0.44 -3.23 -31.53
N ALA E 239 -1.32 -4.19 -31.82
CA ALA E 239 -1.37 -5.48 -31.13
C ALA E 239 -0.01 -6.16 -31.16
N THR E 240 0.65 -6.10 -32.31
CA THR E 240 1.96 -6.75 -32.46
C THR E 240 3.03 -6.03 -31.66
N ALA E 241 3.02 -4.70 -31.74
CA ALA E 241 3.89 -3.86 -30.91
C ALA E 241 3.71 -4.14 -29.42
N ARG E 242 2.46 -4.29 -28.99
CA ARG E 242 2.16 -4.61 -27.59
C ARG E 242 2.73 -5.99 -27.21
N LYS E 243 2.62 -6.95 -28.14
CA LYS E 243 3.06 -8.31 -27.91
C LYS E 243 4.58 -8.38 -27.80
N ILE E 244 5.28 -7.60 -28.62
CA ILE E 244 6.75 -7.59 -28.58
C ILE E 244 7.24 -6.90 -27.33
N ASN E 245 6.65 -5.74 -27.02
CA ASN E 245 6.90 -5.01 -25.79
C ASN E 245 6.87 -5.94 -24.57
N ILE E 246 5.86 -6.81 -24.49
CA ILE E 246 5.65 -7.77 -23.40
C ILE E 246 6.74 -8.83 -23.42
N ALA E 247 7.03 -9.34 -24.61
CA ALA E 247 8.03 -10.39 -24.79
C ALA E 247 9.42 -9.97 -24.28
N VAL E 248 9.80 -8.72 -24.50
CA VAL E 248 11.13 -8.26 -24.07
C VAL E 248 11.22 -7.66 -22.66
N ALA E 249 10.07 -7.44 -22.02
CA ALA E 249 9.99 -6.94 -20.62
C ALA E 249 10.96 -7.59 -19.59
N PRO E 250 11.21 -8.91 -19.68
CA PRO E 250 12.19 -9.47 -18.75
C PRO E 250 13.57 -8.75 -18.79
N LEU E 251 13.93 -8.17 -19.94
CA LEU E 251 15.15 -7.36 -20.10
C LEU E 251 15.14 -6.06 -19.32
N CME E 252 13.98 -5.39 -19.29
CA CME E 252 13.76 -4.24 -18.44
CB CME E 252 12.41 -3.57 -18.77
SG CME E 252 12.56 -2.71 -20.30
SD CME E 252 11.35 -3.50 -21.72
CE CME E 252 9.60 -3.06 -21.59
CZ CME E 252 9.01 -3.03 -20.15
OH CME E 252 8.11 -1.92 -19.85
C CME E 252 13.85 -4.54 -16.96
O CME E 252 14.30 -3.69 -16.19
N ASN E 253 13.42 -5.73 -16.54
CA ASN E 253 13.58 -6.17 -15.16
C ASN E 253 15.07 -6.22 -14.83
N ALA E 254 15.85 -6.76 -15.75
CA ALA E 254 17.30 -6.93 -15.53
C ALA E 254 17.98 -5.55 -15.50
N MET E 255 17.46 -4.60 -16.28
CA MET E 255 17.98 -3.26 -16.29
C MET E 255 17.82 -2.58 -14.95
N SER E 256 16.64 -2.71 -14.36
CA SER E 256 16.40 -2.20 -13.01
C SER E 256 17.37 -2.77 -11.97
N ARG E 257 17.71 -4.06 -12.09
CA ARG E 257 18.59 -4.70 -11.11
C ARG E 257 20.04 -4.27 -11.32
N LEU E 258 20.46 -4.17 -12.59
CA LEU E 258 21.87 -4.00 -12.95
C LEU E 258 22.29 -2.58 -13.31
N GLY E 259 21.38 -1.82 -13.93
CA GLY E 259 21.78 -0.57 -14.60
C GLY E 259 22.37 -0.98 -15.94
N GLY E 260 22.42 -0.03 -16.87
CA GLY E 260 22.71 -0.29 -18.29
C GLY E 260 24.14 -0.70 -18.65
N VAL E 261 25.13 -0.11 -17.99
CA VAL E 261 26.54 -0.44 -18.22
C VAL E 261 26.78 -1.90 -17.82
N THR E 262 26.37 -2.25 -16.60
CA THR E 262 26.60 -3.59 -16.10
C THR E 262 25.86 -4.59 -17.00
N LEU E 263 24.58 -4.33 -17.29
CA LEU E 263 23.75 -5.25 -18.10
C LEU E 263 24.28 -5.48 -19.51
N SER E 264 24.64 -4.40 -20.20
CA SER E 264 24.96 -4.50 -21.60
C SER E 264 26.28 -5.26 -21.77
N LYS E 265 27.27 -5.00 -20.92
CA LYS E 265 28.56 -5.65 -21.14
C LYS E 265 28.46 -7.11 -20.76
N ALA E 266 27.70 -7.44 -19.70
CA ALA E 266 27.49 -8.84 -19.33
C ALA E 266 26.60 -9.56 -20.34
N GLY E 267 25.54 -8.90 -20.79
CA GLY E 267 24.59 -9.52 -21.71
C GLY E 267 25.20 -9.82 -23.08
N LEU E 268 26.03 -8.92 -23.56
CA LEU E 268 26.69 -9.09 -24.84
C LEU E 268 27.68 -10.25 -24.75
N ARG E 269 28.45 -10.28 -23.68
CA ARG E 269 29.36 -11.41 -23.45
C ARG E 269 28.57 -12.73 -23.57
N LEU E 270 27.48 -12.85 -22.80
CA LEU E 270 26.54 -14.01 -22.91
C LEU E 270 26.05 -14.36 -24.34
N GLN E 271 26.00 -13.37 -25.23
CA GLN E 271 25.56 -13.58 -26.62
C GLN E 271 26.75 -13.90 -27.54
N GLY E 272 27.95 -13.87 -26.98
CA GLY E 272 29.15 -14.19 -27.75
C GLY E 272 29.86 -12.96 -28.29
N ILE E 273 29.64 -11.78 -27.70
CA ILE E 273 30.39 -10.61 -28.12
C ILE E 273 31.04 -9.94 -26.90
N ASP E 274 32.32 -10.22 -26.72
CA ASP E 274 32.99 -9.84 -25.50
C ASP E 274 33.41 -8.38 -25.62
N VAL E 275 32.96 -7.56 -24.70
CA VAL E 275 33.29 -6.13 -24.76
C VAL E 275 34.05 -5.72 -23.52
N GLY E 276 34.62 -6.72 -22.83
CA GLY E 276 35.35 -6.47 -21.60
C GLY E 276 34.42 -6.01 -20.48
N ASP E 277 34.97 -5.43 -19.44
CA ASP E 277 34.19 -5.04 -18.26
C ASP E 277 34.10 -3.50 -18.14
N PRO E 278 33.23 -2.98 -17.24
CA PRO E 278 33.17 -1.53 -17.01
C PRO E 278 34.45 -1.01 -16.33
N ARG E 279 34.73 0.28 -16.47
CA ARG E 279 35.78 0.92 -15.65
C ARG E 279 35.20 1.36 -14.31
N LEU E 280 36.01 1.28 -13.23
CA LEU E 280 35.61 1.80 -11.91
C LEU E 280 35.27 3.29 -12.00
N PRO E 281 34.25 3.76 -11.24
CA PRO E 281 33.45 3.13 -10.20
C PRO E 281 32.37 2.16 -10.66
N GLN E 282 32.20 1.97 -11.96
CA GLN E 282 31.29 0.95 -12.46
C GLN E 282 31.91 -0.45 -12.32
N VAL E 283 31.07 -1.46 -12.17
CA VAL E 283 31.54 -2.83 -11.88
C VAL E 283 30.85 -3.90 -12.73
N ALA E 284 31.59 -4.97 -13.01
CA ALA E 284 31.09 -6.07 -13.83
C ALA E 284 30.06 -6.86 -13.01
N ALA E 285 29.17 -7.56 -13.71
CA ALA E 285 28.16 -8.39 -13.06
C ALA E 285 28.88 -9.53 -12.29
N THR E 286 28.39 -9.80 -11.08
CA THR E 286 28.81 -10.94 -10.29
C THR E 286 28.34 -12.23 -10.95
N PRO E 287 28.88 -13.39 -10.52
CA PRO E 287 28.39 -14.67 -11.06
C PRO E 287 26.86 -14.88 -10.87
N GLU E 288 26.33 -14.61 -9.68
CA GLU E 288 24.85 -14.74 -9.54
C GLU E 288 24.13 -13.71 -10.41
N GLN E 289 24.68 -12.52 -10.59
CA GLN E 289 23.98 -11.53 -11.46
C GLN E 289 23.93 -12.02 -12.91
N ILE E 290 25.02 -12.67 -13.35
CA ILE E 290 25.11 -13.30 -14.68
C ILE E 290 24.04 -14.34 -14.92
N ASP E 291 23.92 -15.30 -14.01
CA ASP E 291 22.87 -16.33 -14.12
C ASP E 291 21.45 -15.76 -14.23
N ALA E 292 21.13 -14.79 -13.38
CA ALA E 292 19.81 -14.11 -13.41
C ALA E 292 19.58 -13.33 -14.69
N LEU E 293 20.61 -12.66 -15.21
CA LEU E 293 20.50 -11.95 -16.48
C LEU E 293 20.25 -12.92 -17.60
N ALA E 294 21.00 -14.02 -17.62
CA ALA E 294 20.80 -15.08 -18.60
C ALA E 294 19.35 -15.59 -18.61
N ALA E 295 18.78 -15.83 -17.43
CA ALA E 295 17.41 -16.36 -17.34
C ALA E 295 16.46 -15.34 -17.98
N ASP E 296 16.74 -14.05 -17.76
CA ASP E 296 15.90 -12.96 -18.32
C ASP E 296 16.02 -12.91 -19.85
N MET E 297 17.23 -13.14 -20.34
CA MET E 297 17.51 -13.14 -21.77
C MET E 297 16.84 -14.29 -22.49
N ARG E 298 16.95 -15.49 -21.91
CA ARG E 298 16.23 -16.69 -22.33
C ARG E 298 14.75 -16.35 -22.43
N ALA E 299 14.19 -15.80 -21.36
CA ALA E 299 12.77 -15.47 -21.38
C ALA E 299 12.38 -14.49 -22.49
N ALA E 300 13.27 -13.57 -22.86
CA ALA E 300 13.01 -12.62 -23.93
C ALA E 300 13.36 -13.14 -25.33
N SER E 301 13.77 -14.42 -25.40
CA SER E 301 14.22 -15.10 -26.62
C SER E 301 15.40 -14.41 -27.27
N VAL E 302 16.30 -13.87 -26.47
CA VAL E 302 17.54 -13.27 -27.02
C VAL E 302 18.78 -14.02 -26.56
N LEU E 303 18.56 -15.18 -25.93
CA LEU E 303 19.63 -16.10 -25.55
C LEU E 303 19.07 -17.52 -25.57
N ARG E 304 19.76 -18.44 -26.25
CA ARG E 304 19.30 -19.84 -26.32
C ARG E 304 19.46 -20.57 -24.99
N PHE F 10 45.37 9.87 16.39
CA PHE F 10 45.08 10.84 15.27
C PHE F 10 44.02 11.86 15.67
N ASP F 11 44.41 13.13 15.62
CA ASP F 11 43.58 14.20 16.13
C ASP F 11 42.91 14.95 14.97
N VAL F 12 41.66 14.60 14.65
CA VAL F 12 41.01 15.15 13.45
C VAL F 12 40.85 16.67 13.50
N ALA F 13 40.43 17.20 14.64
CA ALA F 13 40.25 18.66 14.75
C ALA F 13 41.55 19.38 14.45
N ALA F 14 42.65 18.90 15.03
CA ALA F 14 43.94 19.52 14.79
C ALA F 14 44.47 19.27 13.40
N ARG F 15 44.20 18.08 12.85
CA ARG F 15 44.73 17.72 11.53
C ARG F 15 43.92 18.28 10.34
N LEU F 16 42.60 18.33 10.44
CA LEU F 16 41.76 18.81 9.34
C LEU F 16 41.13 20.15 9.61
N GLY F 17 40.83 20.44 10.88
CA GLY F 17 40.24 21.73 11.27
C GLY F 17 38.88 21.56 11.92
N THR F 18 38.28 22.66 12.36
CA THR F 18 36.94 22.65 12.98
C THR F 18 36.00 23.57 12.21
N LEU F 19 36.53 24.67 11.68
CA LEU F 19 35.80 25.54 10.74
C LEU F 19 36.55 25.68 9.43
N LEU F 20 36.04 25.01 8.40
CA LEU F 20 36.58 25.16 7.05
C LEU F 20 35.56 25.87 6.19
N THR F 21 36.04 26.69 5.26
CA THR F 21 35.19 27.12 4.18
C THR F 21 35.45 26.22 2.98
N ALA F 22 34.37 25.78 2.32
CA ALA F 22 34.48 25.22 0.98
C ALA F 22 34.68 26.39 0.04
N MET F 23 35.94 26.81 -0.11
CA MET F 23 36.26 28.11 -0.73
C MET F 23 35.96 28.21 -2.23
N VAL F 24 35.42 29.34 -2.66
CA VAL F 24 35.25 29.56 -4.08
C VAL F 24 36.59 29.61 -4.79
N THR F 25 36.56 29.39 -6.10
CA THR F 25 37.73 29.60 -6.93
C THR F 25 37.60 30.99 -7.60
N PRO F 26 38.43 31.97 -7.21
CA PRO F 26 38.30 33.27 -7.92
C PRO F 26 38.68 33.17 -9.37
N PHE F 27 37.86 33.75 -10.24
CA PHE F 27 38.24 33.92 -11.64
C PHE F 27 38.39 35.42 -11.99
N SER F 28 39.18 35.68 -13.03
CA SER F 28 39.39 37.03 -13.54
C SER F 28 38.24 37.47 -14.40
N GLY F 29 38.33 38.68 -14.94
CA GLY F 29 37.30 39.22 -15.83
C GLY F 29 37.09 38.44 -17.11
N ASP F 30 38.08 37.66 -17.54
CA ASP F 30 37.90 36.78 -18.70
C ASP F 30 37.63 35.31 -18.31
N GLY F 31 37.39 35.08 -17.02
CA GLY F 31 37.06 33.72 -16.56
C GLY F 31 38.25 32.86 -16.15
N SER F 32 39.47 33.34 -16.40
CA SER F 32 40.65 32.53 -16.03
C SER F 32 40.93 32.56 -14.53
N LEU F 33 41.70 31.57 -14.07
CA LEU F 33 42.01 31.42 -12.68
C LEU F 33 42.72 32.65 -12.14
N ASP F 34 42.31 33.07 -10.94
CA ASP F 34 42.88 34.22 -10.25
C ASP F 34 43.48 33.85 -8.88
N THR F 35 44.74 33.42 -8.88
CA THR F 35 45.37 32.96 -7.65
C THR F 35 45.73 34.07 -6.67
N ALA F 36 46.04 35.25 -7.17
CA ALA F 36 46.36 36.38 -6.29
C ALA F 36 45.14 36.73 -5.45
N THR F 37 43.96 36.70 -6.07
CA THR F 37 42.71 36.89 -5.31
C THR F 37 42.45 35.70 -4.37
N ALA F 38 42.70 34.50 -4.88
CA ALA F 38 42.55 33.27 -4.10
C ALA F 38 43.30 33.33 -2.78
N ALA F 39 44.56 33.73 -2.84
CA ALA F 39 45.43 33.85 -1.68
C ALA F 39 44.92 34.90 -0.69
N ARG F 40 44.44 36.03 -1.21
CA ARG F 40 43.86 37.09 -0.40
C ARG F 40 42.60 36.57 0.30
N LEU F 41 41.78 35.83 -0.44
CA LEU F 41 40.55 35.29 0.12
C LEU F 41 40.91 34.29 1.21
N ALA F 42 41.80 33.35 0.88
CA ALA F 42 42.30 32.39 1.87
C ALA F 42 42.66 33.06 3.19
N ASN F 43 43.47 34.11 3.13
CA ASN F 43 43.94 34.84 4.30
C ASN F 43 42.80 35.48 5.08
N HIS F 44 41.90 36.14 4.36
CA HIS F 44 40.71 36.75 4.95
C HIS F 44 39.93 35.77 5.82
N LEU F 45 39.60 34.63 5.24
CA LEU F 45 38.82 33.57 5.90
C LEU F 45 39.52 33.01 7.16
N VAL F 46 40.83 32.84 7.06
CA VAL F 46 41.60 32.37 8.21
C VAL F 46 41.67 33.47 9.28
N ASP F 47 41.87 34.71 8.86
CA ASP F 47 41.84 35.83 9.80
C ASP F 47 40.48 35.98 10.49
N GLN F 48 39.40 35.64 9.79
CA GLN F 48 38.05 35.73 10.37
C GLN F 48 37.72 34.56 11.30
N GLY F 49 38.57 33.53 11.33
CA GLY F 49 38.36 32.43 12.28
C GLY F 49 38.29 30.99 11.80
N CYS F 50 38.35 30.77 10.48
CA CYS F 50 38.53 29.45 9.90
C CYS F 50 39.91 28.87 10.17
N ASP F 51 39.98 27.62 10.61
CA ASP F 51 41.28 27.00 10.86
C ASP F 51 41.66 25.99 9.77
N GLY F 52 40.81 25.85 8.77
CA GLY F 52 41.10 25.02 7.63
C GLY F 52 40.33 25.55 6.42
N LEU F 53 40.67 25.05 5.25
CA LEU F 53 39.90 25.39 4.03
C LEU F 53 39.86 24.22 3.09
N VAL F 54 38.75 24.07 2.36
CA VAL F 54 38.68 23.10 1.27
C VAL F 54 38.80 23.87 -0.05
N VAL F 55 39.80 23.50 -0.84
CA VAL F 55 39.92 24.05 -2.19
C VAL F 55 39.41 23.06 -3.21
N SER F 56 38.72 23.57 -4.23
CA SER F 56 38.17 22.70 -5.29
C SER F 56 37.11 21.70 -4.82
N GLY F 57 36.29 22.11 -3.86
CA GLY F 57 35.07 21.39 -3.56
C GLY F 57 34.01 21.86 -4.51
N THR F 58 32.75 21.63 -4.16
CA THR F 58 31.63 21.92 -5.07
C THR F 58 31.48 23.41 -5.25
N THR F 59 31.52 24.11 -4.12
CA THR F 59 31.44 25.54 -4.10
C THR F 59 32.67 26.15 -4.77
N GLY F 60 33.77 25.38 -4.75
CA GLY F 60 35.01 25.81 -5.41
C GLY F 60 34.98 25.55 -6.90
N GLU F 61 33.83 25.14 -7.40
CA GLU F 61 33.59 24.93 -8.84
C GLU F 61 34.47 23.91 -9.49
N SER F 62 34.68 22.80 -8.79
CA SER F 62 35.49 21.71 -9.29
C SER F 62 35.08 21.21 -10.70
N PRO F 63 33.77 21.21 -11.03
CA PRO F 63 33.35 20.72 -12.36
C PRO F 63 33.85 21.45 -13.61
N THR F 64 34.14 22.75 -13.49
CA THR F 64 34.49 23.57 -14.64
C THR F 64 35.96 23.97 -14.64
N THR F 65 36.72 23.49 -13.66
CA THR F 65 38.16 23.73 -13.64
C THR F 65 38.97 22.53 -14.08
N THR F 66 40.14 22.80 -14.63
CA THR F 66 41.05 21.73 -15.02
C THR F 66 41.91 21.24 -13.85
N ASP F 67 42.58 20.11 -14.07
CA ASP F 67 43.58 19.63 -13.14
C ASP F 67 44.70 20.64 -12.90
N GLY F 68 45.20 21.23 -13.98
CA GLY F 68 46.26 22.24 -13.88
C GLY F 68 45.85 23.39 -12.99
N GLU F 69 44.59 23.78 -13.11
CA GLU F 69 44.00 24.87 -12.34
C GLU F 69 43.79 24.55 -10.89
N LYS F 70 43.30 23.33 -10.62
CA LYS F 70 43.16 22.86 -9.25
C LYS F 70 44.51 22.81 -8.55
N ILE F 71 45.52 22.24 -9.21
CA ILE F 71 46.88 22.16 -8.63
C ILE F 71 47.48 23.57 -8.42
N GLU F 72 47.19 24.49 -9.33
CA GLU F 72 47.72 25.86 -9.20
C GLU F 72 47.07 26.61 -8.04
N LEU F 73 45.78 26.35 -7.85
CA LEU F 73 45.00 26.94 -6.79
C LEU F 73 45.47 26.47 -5.41
N LEU F 74 45.69 25.17 -5.31
CA LEU F 74 46.12 24.54 -4.07
C LEU F 74 47.46 25.08 -3.69
N ARG F 75 48.34 25.22 -4.68
CA ARG F 75 49.68 25.72 -4.39
C ARG F 75 49.65 27.14 -3.81
N ALA F 76 48.85 27.98 -4.46
CA ALA F 76 48.65 29.35 -4.00
C ALA F 76 48.02 29.42 -2.59
N VAL F 77 47.13 28.48 -2.27
CA VAL F 77 46.39 28.56 -1.00
C VAL F 77 47.29 28.04 0.12
N LEU F 78 48.00 26.96 -0.18
CA LEU F 78 49.08 26.50 0.68
C LEU F 78 50.09 27.59 1.06
N GLU F 79 50.64 28.28 0.04
CA GLU F 79 51.55 29.40 0.25
C GLU F 79 50.95 30.50 1.11
N ALA F 80 49.65 30.76 0.91
CA ALA F 80 48.99 31.83 1.61
C ALA F 80 48.74 31.50 3.08
N VAL F 81 48.23 30.31 3.36
CA VAL F 81 47.78 29.99 4.71
C VAL F 81 48.24 28.64 5.29
N GLY F 82 48.87 27.82 4.45
CA GLY F 82 49.31 26.49 4.84
C GLY F 82 50.09 26.37 6.13
N ASP F 83 50.84 27.41 6.49
CA ASP F 83 51.56 27.45 7.75
C ASP F 83 50.66 27.58 8.97
N ARG F 84 49.41 28.02 8.78
CA ARG F 84 48.57 28.33 9.91
C ARG F 84 47.13 27.86 9.81
N ALA F 85 46.83 27.12 8.75
CA ALA F 85 45.51 26.55 8.56
C ALA F 85 45.66 25.28 7.74
N ARG F 86 44.69 24.38 7.89
CA ARG F 86 44.75 23.11 7.19
C ARG F 86 44.10 23.30 5.81
N VAL F 87 44.80 22.87 4.77
CA VAL F 87 44.30 22.96 3.42
C VAL F 87 43.98 21.56 2.88
N ILE F 88 42.68 21.32 2.73
CA ILE F 88 42.13 20.07 2.23
C ILE F 88 41.80 20.22 0.75
N ALA F 89 42.22 19.27 -0.08
CA ALA F 89 41.96 19.39 -1.52
C ALA F 89 40.83 18.47 -1.97
N GLY F 90 39.90 19.02 -2.75
CA GLY F 90 38.91 18.18 -3.44
C GLY F 90 39.62 17.31 -4.46
N ALA F 91 39.46 15.98 -4.39
CA ALA F 91 40.10 15.14 -5.40
C ALA F 91 39.19 14.12 -6.09
N GLY F 92 37.93 14.00 -5.67
CA GLY F 92 37.06 12.96 -6.22
C GLY F 92 36.24 13.36 -7.43
N THR F 93 36.17 12.48 -8.41
CA THR F 93 35.31 12.64 -9.58
C THR F 93 34.48 11.40 -9.69
N TYR F 94 33.79 11.25 -10.82
CA TYR F 94 33.06 10.02 -11.14
C TYR F 94 33.92 9.00 -11.88
N ASP F 95 35.23 9.18 -11.80
CA ASP F 95 36.18 8.40 -12.56
C ASP F 95 37.28 8.05 -11.56
N THR F 96 37.36 6.78 -11.20
CA THR F 96 38.31 6.34 -10.20
C THR F 96 39.77 6.60 -10.60
N ALA F 97 40.13 6.28 -11.84
CA ALA F 97 41.51 6.47 -12.31
C ALA F 97 41.89 7.93 -12.18
N HIS F 98 41.03 8.83 -12.68
CA HIS F 98 41.21 10.29 -12.53
C HIS F 98 41.31 10.75 -11.06
N SER F 99 40.50 10.17 -10.18
CA SER F 99 40.49 10.64 -8.79
C SER F 99 41.80 10.23 -8.10
N ILE F 100 42.35 9.11 -8.55
CA ILE F 100 43.63 8.59 -8.04
C ILE F 100 44.77 9.51 -8.50
N ARG F 101 44.75 9.87 -9.79
CA ARG F 101 45.75 10.79 -10.36
C ARG F 101 45.70 12.09 -9.58
N LEU F 102 44.50 12.64 -9.41
CA LEU F 102 44.29 13.88 -8.70
C LEU F 102 44.71 13.82 -7.22
N ALA F 103 44.31 12.77 -6.51
CA ALA F 103 44.71 12.62 -5.12
C ALA F 103 46.24 12.62 -5.04
N LYS F 104 46.89 11.95 -6.00
CA LYS F 104 48.36 11.87 -6.04
C LYS F 104 49.01 13.23 -6.21
N ALA F 105 48.57 13.97 -7.23
CA ALA F 105 49.10 15.31 -7.50
C ALA F 105 48.87 16.29 -6.35
N CYS F 106 47.77 16.13 -5.62
CA CYS F 106 47.48 16.96 -4.44
C CYS F 106 48.41 16.71 -3.26
N ALA F 107 48.63 15.42 -2.96
CA ALA F 107 49.61 15.05 -1.97
C ALA F 107 50.96 15.59 -2.40
N ALA F 108 51.29 15.40 -3.69
CA ALA F 108 52.55 15.90 -4.24
C ALA F 108 52.76 17.40 -4.01
N GLU F 109 51.66 18.18 -3.96
CA GLU F 109 51.72 19.63 -3.74
C GLU F 109 51.79 20.04 -2.27
N GLY F 110 51.49 19.12 -1.35
CA GLY F 110 51.52 19.42 0.08
C GLY F 110 50.16 19.55 0.76
N ALA F 111 49.10 19.09 0.08
CA ALA F 111 47.76 19.10 0.67
C ALA F 111 47.76 18.33 1.98
N HIS F 112 46.99 18.81 2.94
CA HIS F 112 46.95 18.26 4.30
C HIS F 112 46.00 17.09 4.41
N GLY F 113 44.96 17.11 3.60
CA GLY F 113 44.00 16.02 3.51
C GLY F 113 43.24 16.13 2.20
N LEU F 114 42.37 15.16 1.94
CA LEU F 114 41.56 15.16 0.74
C LEU F 114 40.07 15.04 1.05
N LEU F 115 39.26 15.72 0.24
CA LEU F 115 37.82 15.55 0.26
C LEU F 115 37.42 14.83 -1.05
N VAL F 116 36.79 13.67 -0.90
CA VAL F 116 36.43 12.80 -2.04
C VAL F 116 34.91 12.61 -2.03
N VAL F 117 34.26 13.14 -3.07
CA VAL F 117 32.81 13.07 -3.20
C VAL F 117 32.38 11.73 -3.79
N THR F 118 31.17 11.28 -3.43
CA THR F 118 30.58 10.09 -4.04
C THR F 118 30.51 10.34 -5.55
N PRO F 119 31.03 9.39 -6.37
CA PRO F 119 30.86 9.49 -7.84
C PRO F 119 29.43 9.84 -8.24
N TYR F 120 29.29 10.92 -8.97
CA TYR F 120 27.98 11.50 -9.34
C TYR F 120 27.55 11.00 -10.71
N TYR F 121 26.26 11.11 -11.00
CA TYR F 121 25.70 10.85 -12.36
C TYR F 121 25.62 9.40 -12.83
N SER F 122 26.73 8.68 -12.76
CA SER F 122 26.82 7.35 -13.33
C SER F 122 26.08 6.29 -12.51
N LYS F 123 25.76 6.60 -11.24
CA LYS F 123 25.10 5.66 -10.29
C LYS F 123 25.75 4.25 -10.10
N PRO F 124 27.00 4.24 -9.58
CA PRO F 124 27.65 2.97 -9.28
C PRO F 124 26.89 2.24 -8.16
N PRO F 125 26.86 0.88 -8.18
CA PRO F 125 26.33 0.20 -6.99
C PRO F 125 27.23 0.39 -5.76
N GLN F 126 26.74 0.06 -4.57
CA GLN F 126 27.56 0.25 -3.35
C GLN F 126 28.92 -0.44 -3.44
N ARG F 127 28.97 -1.64 -4.03
CA ARG F 127 30.27 -2.33 -4.14
C ARG F 127 31.28 -1.60 -5.05
N GLY F 128 30.77 -0.84 -6.03
CA GLY F 128 31.62 0.08 -6.83
C GLY F 128 32.02 1.35 -6.08
N LEU F 129 31.09 1.94 -5.33
CA LEU F 129 31.45 3.03 -4.42
C LEU F 129 32.55 2.59 -3.47
N GLN F 130 32.43 1.40 -2.90
CA GLN F 130 33.41 0.89 -1.96
C GLN F 130 34.79 0.70 -2.59
N ALA F 131 34.85 0.05 -3.76
CA ALA F 131 36.12 -0.12 -4.47
C ALA F 131 36.74 1.22 -4.87
N HIS F 132 35.91 2.15 -5.33
CA HIS F 132 36.33 3.53 -5.66
C HIS F 132 37.03 4.23 -4.48
N PHE F 133 36.32 4.42 -3.37
CA PHE F 133 36.88 5.05 -2.16
C PHE F 133 38.14 4.39 -1.59
N THR F 134 38.15 3.06 -1.55
CA THR F 134 39.34 2.27 -1.17
C THR F 134 40.51 2.56 -2.11
N ALA F 135 40.27 2.52 -3.42
CA ALA F 135 41.32 2.84 -4.43
C ALA F 135 41.97 4.20 -4.18
N VAL F 136 41.13 5.19 -3.91
CA VAL F 136 41.59 6.58 -3.76
C VAL F 136 42.32 6.72 -2.43
N ALA F 137 41.75 6.12 -1.39
CA ALA F 137 42.37 6.05 -0.08
C ALA F 137 43.73 5.33 -0.12
N ASP F 138 43.90 4.41 -1.06
CA ASP F 138 45.13 3.60 -1.07
C ASP F 138 46.23 4.36 -1.79
N ALA F 139 45.83 5.33 -2.60
CA ALA F 139 46.74 6.03 -3.50
C ALA F 139 47.69 7.04 -2.82
N THR F 140 47.31 7.55 -1.65
CA THR F 140 48.19 8.44 -0.86
C THR F 140 48.09 8.12 0.61
N GLU F 141 48.93 8.80 1.38
CA GLU F 141 48.97 8.66 2.83
C GLU F 141 48.19 9.77 3.53
N LEU F 142 47.48 10.61 2.74
CA LEU F 142 46.74 11.73 3.30
C LEU F 142 45.46 11.29 3.97
N PRO F 143 45.09 11.96 5.08
CA PRO F 143 43.79 11.68 5.65
C PRO F 143 42.69 12.12 4.66
N MET F 144 41.62 11.35 4.60
CA MET F 144 40.62 11.49 3.58
C MET F 144 39.24 11.56 4.22
N LEU F 145 38.42 12.48 3.70
CA LEU F 145 37.03 12.59 4.09
C LEU F 145 36.15 12.19 2.90
N LEU F 146 35.16 11.32 3.15
CA LEU F 146 34.08 11.00 2.20
C LEU F 146 33.10 12.14 2.17
N TYR F 147 32.56 12.43 0.99
CA TYR F 147 31.66 13.55 0.88
C TYR F 147 30.34 12.99 0.37
N ASP F 148 29.43 12.80 1.32
CA ASP F 148 28.15 12.11 1.08
C ASP F 148 27.06 13.14 0.76
N ILE F 149 26.65 13.15 -0.50
CA ILE F 149 25.74 14.19 -0.98
C ILE F 149 24.79 13.62 -2.04
N PRO F 150 23.86 12.72 -1.62
CA PRO F 150 23.02 12.04 -2.63
C PRO F 150 22.19 13.01 -3.47
N GLY F 151 21.86 14.17 -2.90
CA GLY F 151 21.05 15.19 -3.62
C GLY F 151 21.72 15.72 -4.89
N ARG F 152 23.06 15.58 -4.95
CA ARG F 152 23.87 15.96 -6.11
C ARG F 152 24.37 14.76 -6.92
N SER F 153 24.84 13.73 -6.22
CA SER F 153 25.51 12.61 -6.84
C SER F 153 24.53 11.58 -7.38
N ALA F 154 23.27 11.67 -6.92
CA ALA F 154 22.21 10.75 -7.28
C ALA F 154 22.31 9.35 -6.64
N VAL F 155 23.32 9.11 -5.79
N VAL F 155 23.23 9.17 -5.68
CA VAL F 155 23.38 7.90 -4.90
CA VAL F 155 23.39 7.89 -4.94
C VAL F 155 23.93 8.28 -3.53
C VAL F 155 24.04 8.14 -3.57
N PRO F 156 23.45 7.61 -2.48
CA PRO F 156 24.06 7.80 -1.16
C PRO F 156 25.24 6.87 -0.95
N ILE F 157 26.03 7.16 0.09
CA ILE F 157 26.95 6.14 0.61
C ILE F 157 26.18 5.51 1.75
N GLU F 158 25.71 4.28 1.52
CA GLU F 158 24.89 3.58 2.50
C GLU F 158 25.62 3.41 3.82
N PRO F 159 24.88 3.47 4.96
CA PRO F 159 25.49 3.26 6.26
C PRO F 159 26.42 2.04 6.33
N ASP F 160 26.06 0.94 5.67
CA ASP F 160 26.94 -0.24 5.72
C ASP F 160 28.27 0.01 5.03
N THR F 161 28.21 0.75 3.93
CA THR F 161 29.38 1.13 3.12
C THR F 161 30.29 2.07 3.91
N ILE F 162 29.71 3.10 4.51
CA ILE F 162 30.49 3.99 5.38
C ILE F 162 31.23 3.14 6.43
N ARG F 163 30.52 2.24 7.09
CA ARG F 163 31.13 1.38 8.12
C ARG F 163 32.28 0.51 7.60
N ALA F 164 32.13 -0.06 6.42
CA ALA F 164 33.17 -0.93 5.87
C ALA F 164 34.42 -0.11 5.58
N LEU F 165 34.22 1.08 5.04
CA LEU F 165 35.28 2.01 4.67
C LEU F 165 35.98 2.53 5.93
N ALA F 166 35.26 2.56 7.05
CA ALA F 166 35.83 3.06 8.30
C ALA F 166 37.05 2.22 8.74
N SER F 167 37.19 1.00 8.18
CA SER F 167 38.36 0.14 8.42
C SER F 167 39.62 0.79 7.89
N HIS F 168 39.53 1.47 6.75
CA HIS F 168 40.71 2.01 6.08
C HIS F 168 41.41 2.99 6.99
N PRO F 169 42.71 2.80 7.22
CA PRO F 169 43.43 3.71 8.10
C PRO F 169 43.37 5.17 7.58
N ASN F 170 43.31 5.37 6.27
CA ASN F 170 43.31 6.75 5.71
C ASN F 170 41.94 7.47 5.69
N ILE F 171 40.84 6.72 5.79
CA ILE F 171 39.52 7.36 5.74
C ILE F 171 39.12 7.76 7.16
N VAL F 172 39.08 9.06 7.42
CA VAL F 172 39.08 9.55 8.80
C VAL F 172 37.75 10.17 9.22
N GLY F 173 36.92 10.47 8.23
CA GLY F 173 35.62 11.07 8.51
C GLY F 173 34.76 11.27 7.28
N VAL F 174 33.67 12.01 7.49
CA VAL F 174 32.64 12.27 6.49
C VAL F 174 32.18 13.74 6.48
N KPI F 175 32.17 14.33 5.29
CA KPI F 175 31.43 15.58 5.09
CB KPI F 175 32.10 16.47 4.03
CG KPI F 175 31.33 17.77 3.82
CD KPI F 175 31.91 18.53 2.63
CE KPI F 175 31.07 19.77 2.36
NZ KPI F 175 31.46 20.28 1.05
CX1 KPI F 175 31.07 21.36 0.48
C1 KPI F 175 30.10 22.28 1.18
CX2 KPI F 175 31.56 21.67 -0.87
O1 KPI F 175 31.08 22.67 -1.48
O2 KPI F 175 32.42 20.95 -1.43
C KPI F 175 30.04 15.17 4.71
O KPI F 175 29.79 14.66 3.61
N ASP F 176 29.10 15.35 5.65
CA ASP F 176 27.79 14.82 5.47
C ASP F 176 26.83 15.90 4.98
N ALA F 177 26.36 15.73 3.74
CA ALA F 177 25.33 16.61 3.21
C ALA F 177 24.08 15.80 2.87
N LYS F 178 23.75 14.86 3.77
CA LYS F 178 22.65 13.92 3.63
C LYS F 178 21.58 14.10 4.73
N ALA F 179 21.82 14.98 5.72
CA ALA F 179 20.82 15.25 6.79
C ALA F 179 20.41 14.04 7.63
N ASP F 180 21.22 12.99 7.65
CA ASP F 180 20.84 11.78 8.40
C ASP F 180 21.36 11.95 9.80
N LEU F 181 20.72 12.83 10.56
CA LEU F 181 21.26 13.25 11.85
C LEU F 181 21.49 12.07 12.82
N HIS F 182 20.46 11.26 13.04
CA HIS F 182 20.56 10.15 14.01
C HIS F 182 21.45 8.98 13.57
N SER F 183 21.45 8.58 12.29
CA SER F 183 22.38 7.50 11.91
C SER F 183 23.85 7.91 11.85
N GLY F 184 24.13 9.18 11.51
CA GLY F 184 25.50 9.72 11.60
C GLY F 184 25.98 9.74 13.04
N ALA F 185 25.08 10.14 13.95
CA ALA F 185 25.32 10.11 15.41
C ALA F 185 25.75 8.72 15.82
N GLN F 186 25.04 7.71 15.30
CA GLN F 186 25.32 6.29 15.60
C GLN F 186 26.63 5.79 14.98
N ILE F 187 26.86 6.10 13.70
CA ILE F 187 28.10 5.71 12.99
C ILE F 187 29.37 6.29 13.64
N MET F 188 29.31 7.56 14.02
CA MET F 188 30.39 8.20 14.78
C MET F 188 30.65 7.46 16.09
N ALA F 189 29.57 7.12 16.78
CA ALA F 189 29.67 6.41 18.05
C ALA F 189 30.31 5.03 17.83
N ASP F 190 29.86 4.34 16.78
CA ASP F 190 30.32 2.97 16.46
C ASP F 190 31.70 2.88 15.83
N THR F 191 32.13 3.90 15.11
CA THR F 191 33.36 3.81 14.32
C THR F 191 34.46 4.81 14.70
N GLY F 192 34.07 5.90 15.36
CA GLY F 192 35.02 6.98 15.63
C GLY F 192 35.38 7.82 14.39
N LEU F 193 34.69 7.58 13.29
CA LEU F 193 34.82 8.50 12.14
C LEU F 193 34.40 9.90 12.54
N ALA F 194 35.04 10.92 11.98
CA ALA F 194 34.70 12.33 12.29
C ALA F 194 33.65 12.79 11.33
N TYR F 195 32.58 13.41 11.81
CA TYR F 195 31.60 14.00 10.90
C TYR F 195 31.75 15.50 10.83
N TYR F 196 31.65 16.03 9.61
CA TYR F 196 31.60 17.47 9.41
C TYR F 196 30.30 17.80 8.71
N SER F 197 29.62 18.85 9.16
CA SER F 197 28.39 19.31 8.50
C SER F 197 28.65 19.86 7.08
N GLY F 198 28.06 19.21 6.08
CA GLY F 198 28.05 19.74 4.70
C GLY F 198 26.83 20.58 4.30
N ASP F 199 25.95 20.86 5.26
CA ASP F 199 24.77 21.73 5.07
C ASP F 199 24.75 22.78 6.17
N ASP F 200 24.85 24.07 5.83
CA ASP F 200 24.89 25.10 6.86
C ASP F 200 23.65 25.14 7.72
N ALA F 201 22.49 24.77 7.17
CA ALA F 201 21.25 24.75 7.96
C ALA F 201 21.31 23.76 9.12
N LEU F 202 22.12 22.71 8.94
CA LEU F 202 22.23 21.63 9.96
C LEU F 202 23.53 21.71 10.79
N ASN F 203 24.22 22.85 10.71
CA ASN F 203 25.46 23.03 11.48
C ASN F 203 25.31 22.69 12.96
N LEU F 204 24.32 23.30 13.62
CA LEU F 204 24.16 23.09 15.05
C LEU F 204 23.50 21.73 15.39
N PRO F 205 22.55 21.26 14.57
CA PRO F 205 22.10 19.88 14.81
C PRO F 205 23.25 18.87 14.66
N TRP F 206 24.10 19.05 13.65
CA TRP F 206 25.29 18.19 13.55
C TRP F 206 26.19 18.26 14.81
N LEU F 207 26.38 19.44 15.36
CA LEU F 207 27.20 19.54 16.57
C LEU F 207 26.59 18.69 17.71
N ARG F 208 25.27 18.80 17.87
CA ARG F 208 24.50 18.04 18.82
C ARG F 208 24.66 16.54 18.62
N MET F 209 24.93 16.13 17.37
CA MET F 209 25.08 14.70 17.05
C MET F 209 26.51 14.22 17.21
N GLY F 210 27.46 15.14 17.32
CA GLY F 210 28.84 14.78 17.66
C GLY F 210 29.80 15.20 16.59
N ALA F 211 29.32 16.05 15.67
CA ALA F 211 30.16 16.47 14.56
C ALA F 211 31.35 17.26 15.09
N THR F 212 32.48 17.14 14.38
CA THR F 212 33.72 17.82 14.73
C THR F 212 33.75 19.30 14.36
N GLY F 213 32.96 19.67 13.35
CA GLY F 213 32.91 21.04 12.88
C GLY F 213 32.16 21.16 11.58
N PHE F 214 32.41 22.27 10.85
CA PHE F 214 31.68 22.58 9.63
C PHE F 214 32.62 22.64 8.44
N ILE F 215 32.17 22.12 7.31
CA ILE F 215 32.76 22.48 6.04
C ILE F 215 31.68 23.36 5.41
N SER F 216 31.81 24.67 5.70
CA SER F 216 30.76 25.66 5.50
C SER F 216 30.84 26.40 4.17
N VAL F 217 29.68 26.81 3.67
CA VAL F 217 29.56 27.69 2.49
C VAL F 217 29.37 29.14 2.96
N ILE F 218 28.51 29.34 3.97
CA ILE F 218 28.18 30.71 4.44
C ILE F 218 29.30 31.36 5.24
N ALA F 219 30.24 30.52 5.67
CA ALA F 219 31.46 30.97 6.31
C ALA F 219 32.18 31.99 5.43
N HIS F 220 31.97 31.94 4.10
CA HIS F 220 32.54 32.96 3.20
C HIS F 220 32.19 34.34 3.71
N LEU F 221 30.96 34.48 4.19
CA LEU F 221 30.42 35.76 4.61
C LEU F 221 30.38 35.93 6.12
N ALA F 222 30.36 34.81 6.85
CA ALA F 222 30.09 34.81 8.31
C ALA F 222 31.00 33.91 9.14
N ALA F 223 32.28 33.80 8.75
CA ALA F 223 33.23 32.96 9.47
C ALA F 223 33.33 33.32 10.96
N GLY F 224 33.35 34.61 11.28
CA GLY F 224 33.49 35.06 12.66
C GLY F 224 32.34 34.60 13.55
N GLN F 225 31.11 34.64 13.01
CA GLN F 225 29.94 34.19 13.79
C GLN F 225 29.93 32.68 14.00
N LEU F 226 30.28 31.94 12.94
CA LEU F 226 30.32 30.48 12.96
C LEU F 226 31.38 29.99 13.95
N ARG F 227 32.53 30.66 13.97
CA ARG F 227 33.56 30.39 14.97
C ARG F 227 33.01 30.67 16.39
N GLU F 228 32.32 31.79 16.57
CA GLU F 228 31.69 32.08 17.87
C GLU F 228 30.64 31.02 18.22
N LEU F 229 29.98 30.48 17.20
CA LEU F 229 28.99 29.42 17.41
C LEU F 229 29.65 28.13 17.91
N LEU F 230 30.70 27.69 17.21
CA LEU F 230 31.49 26.53 17.67
C LEU F 230 32.09 26.72 19.08
N SER F 231 32.60 27.92 19.36
CA SER F 231 33.15 28.21 20.72
C SER F 231 32.07 28.12 21.81
N ALA F 232 30.93 28.76 21.56
CA ALA F 232 29.80 28.69 22.50
C ALA F 232 29.32 27.26 22.75
N PHE F 233 29.22 26.45 21.68
CA PHE F 233 28.82 25.05 21.81
C PHE F 233 29.88 24.29 22.59
N GLY F 234 31.14 24.52 22.20
CA GLY F 234 32.29 23.88 22.81
C GLY F 234 32.31 24.03 24.32
N SER F 235 31.84 25.16 24.83
CA SER F 235 31.83 25.44 26.28
C SER F 235 30.49 25.17 26.91
N GLY F 236 29.64 24.39 26.26
CA GLY F 236 28.30 24.11 26.77
C GLY F 236 27.38 25.31 26.84
N ASP F 237 27.73 26.40 26.16
CA ASP F 237 26.85 27.56 26.09
C ASP F 237 25.95 27.49 24.86
N ILE F 238 24.97 26.60 24.94
CA ILE F 238 24.09 26.22 23.82
C ILE F 238 23.08 27.33 23.53
N ALA F 239 22.72 28.09 24.55
CA ALA F 239 21.80 29.22 24.38
C ALA F 239 22.43 30.29 23.49
N THR F 240 23.74 30.51 23.67
CA THR F 240 24.50 31.42 22.81
C THR F 240 24.63 30.82 21.40
N ALA F 241 24.84 29.51 21.31
CA ALA F 241 24.98 28.84 20.01
C ALA F 241 23.66 28.89 19.21
N ARG F 242 22.51 28.68 19.86
CA ARG F 242 21.20 28.87 19.23
CA ARG F 242 21.20 28.88 19.21
C ARG F 242 21.03 30.33 18.77
N LYS F 243 21.35 31.27 19.64
CA LYS F 243 21.19 32.69 19.30
C LYS F 243 22.01 33.10 18.07
N ILE F 244 23.24 32.60 17.97
CA ILE F 244 24.07 32.87 16.79
C ILE F 244 23.50 32.19 15.55
N ASN F 245 23.12 30.92 15.70
CA ASN F 245 22.47 30.17 14.63
C ASN F 245 21.22 30.88 14.08
N ILE F 246 20.35 31.36 14.97
N ILE F 246 20.37 31.40 14.96
CA ILE F 246 19.20 32.17 14.56
CA ILE F 246 19.20 32.18 14.54
C ILE F 246 19.62 33.44 13.78
C ILE F 246 19.56 33.50 13.84
N ALA F 247 20.70 34.10 14.22
CA ALA F 247 21.15 35.38 13.66
C ALA F 247 21.64 35.27 12.20
N VAL F 248 22.26 34.16 11.88
CA VAL F 248 22.79 33.95 10.57
C VAL F 248 21.81 33.21 9.64
N ALA F 249 20.65 32.81 10.16
CA ALA F 249 19.58 32.21 9.32
C ALA F 249 19.34 32.88 7.94
N PRO F 250 19.24 34.24 7.90
CA PRO F 250 18.98 34.85 6.58
C PRO F 250 19.92 34.34 5.47
N LEU F 251 21.17 34.04 5.83
CA LEU F 251 22.15 33.48 4.87
C LEU F 251 21.80 32.07 4.36
N CME F 252 21.32 31.22 5.27
CA CME F 252 20.80 29.92 4.89
CB CME F 252 20.42 29.07 6.09
SG CME F 252 21.92 28.50 6.84
SD CME F 252 22.19 29.46 8.60
CE CME F 252 21.65 28.59 10.03
CZ CME F 252 20.48 27.74 9.62
OH CME F 252 19.28 28.33 10.08
C CME F 252 19.62 30.10 3.99
O CME F 252 19.51 29.40 2.98
N ASN F 253 18.75 31.07 4.29
CA ASN F 253 17.65 31.41 3.38
C ASN F 253 18.16 31.79 1.98
N ALA F 254 19.14 32.71 1.90
CA ALA F 254 19.68 33.09 0.60
C ALA F 254 20.35 31.91 -0.16
N MET F 255 20.99 31.00 0.57
CA MET F 255 21.56 29.77 -0.01
C MET F 255 20.53 28.97 -0.82
N SER F 256 19.34 28.77 -0.23
CA SER F 256 18.25 28.00 -0.87
C SER F 256 17.78 28.64 -2.16
N ARG F 257 17.78 29.97 -2.16
CA ARG F 257 17.39 30.70 -3.35
C ARG F 257 18.46 30.59 -4.45
N LEU F 258 19.75 30.67 -4.07
CA LEU F 258 20.87 30.95 -5.00
C LEU F 258 21.82 29.77 -5.28
N GLY F 259 21.95 28.87 -4.33
CA GLY F 259 23.03 27.87 -4.35
C GLY F 259 24.32 28.52 -3.90
N GLY F 260 25.25 27.68 -3.48
CA GLY F 260 26.45 28.08 -2.79
C GLY F 260 27.37 28.96 -3.60
N VAL F 261 27.63 28.55 -4.84
CA VAL F 261 28.50 29.23 -5.76
C VAL F 261 28.02 30.67 -6.04
N THR F 262 26.79 30.78 -6.53
CA THR F 262 26.19 32.07 -6.81
C THR F 262 26.17 32.95 -5.55
N LEU F 263 25.80 32.39 -4.40
CA LEU F 263 25.72 33.17 -3.16
C LEU F 263 27.09 33.73 -2.75
N SER F 264 28.11 32.87 -2.79
CA SER F 264 29.44 33.16 -2.25
C SER F 264 30.09 34.27 -3.08
N LYS F 265 30.05 34.10 -4.39
CA LYS F 265 30.70 35.06 -5.29
C LYS F 265 30.00 36.40 -5.23
N ALA F 266 28.65 36.36 -5.20
CA ALA F 266 27.88 37.57 -5.07
C ALA F 266 28.01 38.26 -3.71
N GLY F 267 28.03 37.49 -2.63
CA GLY F 267 28.13 38.05 -1.26
C GLY F 267 29.52 38.56 -0.93
N LEU F 268 30.55 37.84 -1.38
CA LEU F 268 31.94 38.31 -1.25
C LEU F 268 32.13 39.63 -2.00
N ARG F 269 31.56 39.73 -3.18
CA ARG F 269 31.66 40.98 -3.93
C ARG F 269 31.01 42.14 -3.15
N LEU F 270 29.87 41.88 -2.50
CA LEU F 270 29.16 42.85 -1.68
C LEU F 270 29.95 43.26 -0.44
N GLN F 271 30.73 42.33 0.12
CA GLN F 271 31.61 42.64 1.24
C GLN F 271 32.91 43.33 0.81
N GLY F 272 33.09 43.57 -0.49
CA GLY F 272 34.24 44.30 -0.99
C GLY F 272 35.41 43.43 -1.44
N ILE F 273 35.16 42.12 -1.53
CA ILE F 273 36.16 41.16 -1.99
C ILE F 273 35.63 40.54 -3.27
N ASP F 274 35.96 41.17 -4.39
CA ASP F 274 35.49 40.75 -5.70
C ASP F 274 36.23 39.46 -6.09
N VAL F 275 35.50 38.34 -6.24
CA VAL F 275 36.10 37.09 -6.67
C VAL F 275 35.68 36.62 -8.09
N GLY F 276 35.24 37.54 -8.93
CA GLY F 276 34.77 37.15 -10.26
C GLY F 276 33.37 36.59 -10.26
N ASP F 277 33.01 35.99 -11.38
CA ASP F 277 31.72 35.30 -11.54
C ASP F 277 31.94 33.80 -11.73
N PRO F 278 30.86 32.98 -11.64
CA PRO F 278 30.99 31.55 -11.94
C PRO F 278 31.30 31.23 -13.41
N ARG F 279 31.88 30.06 -13.67
CA ARG F 279 31.94 29.60 -15.04
C ARG F 279 30.66 28.89 -15.36
N LEU F 280 30.20 28.99 -16.61
CA LEU F 280 28.99 28.26 -17.04
C LEU F 280 29.21 26.73 -16.94
N PRO F 281 28.15 25.97 -16.62
CA PRO F 281 26.72 26.36 -16.59
C PRO F 281 26.27 27.14 -15.34
N GLN F 282 27.17 27.40 -14.41
CA GLN F 282 26.84 28.19 -13.23
C GLN F 282 26.83 29.68 -13.64
N VAL F 283 26.11 30.53 -12.90
CA VAL F 283 25.78 31.90 -13.34
C VAL F 283 25.86 32.87 -12.17
N ALA F 284 26.18 34.12 -12.47
CA ALA F 284 26.28 35.16 -11.47
C ALA F 284 24.88 35.58 -11.11
N ALA F 285 24.72 36.10 -9.91
CA ALA F 285 23.44 36.61 -9.43
C ALA F 285 22.97 37.75 -10.32
N THR F 286 21.66 37.85 -10.51
CA THR F 286 21.02 38.97 -11.19
C THR F 286 20.96 40.21 -10.27
N PRO F 287 20.75 41.42 -10.83
CA PRO F 287 20.48 42.58 -9.97
C PRO F 287 19.41 42.31 -8.88
N GLU F 288 18.28 41.70 -9.21
CA GLU F 288 17.23 41.41 -8.22
C GLU F 288 17.75 40.51 -7.09
N GLN F 289 18.44 39.45 -7.46
CA GLN F 289 19.01 38.48 -6.49
C GLN F 289 20.04 39.15 -5.60
N ILE F 290 20.77 40.11 -6.18
CA ILE F 290 21.76 40.85 -5.42
C ILE F 290 21.09 41.69 -4.33
N ASP F 291 19.95 42.30 -4.64
CA ASP F 291 19.29 43.13 -3.63
C ASP F 291 18.72 42.24 -2.52
N ALA F 292 18.14 41.09 -2.87
CA ALA F 292 17.60 40.18 -1.85
C ALA F 292 18.71 39.66 -0.96
N LEU F 293 19.85 39.31 -1.56
CA LEU F 293 21.03 38.83 -0.83
C LEU F 293 21.62 39.90 0.10
N ALA F 294 21.72 41.12 -0.43
CA ALA F 294 22.24 42.24 0.33
C ALA F 294 21.35 42.46 1.56
N ALA F 295 20.02 42.38 1.37
CA ALA F 295 19.08 42.43 2.50
C ALA F 295 19.36 41.32 3.56
N ASP F 296 19.47 40.07 3.13
CA ASP F 296 19.78 38.95 4.03
C ASP F 296 21.09 39.18 4.79
N MET F 297 22.12 39.63 4.07
CA MET F 297 23.41 39.91 4.67
C MET F 297 23.35 41.01 5.73
N ARG F 298 22.59 42.08 5.47
CA ARG F 298 22.38 43.11 6.49
C ARG F 298 21.55 42.60 7.69
N ALA F 299 20.57 41.74 7.44
CA ALA F 299 19.79 41.18 8.55
C ALA F 299 20.69 40.29 9.42
N ALA F 300 21.62 39.60 8.79
CA ALA F 300 22.60 38.74 9.46
C ALA F 300 23.83 39.47 10.03
N SER F 301 23.84 40.81 9.94
CA SER F 301 24.95 41.63 10.43
C SER F 301 26.34 41.33 9.85
N VAL F 302 26.37 40.86 8.61
CA VAL F 302 27.62 40.67 7.87
C VAL F 302 27.73 41.64 6.71
N LEU F 303 26.90 42.68 6.74
CA LEU F 303 26.99 43.78 5.76
C LEU F 303 26.42 45.04 6.41
N ARG F 304 27.18 46.14 6.39
CA ARG F 304 26.72 47.39 6.99
C ARG F 304 25.39 47.83 6.33
S SO4 G . -31.07 -24.17 -3.14
O1 SO4 G . -32.21 -23.25 -3.10
O2 SO4 G . -31.46 -25.29 -2.27
O3 SO4 G . -30.82 -24.65 -4.50
O4 SO4 G . -29.82 -23.57 -2.68
S SO4 H . 6.29 -11.39 -13.15
O1 SO4 H . 5.12 -10.51 -12.98
O2 SO4 H . 6.62 -11.50 -14.56
O3 SO4 H . 7.47 -10.84 -12.48
O4 SO4 H . 6.01 -12.71 -12.61
S SO4 I . -27.44 -1.71 11.80
O1 SO4 I . -28.17 -0.46 11.64
O2 SO4 I . -26.95 -1.85 13.17
O3 SO4 I . -28.35 -2.82 11.54
O4 SO4 I . -26.29 -1.75 10.89
C1 GOL J . -4.86 -24.39 -19.94
O1 GOL J . -5.88 -24.68 -20.89
C2 GOL J . -3.61 -23.88 -20.63
O2 GOL J . -3.89 -22.57 -21.01
C3 GOL J . -2.42 -23.86 -19.68
O3 GOL J . -1.50 -24.74 -20.25
C1 GOL K . -29.88 4.63 -15.40
O1 GOL K . -28.98 5.47 -16.10
C2 GOL K . -29.43 3.19 -15.59
O2 GOL K . -29.20 2.62 -14.32
C3 GOL K . -28.15 3.13 -16.41
O3 GOL K . -28.39 2.60 -17.69
C ACT L . -20.81 3.07 -21.72
O ACT L . -21.73 3.50 -21.01
OXT ACT L . -19.71 3.56 -21.41
CH3 ACT L . -21.01 2.07 -22.82
C ACT M . -5.74 8.75 3.73
O ACT M . -6.86 8.35 3.32
OXT ACT M . -5.29 8.19 4.76
CH3 ACT M . -4.98 9.82 3.01
C ACT N . -2.45 -3.31 13.14
O ACT N . -2.83 -2.13 12.96
OXT ACT N . -1.43 -3.64 12.50
CH3 ACT N . -3.16 -4.28 14.07
C1 GOL O . -9.42 -28.90 -13.65
O1 GOL O . -10.76 -28.99 -14.10
C2 GOL O . -8.81 -27.63 -14.24
O2 GOL O . -9.83 -27.02 -14.99
C3 GOL O . -8.26 -26.67 -13.19
O3 GOL O . -7.07 -27.19 -12.58
C1 GOL P . -23.86 -16.00 -10.58
O1 GOL P . -23.07 -16.39 -11.69
C2 GOL P . -23.02 -15.71 -9.34
O2 GOL P . -21.70 -15.51 -9.83
C3 GOL P . -23.10 -16.93 -8.43
O3 GOL P . -22.05 -16.96 -7.46
C1 BME Q . -15.92 6.89 0.06
C2 BME Q . -15.90 6.87 1.59
O1 BME Q . -14.66 7.21 -0.49
S2 BME Q . -17.59 6.76 2.22
S SO4 R . -11.32 -20.48 3.03
O1 SO4 R . -12.32 -19.52 3.51
O2 SO4 R . -11.86 -21.33 1.98
O3 SO4 R . -10.17 -19.74 2.52
O4 SO4 R . -10.92 -21.34 4.14
S SO4 S . -20.73 -39.20 -10.52
O1 SO4 S . -22.18 -39.41 -10.31
O2 SO4 S . -20.17 -40.33 -11.27
O3 SO4 S . -20.47 -37.94 -11.28
O4 SO4 S . -20.04 -39.10 -9.21
S SO4 T . -40.67 -43.55 13.86
O1 SO4 T . -41.53 -42.37 13.71
O2 SO4 T . -41.00 -44.54 12.84
O3 SO4 T . -39.28 -43.11 13.75
O4 SO4 T . -40.86 -44.15 15.18
C1 GOL U . -6.80 -43.04 4.15
O1 GOL U . -7.58 -42.81 5.30
C2 GOL U . -6.41 -44.51 3.91
O2 GOL U . -5.32 -44.51 2.97
C3 GOL U . -7.46 -45.27 3.15
O3 GOL U . -8.20 -44.51 2.18
C1 GOL V . -41.71 -20.12 6.44
O1 GOL V . -41.99 -21.51 6.29
C2 GOL V . -40.21 -19.95 6.60
O2 GOL V . -39.65 -21.21 6.87
C3 GOL V . -39.73 -19.44 5.27
O3 GOL V . -38.57 -18.68 5.50
C1 GOL W . -44.79 -30.16 -8.17
O1 GOL W . -46.02 -29.62 -7.73
C2 GOL W . -44.52 -29.86 -9.66
O2 GOL W . -43.14 -29.94 -9.95
C3 GOL W . -45.00 -28.48 -10.09
O3 GOL W . -44.04 -27.81 -10.89
C ACT X . -9.39 -23.47 7.19
O ACT X . -10.50 -23.83 7.63
OXT ACT X . -9.41 -22.45 6.46
CH3 ACT X . -8.13 -24.22 7.47
C ACT Y . -22.43 -39.07 -6.07
O ACT Y . -22.85 -39.66 -7.09
OXT ACT Y . -21.21 -38.75 -6.08
CH3 ACT Y . -23.33 -38.73 -4.90
C1 GOL Z . -41.93 -24.37 3.85
O1 GOL Z . -42.70 -23.93 4.94
C2 GOL Z . -40.70 -23.51 3.78
O2 GOL Z . -40.11 -23.51 5.06
C3 GOL Z . -39.73 -24.06 2.75
O3 GOL Z . -38.47 -24.25 3.35
C ACT AA . -34.57 -40.31 20.73
O ACT AA . -34.91 -41.19 19.90
OXT ACT AA . -33.34 -40.11 20.84
CH3 ACT AA . -35.58 -39.55 21.54
C ACT BA . -30.73 -38.56 18.48
O ACT BA . -30.74 -37.33 18.66
OXT ACT BA . -31.42 -38.94 17.51
CH3 ACT BA . -29.96 -39.51 19.37
C1 GOL CA . -45.24 -28.15 7.95
O1 GOL CA . -46.41 -28.93 7.83
C2 GOL CA . -45.46 -26.76 8.55
O2 GOL CA . -45.59 -25.85 7.47
C3 GOL CA . -44.27 -26.34 9.42
O3 GOL CA . -44.61 -25.44 10.45
C PYR DA . -23.22 -54.00 8.95
O PYR DA . -24.46 -53.54 8.87
OXT PYR DA . -22.33 -53.39 9.69
CA PYR DA . -22.84 -55.17 8.29
O3 PYR DA . -21.89 -55.89 8.82
CB PYR DA . -23.49 -55.64 7.02
C1 GOL EA . -28.88 -32.50 1.23
O1 GOL EA . -27.92 -32.37 2.21
C2 GOL EA . -28.20 -33.30 0.17
O2 GOL EA . -28.68 -34.65 0.25
C3 GOL EA . -28.71 -32.59 -1.06
O3 GOL EA . -27.80 -32.77 -2.12
S SO4 FA . 0.38 17.35 7.49
O1 SO4 FA . -0.62 17.93 8.38
O2 SO4 FA . 0.73 15.93 7.84
O3 SO4 FA . -0.14 17.39 6.09
O4 SO4 FA . 1.57 18.20 7.71
S SO4 GA . -11.23 16.67 -12.85
O1 SO4 GA . -12.45 17.50 -12.84
O2 SO4 GA . -11.62 15.27 -12.71
O3 SO4 GA . -10.52 16.88 -14.13
O4 SO4 GA . -10.36 17.03 -11.72
S SO4 HA . -19.50 40.29 10.97
O1 SO4 HA . -20.73 40.92 11.44
O2 SO4 HA . -19.71 38.85 10.96
O3 SO4 HA . -19.23 40.77 9.61
O4 SO4 HA . -18.38 40.63 11.87
C1 GOL IA . 3.33 13.85 5.85
O1 GOL IA . 2.52 12.96 6.58
C2 GOL IA . 4.76 13.34 5.74
O2 GOL IA . 4.85 12.53 4.57
C3 GOL IA . 5.18 12.55 6.97
O3 GOL IA . 5.84 11.36 6.57
C1 GOL JA . -8.25 0.37 16.54
O1 GOL JA . -9.44 0.23 17.30
C2 GOL JA . -7.23 -0.62 17.07
O2 GOL JA . -7.21 -0.52 18.47
C3 GOL JA . -5.87 -0.32 16.50
O3 GOL JA . -5.01 -1.43 16.67
C1 GOL KA . -20.62 11.73 -14.38
O1 GOL KA . -21.84 10.98 -14.35
C2 GOL KA . -19.98 11.83 -13.01
O2 GOL KA . -20.69 12.68 -12.14
C3 GOL KA . -18.52 12.24 -13.09
O3 GOL KA . -17.68 11.12 -12.95
C1 GOL LA . 10.08 11.59 0.63
O1 GOL LA . 9.56 12.21 -0.53
C2 GOL LA . 11.13 12.51 1.28
O2 GOL LA . 10.67 13.85 1.24
C3 GOL LA . 12.45 12.37 0.54
O3 GOL LA . 13.43 13.12 1.21
C ACT MA . -23.52 4.00 17.08
O ACT MA . -22.85 4.45 18.04
OXT ACT MA . -22.87 3.26 16.29
CH3 ACT MA . -24.98 4.28 16.84
C1 GOL NA . -7.48 21.25 14.85
O1 GOL NA . -6.52 20.60 14.06
C2 GOL NA . -8.85 21.18 14.21
O2 GOL NA . -8.80 21.88 12.99
C3 GOL NA . -9.86 21.85 15.12
O3 GOL NA . -11.14 21.29 14.87
S SO4 OA . -5.19 19.06 23.21
O1 SO4 OA . -5.44 20.47 23.55
O2 SO4 OA . -6.20 18.59 22.26
O3 SO4 OA . -3.87 18.94 22.63
O4 SO4 OA . -5.24 18.23 24.41
S SO4 PA . 11.08 1.29 43.36
O1 SO4 PA . 10.50 2.55 43.83
O2 SO4 PA . 10.22 0.20 43.77
O3 SO4 PA . 11.24 1.31 41.89
O4 SO4 PA . 12.41 1.09 43.97
C1 GOL QA . -6.39 20.37 37.37
O1 GOL QA . -7.37 19.37 37.14
C2 GOL QA . -6.15 21.06 36.03
O2 GOL QA . -6.89 22.26 35.90
C3 GOL QA . -4.66 21.28 35.76
O3 GOL QA . -4.23 20.17 34.97
C1 GOL RA . 10.90 10.76 7.66
O1 GOL RA . 11.98 10.56 8.50
C2 GOL RA . 10.46 9.41 7.21
O2 GOL RA . 11.12 9.36 5.97
C3 GOL RA . 8.94 9.37 7.05
O3 GOL RA . 8.62 8.45 6.03
C1 GOL SA . -9.19 -23.69 30.14
O1 GOL SA . -10.37 -22.93 30.03
C2 GOL SA . -9.05 -24.24 31.56
O2 GOL SA . -10.06 -25.21 31.79
C3 GOL SA . -7.66 -24.84 31.75
O3 GOL SA . -7.04 -24.28 32.89
C1 GOL TA . -1.95 6.29 25.78
O1 GOL TA . -2.93 7.30 25.71
C2 GOL TA . -0.90 6.72 26.77
O2 GOL TA . -1.19 8.07 27.13
C3 GOL TA . 0.48 6.56 26.12
O3 GOL TA . 1.16 7.80 26.06
CL CL UA . 18.21 2.11 37.69
CL CL VA . -19.38 -10.96 18.41
S SO4 WA . -4.42 0.24 -28.28
O1 SO4 WA . -3.93 1.55 -28.82
O2 SO4 WA . -5.11 -0.49 -29.36
O3 SO4 WA . -3.33 -0.60 -27.76
O4 SO4 WA . -5.39 0.50 -27.19
S SO4 XA . 13.47 -9.52 -10.45
O1 SO4 XA . 12.71 -8.97 -9.33
O2 SO4 XA . 12.67 -10.51 -11.18
O3 SO4 XA . 13.88 -8.44 -11.38
O4 SO4 XA . 14.64 -10.21 -9.87
S SO4 YA . 25.96 12.82 -44.30
O1 SO4 YA . 24.50 12.73 -44.30
O2 SO4 YA . 26.53 11.48 -44.13
O3 SO4 YA . 26.40 13.38 -45.57
O4 SO4 YA . 26.39 13.67 -43.19
C1 GOL ZA . 15.77 1.28 -16.25
O1 GOL ZA . 15.62 0.62 -15.01
C2 GOL ZA . 14.43 1.22 -17.00
O2 GOL ZA . 13.38 1.80 -16.24
C3 GOL ZA . 14.07 -0.20 -17.38
O3 GOL ZA . 14.49 -0.42 -18.71
C ACT AB . -1.85 -8.69 -26.22
O ACT AB . -1.09 -8.63 -25.22
OXT ACT AB . -2.29 -7.59 -26.63
CH3 ACT AB . -2.21 -10.01 -26.87
C ACT BB . 36.19 16.00 -14.67
O ACT BB . 35.56 15.64 -13.66
OXT ACT BB . 37.19 16.73 -14.42
CH3 ACT BB . 35.77 15.61 -16.04
C1 GOL CB . 2.61 12.06 -17.96
O1 GOL CB . 2.55 10.90 -17.15
C2 GOL CB . 2.89 13.30 -17.13
O2 GOL CB . 3.93 13.06 -16.21
C3 GOL CB . 3.50 14.32 -18.02
O3 GOL CB . 4.07 15.27 -17.16
C1 GOL DB . 26.69 13.38 -23.54
O1 GOL DB . 25.90 14.46 -23.17
C2 GOL DB . 26.32 12.13 -22.75
O2 GOL DB . 26.52 11.08 -23.67
C3 GOL DB . 27.33 11.98 -21.62
O3 GOL DB . 26.85 11.08 -20.65
CL CL EB . -6.00 -4.80 -31.25
S SO4 FB . 18.04 10.13 10.31
O1 SO4 FB . 18.02 11.07 11.47
O2 SO4 FB . 17.02 9.10 10.51
O3 SO4 FB . 17.66 10.84 9.09
O4 SO4 FB . 19.34 9.47 10.18
S SO4 GB . 51.95 19.06 8.51
O1 SO4 GB . 51.81 20.48 8.18
O2 SO4 GB . 51.17 18.26 7.56
O3 SO4 GB . 53.36 18.71 8.42
O4 SO4 GB . 51.47 18.85 9.87
C ACT HB . 34.69 14.97 -17.50
O ACT HB . 34.03 15.49 -16.57
OXT ACT HB . 34.01 14.59 -18.47
CH3 ACT HB . 36.17 14.83 -17.47
C1 GOL IB . 24.52 -2.85 -3.59
O1 GOL IB . 24.28 -1.70 -4.40
C2 GOL IB . 25.54 -3.82 -4.18
O2 GOL IB . 26.65 -3.13 -4.67
C3 GOL IB . 26.04 -4.80 -3.11
O3 GOL IB . 27.22 -4.33 -2.50
C1 GOL JB . 22.59 -0.70 -9.31
O1 GOL JB . 23.08 0.00 -8.18
C2 GOL JB . 23.10 -0.06 -10.60
O2 GOL JB . 24.50 0.07 -10.54
C3 GOL JB . 22.43 1.28 -10.84
O3 GOL JB . 21.06 1.05 -11.01
C1 GOL KB . 22.57 1.78 -4.22
O1 GOL KB . 22.54 2.87 -3.32
C2 GOL KB . 23.49 2.01 -5.42
O2 GOL KB . 24.63 2.77 -5.06
C3 GOL KB . 22.73 2.69 -6.56
O3 GOL KB . 23.23 2.30 -7.82
C1 GOL LB . 34.15 17.69 -6.37
O1 GOL LB . 33.20 18.69 -6.01
C2 GOL LB . 35.22 17.63 -5.29
O2 GOL LB . 34.62 17.93 -4.04
C3 GOL LB . 35.78 16.22 -5.19
O3 GOL LB . 35.45 15.63 -3.95
#